data_9UG6
#
_entry.id   9UG6
#
_cell.length_a   84.251
_cell.length_b   145.697
_cell.length_c   159.708
_cell.angle_alpha   90.00
_cell.angle_beta   90.00
_cell.angle_gamma   90.00
#
_symmetry.space_group_name_H-M   'P 21 21 21'
#
loop_
_entity.id
_entity.type
_entity.pdbx_description
1 polymer HA3
2 branched 'N-acetyl-alpha-neuraminic acid-(2-6)-alpha-D-glucopyranose'
3 non-polymer 'N-acetyl-alpha-neuraminic acid'
4 water water
#
_entity_poly.entity_id   1
_entity_poly.type   'polypeptide(L)'
_entity_poly.pdbx_seq_one_letter_code
;MASWSHPQFEKGALEVLFQGPGYQYSDTIDLADGNYVVSRGDGWILSRQNQILGGSVISNGSTGIVGDLRVNDNAIPYYY
PTPSFNEEYIKNNIQTVFANFTEANQIPIGFEFSKTAPSNKNLYMYLQYTYIRYEIIKVLQHEIIERAVLYVPSLGYVKS
IEFNPGEKINKDFYFLTNDKCILNEQFLYKKILETTKNIPTNNIFNSKVSSTQRVLPYSNGLYVINKGDGYIRTNDKDLI
GTLLIEAGSSGSIIQPRLRNTTRPLFTTSNDAKFSQQYTEERLKDAFNVQLFNTSTSLFKFVEEAPSNKNICIKAYNTYE
KYELIDYQNGSIVNKAEYYLPSLGYCEVTNAPSPESEVVKTQVAEDGFIQNGPEEEIVVGVIDPSENIQEINTAISDNYT
YNIPGIVNNNPFYILFTVNTTGIYKINAQNNLPSLKIYEAIGSGNRNFQSGNLCDDDIKAINYITGFDSPNAKSYLVVLL
NKDKNYYIRVPQTSSNIENQIKFKREEGDLRNLMNSSVNIIDNLNSTGAHYYTRQSPDVHDYISYEFTIPGNFNNKDTSN
IRLYTSYNQGIGTLFRVTETIDGYNLINIQQNLNLLNSTKSIRLLNGAIYILKVEVTELNNYNIKLHIDITN
;
_entity_poly.pdbx_strand_id   A,B,C
#
# COMPACT_ATOMS: atom_id res chain seq x y z
N ASP A 27 4.39 24.36 -12.53
CA ASP A 27 4.35 23.36 -13.64
C ASP A 27 3.65 22.08 -13.13
N THR A 28 3.58 21.06 -14.00
CA THR A 28 2.89 19.79 -13.77
C THR A 28 3.76 18.82 -12.98
N ILE A 29 3.14 18.07 -12.05
CA ILE A 29 3.92 17.17 -11.24
C ILE A 29 3.05 16.05 -10.65
N ASP A 30 3.54 14.82 -10.75
CA ASP A 30 2.75 13.68 -10.34
C ASP A 30 2.99 13.45 -8.84
N LEU A 31 2.36 14.27 -8.01
CA LEU A 31 2.54 14.17 -6.57
C LEU A 31 1.21 14.49 -5.93
N ALA A 32 0.97 13.89 -4.78
CA ALA A 32 -0.25 14.11 -4.05
C ALA A 32 -0.18 15.53 -3.53
N ASP A 33 -1.34 16.11 -3.21
CA ASP A 33 -1.37 17.47 -2.73
C ASP A 33 -0.58 17.57 -1.43
N GLY A 34 0.02 18.75 -1.16
CA GLY A 34 0.83 18.97 0.05
C GLY A 34 2.08 19.84 -0.20
N ASN A 35 2.93 19.99 0.82
CA ASN A 35 4.14 20.78 0.75
C ASN A 35 5.33 19.82 0.78
N TYR A 36 6.35 20.11 -0.05
CA TYR A 36 7.51 19.24 -0.23
C TYR A 36 8.80 20.04 -0.14
N VAL A 37 9.78 19.49 0.56
CA VAL A 37 11.16 19.96 0.45
C VAL A 37 11.78 19.23 -0.72
N VAL A 38 12.63 19.96 -1.48
CA VAL A 38 13.17 19.42 -2.73
C VAL A 38 14.62 19.86 -2.80
N SER A 39 15.52 18.89 -3.03
CA SER A 39 16.85 19.21 -3.48
C SER A 39 16.90 19.09 -5.00
N ARG A 40 17.29 20.16 -5.69
CA ARG A 40 17.47 20.10 -7.13
C ARG A 40 18.95 19.93 -7.48
N GLY A 41 19.77 19.60 -6.50
CA GLY A 41 21.15 19.21 -6.75
C GLY A 41 22.15 20.36 -6.61
N ASP A 42 23.42 19.97 -6.66
CA ASP A 42 24.58 20.84 -6.55
C ASP A 42 24.96 21.26 -7.97
N GLY A 43 25.83 22.25 -8.11
CA GLY A 43 26.36 22.68 -9.39
C GLY A 43 25.59 23.83 -10.03
N TRP A 44 24.75 24.51 -9.25
CA TRP A 44 24.00 25.66 -9.74
C TRP A 44 24.88 26.91 -9.71
N ILE A 45 24.85 27.69 -10.81
CA ILE A 45 25.51 28.98 -10.90
C ILE A 45 24.46 30.06 -11.15
N LEU A 46 24.77 31.28 -10.76
CA LEU A 46 23.75 32.30 -10.62
C LEU A 46 23.89 33.38 -11.70
N SER A 47 22.72 33.85 -12.13
CA SER A 47 22.58 34.92 -13.10
C SER A 47 23.52 36.08 -12.80
N ARG A 48 24.34 36.46 -13.79
CA ARG A 48 25.08 37.73 -13.84
C ARG A 48 26.40 37.69 -13.07
N GLN A 49 26.64 36.67 -12.25
CA GLN A 49 27.64 36.78 -11.20
C GLN A 49 28.90 36.06 -11.66
N ASN A 50 29.06 35.94 -12.97
CA ASN A 50 30.04 35.04 -13.55
C ASN A 50 31.48 35.43 -13.19
N GLN A 51 31.83 36.70 -13.35
CA GLN A 51 33.20 37.17 -13.41
C GLN A 51 33.59 38.02 -12.21
N ILE A 52 32.83 37.96 -11.13
CA ILE A 52 32.96 38.90 -10.04
C ILE A 52 34.16 38.57 -9.14
N LEU A 53 34.80 37.44 -9.37
CA LEU A 53 35.99 37.04 -8.66
C LEU A 53 37.24 37.25 -9.52
N GLY A 54 37.05 37.72 -10.74
CA GLY A 54 38.14 37.88 -11.68
C GLY A 54 38.50 36.56 -12.35
N GLY A 55 39.55 36.60 -13.16
CA GLY A 55 40.03 35.46 -13.92
C GLY A 55 41.50 35.58 -14.28
N SER A 56 42.06 34.52 -14.90
CA SER A 56 43.46 34.42 -15.26
C SER A 56 43.65 34.30 -16.77
N VAL A 57 44.79 34.82 -17.24
CA VAL A 57 45.17 34.64 -18.62
C VAL A 57 46.51 33.91 -18.64
N ILE A 58 46.51 32.69 -19.17
CA ILE A 58 47.75 31.91 -19.28
C ILE A 58 48.07 31.71 -20.76
N SER A 59 49.36 31.46 -21.02
CA SER A 59 49.83 31.41 -22.39
C SER A 59 50.83 30.28 -22.57
N ASN A 60 50.74 29.61 -23.72
CA ASN A 60 51.91 28.97 -24.31
C ASN A 60 52.43 27.85 -23.42
N GLY A 61 51.53 26.90 -23.13
CA GLY A 61 51.89 25.68 -22.43
C GLY A 61 51.92 25.84 -20.91
N SER A 62 51.85 27.07 -20.42
CA SER A 62 51.80 27.29 -18.98
C SER A 62 50.51 26.73 -18.36
N THR A 63 50.59 26.43 -17.06
CA THR A 63 49.43 26.04 -16.28
C THR A 63 49.03 27.17 -15.33
N GLY A 64 47.72 27.45 -15.28
CA GLY A 64 47.13 28.34 -14.30
C GLY A 64 46.32 27.54 -13.29
N ILE A 65 46.47 27.87 -12.01
CA ILE A 65 45.72 27.18 -10.97
C ILE A 65 44.97 28.21 -10.15
N VAL A 66 43.63 28.14 -10.21
CA VAL A 66 42.80 29.12 -9.54
C VAL A 66 41.99 28.38 -8.50
N GLY A 67 41.88 28.98 -7.32
CA GLY A 67 41.21 28.30 -6.23
C GLY A 67 40.57 29.27 -5.25
N ASP A 68 39.88 28.74 -4.24
CA ASP A 68 39.20 29.56 -3.28
C ASP A 68 38.88 28.72 -2.05
N LEU A 69 38.26 29.40 -1.09
CA LEU A 69 38.02 28.85 0.20
C LEU A 69 36.67 29.33 0.66
N ARG A 70 35.67 28.44 0.74
CA ARG A 70 34.34 28.78 1.23
C ARG A 70 34.40 28.92 2.75
N VAL A 71 34.21 30.15 3.23
CA VAL A 71 34.26 30.46 4.67
C VAL A 71 33.10 31.37 5.07
N ASN A 72 32.98 31.71 6.34
CA ASN A 72 31.94 32.56 6.94
C ASN A 72 31.38 33.61 6.00
N ASP A 73 32.22 34.49 5.45
CA ASP A 73 31.72 35.73 4.88
C ASP A 73 31.45 35.62 3.40
N ASN A 74 32.15 34.73 2.69
CA ASN A 74 31.86 34.54 1.27
C ASN A 74 30.91 33.34 1.05
N ALA A 75 30.23 32.85 2.08
CA ALA A 75 29.37 31.68 1.95
C ALA A 75 27.98 32.08 2.45
N ILE A 76 27.35 32.95 1.67
CA ILE A 76 26.07 33.56 2.02
C ILE A 76 24.99 32.78 1.30
N PRO A 77 23.99 32.20 2.00
CA PRO A 77 22.81 31.64 1.35
C PRO A 77 21.84 32.73 0.92
N TYR A 78 21.20 32.53 -0.22
CA TYR A 78 20.26 33.44 -0.83
C TYR A 78 18.88 32.75 -0.80
N TYR A 79 17.96 33.39 -0.07
CA TYR A 79 16.62 32.90 0.16
C TYR A 79 15.67 33.66 -0.75
N TYR A 80 14.68 32.95 -1.31
CA TYR A 80 13.67 33.49 -2.20
C TYR A 80 12.34 32.97 -1.70
N PRO A 81 11.81 33.57 -0.62
CA PRO A 81 10.62 33.07 0.05
C PRO A 81 9.34 33.41 -0.68
N THR A 82 8.25 32.78 -0.21
CA THR A 82 6.90 32.97 -0.72
C THR A 82 5.98 33.03 0.49
N PRO A 83 4.76 33.59 0.36
CA PRO A 83 3.86 33.75 1.52
C PRO A 83 3.70 32.51 2.41
N SER A 84 3.71 31.29 1.87
CA SER A 84 3.55 30.13 2.76
C SER A 84 4.89 29.71 3.36
N PHE A 85 5.99 30.09 2.74
CA PHE A 85 7.29 29.55 3.11
C PHE A 85 8.29 30.65 3.38
N ASN A 86 8.42 31.04 4.64
CA ASN A 86 9.36 32.10 4.94
C ASN A 86 10.74 31.49 5.21
N GLU A 87 11.70 32.40 5.37
CA GLU A 87 13.09 32.05 5.56
C GLU A 87 13.27 30.94 6.58
N GLU A 88 12.59 31.11 7.72
CA GLU A 88 12.77 30.21 8.84
C GLU A 88 12.24 28.82 8.49
N TYR A 89 11.03 28.80 7.93
CA TYR A 89 10.40 27.55 7.52
C TYR A 89 11.29 26.82 6.51
N ILE A 90 11.95 27.57 5.62
CA ILE A 90 12.76 27.01 4.55
C ILE A 90 14.00 26.36 5.14
N LYS A 91 14.68 27.12 5.99
CA LYS A 91 15.91 26.72 6.62
C LYS A 91 15.66 25.45 7.42
N ASN A 92 14.61 25.48 8.21
CA ASN A 92 14.34 24.38 9.12
C ASN A 92 14.04 23.11 8.32
N ASN A 93 13.18 23.23 7.32
CA ASN A 93 12.77 22.05 6.55
C ASN A 93 13.91 21.52 5.69
N ILE A 94 14.81 22.38 5.22
CA ILE A 94 15.92 21.90 4.45
C ILE A 94 16.97 21.26 5.35
N GLN A 95 17.29 21.92 6.47
CA GLN A 95 18.29 21.43 7.41
C GLN A 95 17.85 20.14 8.11
N THR A 96 16.54 19.91 8.22
CA THR A 96 16.04 18.71 8.85
C THR A 96 16.34 17.51 7.93
N VAL A 97 16.15 17.68 6.62
CA VAL A 97 16.21 16.56 5.68
C VAL A 97 17.57 16.50 5.01
N PHE A 98 18.06 17.66 4.57
CA PHE A 98 19.32 17.77 3.84
C PHE A 98 20.46 18.27 4.73
N ALA A 99 21.59 18.62 4.09
CA ALA A 99 22.81 19.02 4.77
C ALA A 99 22.54 20.27 5.62
N ASN A 100 22.95 20.21 6.89
CA ASN A 100 22.88 21.34 7.77
C ASN A 100 24.00 22.29 7.36
N PHE A 101 23.67 23.32 6.59
CA PHE A 101 24.68 24.21 6.04
C PHE A 101 25.11 25.25 7.09
N THR A 102 24.36 25.46 8.16
CA THR A 102 24.77 26.37 9.21
C THR A 102 25.94 25.79 10.01
N GLU A 103 25.86 24.52 10.42
CA GLU A 103 26.96 23.93 11.18
C GLU A 103 28.17 23.76 10.27
N ALA A 104 27.92 23.58 8.95
CA ALA A 104 28.98 23.29 7.99
C ALA A 104 29.81 24.54 7.62
N ASN A 105 29.32 25.76 7.91
CA ASN A 105 29.84 26.98 7.29
C ASN A 105 30.92 27.67 8.11
N GLN A 106 31.30 27.15 9.29
CA GLN A 106 32.38 27.73 10.08
C GLN A 106 33.73 27.11 9.74
N ILE A 107 33.70 25.97 9.02
CA ILE A 107 34.89 25.21 8.66
C ILE A 107 35.28 25.56 7.23
N PRO A 108 36.42 26.25 7.01
CA PRO A 108 36.87 26.53 5.66
C PRO A 108 37.08 25.21 4.88
N ILE A 109 36.46 25.12 3.71
CA ILE A 109 36.72 24.10 2.73
C ILE A 109 37.25 24.78 1.47
N GLY A 110 38.37 24.24 0.99
CA GLY A 110 39.02 24.77 -0.17
C GLY A 110 38.71 23.97 -1.42
N PHE A 111 39.04 24.58 -2.55
CA PHE A 111 38.87 23.98 -3.86
C PHE A 111 39.80 24.69 -4.83
N GLU A 112 40.21 23.98 -5.87
CA GLU A 112 41.07 24.60 -6.84
C GLU A 112 40.92 23.87 -8.15
N PHE A 113 41.17 24.64 -9.21
CA PHE A 113 41.10 24.14 -10.56
C PHE A 113 42.39 24.49 -11.29
N SER A 114 42.81 23.59 -12.16
CA SER A 114 44.05 23.72 -12.91
C SER A 114 43.74 23.63 -14.41
N LYS A 115 44.25 24.58 -15.18
CA LYS A 115 44.12 24.50 -16.64
C LYS A 115 45.49 24.73 -17.26
N THR A 116 45.83 23.94 -18.28
CA THR A 116 47.02 24.19 -19.09
C THR A 116 46.63 24.85 -20.42
N ALA A 117 47.38 25.89 -20.83
CA ALA A 117 47.14 26.55 -22.11
C ALA A 117 47.75 25.75 -23.25
N PRO A 118 47.20 25.78 -24.49
CA PRO A 118 47.87 25.15 -25.62
C PRO A 118 49.22 25.79 -25.90
N SER A 119 50.08 25.12 -26.67
CA SER A 119 51.45 25.59 -26.80
C SER A 119 51.58 26.87 -27.63
N ASN A 120 50.60 27.26 -28.44
CA ASN A 120 50.80 28.55 -29.10
C ASN A 120 49.54 29.43 -29.02
N LYS A 121 48.74 29.27 -27.94
CA LYS A 121 47.45 29.95 -27.78
C LYS A 121 47.40 30.56 -26.36
N ASN A 122 46.47 31.49 -26.13
CA ASN A 122 46.20 31.99 -24.78
C ASN A 122 44.88 31.39 -24.29
N LEU A 123 44.79 31.13 -22.96
CA LEU A 123 43.58 30.64 -22.32
C LEU A 123 43.12 31.66 -21.27
N TYR A 124 41.81 31.92 -21.26
CA TYR A 124 41.20 32.75 -20.23
C TYR A 124 40.36 31.83 -19.39
N MET A 125 40.57 31.82 -18.07
CA MET A 125 39.80 30.97 -17.17
C MET A 125 39.22 31.89 -16.10
N TYR A 126 37.95 31.69 -15.75
CA TYR A 126 37.37 32.47 -14.69
C TYR A 126 36.58 31.58 -13.73
N LEU A 127 36.37 32.13 -12.54
CA LEU A 127 35.93 31.42 -11.37
C LEU A 127 34.57 31.95 -10.94
N GLN A 128 33.67 30.99 -10.64
CA GLN A 128 32.33 31.27 -10.19
C GLN A 128 31.98 30.36 -8.99
N TYR A 129 31.25 30.88 -8.00
CA TYR A 129 30.74 30.05 -6.92
C TYR A 129 29.57 29.20 -7.42
N THR A 130 29.52 27.94 -6.96
CA THR A 130 28.39 27.09 -7.24
C THR A 130 27.57 26.95 -5.98
N TYR A 131 26.36 26.43 -6.16
CA TYR A 131 25.40 26.32 -5.08
C TYR A 131 24.58 25.07 -5.29
N ILE A 132 23.98 24.65 -4.18
CA ILE A 132 22.91 23.68 -4.19
C ILE A 132 21.61 24.47 -4.22
N ARG A 133 20.70 24.05 -5.11
CA ARG A 133 19.36 24.61 -5.16
C ARG A 133 18.42 23.71 -4.36
N TYR A 134 17.79 24.32 -3.37
CA TYR A 134 16.72 23.71 -2.63
C TYR A 134 15.44 24.46 -2.95
N GLU A 135 14.32 23.76 -2.83
CA GLU A 135 13.01 24.36 -3.06
C GLU A 135 12.04 23.81 -2.04
N ILE A 136 11.05 24.65 -1.71
CA ILE A 136 9.84 24.25 -1.03
C ILE A 136 8.67 24.50 -1.95
N ILE A 137 7.90 23.46 -2.24
CA ILE A 137 6.81 23.57 -3.22
C ILE A 137 5.48 23.17 -2.60
N LYS A 138 4.41 23.88 -3.00
CA LYS A 138 3.03 23.53 -2.71
C LYS A 138 2.41 22.89 -3.96
N VAL A 139 1.90 21.68 -3.81
CA VAL A 139 1.25 20.94 -4.90
C VAL A 139 -0.23 20.83 -4.59
N LEU A 140 -1.08 21.45 -5.43
CA LEU A 140 -2.51 21.20 -5.51
C LEU A 140 -2.95 20.78 -6.92
N GLN A 141 -3.56 19.59 -7.03
CA GLN A 141 -4.12 19.11 -8.30
C GLN A 141 -3.01 18.91 -9.33
N HIS A 142 -1.88 18.37 -8.85
CA HIS A 142 -0.74 17.99 -9.69
C HIS A 142 -0.07 19.21 -10.32
N GLU A 143 -0.30 20.36 -9.69
CA GLU A 143 0.27 21.62 -10.11
C GLU A 143 1.04 22.22 -8.95
N ILE A 144 2.22 22.78 -9.24
CA ILE A 144 2.99 23.53 -8.26
C ILE A 144 2.45 24.95 -8.26
N ILE A 145 1.84 25.37 -7.15
CA ILE A 145 1.16 26.67 -7.12
C ILE A 145 1.96 27.70 -6.33
N GLU A 146 3.05 27.25 -5.73
CA GLU A 146 3.97 28.12 -5.02
C GLU A 146 5.30 27.37 -4.89
N ARG A 147 6.42 28.10 -5.06
CA ARG A 147 7.76 27.57 -4.95
C ARG A 147 8.66 28.59 -4.29
N ALA A 148 9.31 28.21 -3.19
CA ALA A 148 10.34 29.00 -2.55
C ALA A 148 11.70 28.40 -2.93
N VAL A 149 12.74 29.24 -2.99
CA VAL A 149 14.02 28.75 -3.45
C VAL A 149 15.05 29.18 -2.42
N LEU A 150 16.01 28.30 -2.13
CA LEU A 150 17.15 28.63 -1.31
C LEU A 150 18.40 28.14 -2.01
N TYR A 151 19.39 29.02 -2.17
CA TYR A 151 20.65 28.63 -2.76
C TYR A 151 21.67 28.55 -1.64
N VAL A 152 22.26 27.38 -1.44
CA VAL A 152 23.25 27.15 -0.41
C VAL A 152 24.64 27.08 -1.04
N PRO A 153 25.59 27.93 -0.61
CA PRO A 153 26.96 27.86 -1.12
C PRO A 153 27.57 26.47 -0.99
N SER A 154 28.22 26.05 -2.07
CA SER A 154 28.83 24.74 -2.23
C SER A 154 30.34 24.87 -2.48
N LEU A 155 30.80 24.77 -3.74
CA LEU A 155 32.26 24.79 -4.06
C LEU A 155 32.48 25.84 -5.15
N GLY A 156 32.69 25.43 -6.40
CA GLY A 156 32.96 26.40 -7.48
C GLY A 156 33.08 25.76 -8.84
N TYR A 157 33.27 26.57 -9.88
CA TYR A 157 33.37 26.14 -11.26
C TYR A 157 34.22 27.15 -12.03
N VAL A 158 35.08 26.62 -12.90
CA VAL A 158 35.93 27.41 -13.78
C VAL A 158 35.40 27.21 -15.19
N LYS A 159 35.33 28.32 -15.90
CA LYS A 159 35.02 28.29 -17.31
C LYS A 159 36.23 28.87 -18.03
N SER A 160 36.65 28.21 -19.10
CA SER A 160 37.78 28.71 -19.85
C SER A 160 37.45 28.76 -21.34
N ILE A 161 38.17 29.62 -22.04
CA ILE A 161 38.15 29.63 -23.48
C ILE A 161 39.53 30.00 -24.02
N GLU A 162 39.87 29.40 -25.16
CA GLU A 162 41.05 29.71 -25.97
C GLU A 162 40.72 30.89 -26.88
N PHE A 163 41.68 31.81 -27.02
CA PHE A 163 41.45 33.05 -27.74
C PHE A 163 42.76 33.53 -28.34
N ASN A 164 42.59 34.36 -29.38
CA ASN A 164 43.67 35.04 -30.08
C ASN A 164 43.32 36.50 -30.03
N PRO A 165 44.30 37.40 -30.20
CA PRO A 165 43.93 38.80 -30.30
C PRO A 165 42.85 38.95 -31.39
N GLY A 166 41.96 39.91 -31.15
CA GLY A 166 40.89 40.21 -32.08
C GLY A 166 39.59 39.49 -31.72
N GLU A 167 39.69 38.19 -31.40
CA GLU A 167 38.54 37.29 -31.54
C GLU A 167 37.33 37.84 -30.77
N LYS A 168 36.18 37.90 -31.47
CA LYS A 168 34.88 38.21 -30.90
C LYS A 168 34.40 36.95 -30.17
N ILE A 169 34.16 37.08 -28.85
CA ILE A 169 33.75 35.98 -27.99
C ILE A 169 32.27 36.19 -27.68
N ASN A 170 31.45 35.15 -27.80
CA ASN A 170 30.02 35.22 -27.48
C ASN A 170 29.82 35.73 -26.06
N LYS A 171 28.83 36.64 -25.93
CA LYS A 171 28.48 37.29 -24.68
C LYS A 171 28.21 36.24 -23.62
N ASP A 172 27.64 35.10 -24.03
CA ASP A 172 27.17 34.07 -23.12
C ASP A 172 28.32 33.26 -22.51
N PHE A 173 29.53 33.38 -23.05
CA PHE A 173 30.68 32.78 -22.40
C PHE A 173 30.94 33.51 -21.07
N TYR A 174 30.61 34.81 -21.03
CA TYR A 174 30.99 35.69 -19.94
C TYR A 174 29.83 35.96 -19.02
N PHE A 175 28.60 35.89 -19.55
CA PHE A 175 27.43 36.42 -18.83
C PHE A 175 26.23 35.48 -18.92
N LEU A 176 25.78 35.01 -17.76
CA LEU A 176 24.65 34.12 -17.64
C LEU A 176 23.39 34.92 -17.39
N THR A 177 22.38 34.74 -18.25
CA THR A 177 21.16 35.52 -18.16
C THR A 177 20.18 34.84 -17.18
N ASN A 178 20.21 33.49 -17.07
CA ASN A 178 19.32 32.76 -16.18
C ASN A 178 20.07 31.69 -15.39
N ASP A 179 19.68 31.54 -14.12
CA ASP A 179 20.33 30.57 -13.25
C ASP A 179 20.34 29.22 -13.94
N LYS A 180 21.34 28.37 -13.74
CA LYS A 180 21.27 27.02 -14.26
C LYS A 180 22.26 26.11 -13.52
N CYS A 181 22.04 24.79 -13.67
CA CYS A 181 22.92 23.77 -13.14
C CYS A 181 23.94 23.39 -14.21
N ILE A 182 25.23 23.36 -13.84
CA ILE A 182 26.31 22.94 -14.72
C ILE A 182 26.45 21.42 -14.71
N LEU A 183 25.75 20.76 -13.80
CA LEU A 183 25.63 19.32 -13.80
C LEU A 183 24.20 18.97 -14.19
N ASN A 184 23.91 17.67 -14.16
CA ASN A 184 22.54 17.19 -14.27
C ASN A 184 21.77 17.65 -13.03
N GLU A 185 20.62 18.30 -13.23
CA GLU A 185 19.69 18.61 -12.16
C GLU A 185 19.16 17.31 -11.56
N GLN A 186 18.73 17.38 -10.30
CA GLN A 186 18.02 16.29 -9.63
C GLN A 186 16.73 16.90 -9.11
N PHE A 187 15.79 16.03 -8.68
CA PHE A 187 14.54 16.42 -8.04
C PHE A 187 14.30 15.35 -6.97
N LEU A 188 14.91 15.58 -5.81
CA LEU A 188 14.86 14.68 -4.67
C LEU A 188 13.99 15.32 -3.58
N TYR A 189 12.86 14.69 -3.24
CA TYR A 189 11.84 15.38 -2.49
C TYR A 189 11.42 14.61 -1.25
N LYS A 190 10.82 15.34 -0.31
CA LYS A 190 10.16 14.77 0.85
C LYS A 190 8.92 15.60 1.18
N LYS A 191 7.80 14.90 1.41
CA LYS A 191 6.59 15.50 1.88
C LYS A 191 6.82 16.02 3.29
N ILE A 192 6.44 17.28 3.53
CA ILE A 192 6.56 17.92 4.83
C ILE A 192 5.26 17.70 5.59
N LEU A 193 5.33 17.21 6.83
CA LEU A 193 4.13 16.92 7.63
C LEU A 193 3.85 18.02 8.66
N GLU A 194 2.56 18.12 9.07
CA GLU A 194 2.06 18.77 10.28
C GLU A 194 1.92 20.28 10.02
N ARG A 214 22.83 -14.67 16.72
CA ARG A 214 24.29 -14.70 17.01
C ARG A 214 24.52 -14.67 18.52
N VAL A 215 25.13 -15.76 19.00
CA VAL A 215 25.55 -15.88 20.38
C VAL A 215 26.90 -15.21 20.55
N LEU A 216 26.97 -14.28 21.50
CA LEU A 216 28.18 -13.52 21.78
C LEU A 216 28.62 -13.93 23.18
N PRO A 217 29.64 -14.82 23.28
CA PRO A 217 30.05 -15.39 24.54
C PRO A 217 31.04 -14.47 25.26
N TYR A 218 30.70 -13.19 25.28
CA TYR A 218 31.51 -12.18 25.92
C TYR A 218 31.24 -12.25 27.41
N SER A 219 32.32 -12.17 28.21
CA SER A 219 32.25 -12.00 29.64
C SER A 219 31.55 -10.70 30.00
N ASN A 220 30.93 -10.64 31.18
CA ASN A 220 30.21 -9.44 31.60
C ASN A 220 31.20 -8.30 31.72
N GLY A 221 30.81 -7.11 31.26
CA GLY A 221 31.73 -5.99 31.27
C GLY A 221 31.48 -5.02 30.11
N LEU A 222 32.45 -4.13 29.90
CA LEU A 222 32.38 -3.01 28.97
C LEU A 222 33.23 -3.31 27.73
N TYR A 223 32.68 -2.98 26.56
CA TYR A 223 33.32 -3.23 25.29
C TYR A 223 33.18 -1.99 24.40
N VAL A 224 34.29 -1.69 23.72
CA VAL A 224 34.28 -0.67 22.67
C VAL A 224 34.55 -1.39 21.35
N ILE A 225 33.67 -1.21 20.37
CA ILE A 225 33.81 -1.88 19.10
C ILE A 225 34.05 -0.88 17.99
N ASN A 226 35.14 -1.03 17.27
CA ASN A 226 35.33 -0.32 16.02
C ASN A 226 34.49 -1.03 14.95
N LYS A 227 33.45 -0.33 14.46
CA LYS A 227 32.58 -0.86 13.43
C LYS A 227 32.91 -0.31 12.05
N GLY A 228 34.08 0.29 11.86
CA GLY A 228 34.57 0.66 10.54
C GLY A 228 34.43 2.14 10.18
N ASP A 229 34.98 2.47 9.00
CA ASP A 229 35.22 3.83 8.55
C ASP A 229 34.39 4.13 7.30
N GLY A 230 34.36 5.40 6.91
CA GLY A 230 33.72 5.83 5.68
C GLY A 230 32.20 5.91 5.80
N TYR A 231 31.68 6.07 7.03
CA TYR A 231 30.26 6.28 7.28
C TYR A 231 29.91 7.73 6.90
N ILE A 232 28.84 7.86 6.10
CA ILE A 232 28.19 9.13 5.81
C ILE A 232 26.70 9.01 6.17
N ARG A 233 26.03 10.13 6.41
CA ARG A 233 24.59 10.08 6.61
C ARG A 233 23.95 10.06 5.24
N THR A 234 22.68 9.63 5.19
CA THR A 234 21.89 9.64 3.96
C THR A 234 21.59 11.06 3.50
N ASN A 235 21.17 11.18 2.23
CA ASN A 235 20.57 12.38 1.66
C ASN A 235 21.57 13.53 1.63
N ASP A 236 22.85 13.21 1.46
CA ASP A 236 23.91 14.19 1.25
C ASP A 236 24.12 15.09 2.45
N LYS A 237 23.79 14.61 3.66
CA LYS A 237 23.90 15.44 4.84
C LYS A 237 25.37 15.69 5.14
N ASP A 238 26.26 14.85 4.63
CA ASP A 238 27.67 15.01 4.85
C ASP A 238 28.40 15.40 3.55
N LEU A 239 27.65 15.83 2.53
CA LEU A 239 28.26 16.26 1.28
C LEU A 239 29.01 17.59 1.51
N ILE A 240 30.31 17.57 1.22
CA ILE A 240 31.17 18.74 1.20
C ILE A 240 30.84 19.55 -0.05
N GLY A 241 31.04 18.95 -1.24
CA GLY A 241 30.57 19.55 -2.49
C GLY A 241 30.93 18.72 -3.73
N THR A 242 30.57 19.29 -4.89
CA THR A 242 30.78 18.63 -6.16
C THR A 242 31.51 19.57 -7.11
N LEU A 243 32.57 19.06 -7.74
CA LEU A 243 33.24 19.79 -8.79
C LEU A 243 32.98 19.09 -10.13
N LEU A 244 32.75 19.91 -11.14
CA LEU A 244 32.76 19.46 -12.51
C LEU A 244 34.16 19.73 -13.02
N ILE A 245 34.84 18.66 -13.42
CA ILE A 245 36.18 18.76 -13.93
C ILE A 245 36.19 18.40 -15.40
N GLU A 246 36.29 19.41 -16.27
CA GLU A 246 36.24 19.21 -17.71
C GLU A 246 37.51 18.49 -18.18
N ALA A 247 37.40 17.89 -19.39
CA ALA A 247 38.44 17.15 -20.09
C ALA A 247 39.77 17.88 -20.03
N GLY A 248 40.81 17.16 -19.60
CA GLY A 248 42.17 17.68 -19.64
C GLY A 248 42.36 18.83 -18.66
N SER A 249 41.54 18.90 -17.62
CA SER A 249 41.80 19.86 -16.55
C SER A 249 41.89 19.09 -15.23
N SER A 250 42.26 19.77 -14.17
CA SER A 250 42.33 19.18 -12.85
C SER A 250 41.47 19.97 -11.86
N GLY A 251 41.03 19.28 -10.80
CA GLY A 251 40.15 19.84 -9.78
C GLY A 251 40.45 19.18 -8.44
N SER A 252 40.33 19.95 -7.36
CA SER A 252 40.62 19.51 -6.01
C SER A 252 39.56 20.05 -5.05
N ILE A 253 39.12 19.17 -4.16
CA ILE A 253 38.39 19.53 -2.97
C ILE A 253 39.28 19.27 -1.76
N ILE A 254 39.33 20.21 -0.82
CA ILE A 254 40.40 20.28 0.17
C ILE A 254 39.82 20.55 1.55
N GLN A 255 40.32 19.83 2.54
CA GLN A 255 40.16 20.15 3.96
C GLN A 255 41.53 20.57 4.48
N PRO A 256 41.85 21.89 4.51
CA PRO A 256 43.18 22.34 4.92
C PRO A 256 43.37 22.55 6.43
N ARG A 257 42.34 22.26 7.22
CA ARG A 257 42.36 22.45 8.66
C ARG A 257 42.74 23.89 8.96
N LEU A 258 42.13 24.85 8.26
CA LEU A 258 42.33 26.23 8.64
C LEU A 258 41.75 26.45 10.05
N ARG A 259 40.65 25.76 10.32
CA ARG A 259 40.20 25.52 11.68
C ARG A 259 40.32 24.02 11.95
N ASN A 260 40.51 23.70 13.23
CA ASN A 260 40.71 22.34 13.64
C ASN A 260 39.41 21.69 14.08
N THR A 261 38.33 22.46 14.18
CA THR A 261 37.06 21.98 14.73
C THR A 261 36.53 20.82 13.88
N THR A 262 36.18 19.72 14.56
CA THR A 262 35.42 18.61 13.97
C THR A 262 34.16 18.44 14.80
N ARG A 263 33.17 17.75 14.20
CA ARG A 263 31.83 17.61 14.74
C ARG A 263 31.47 16.12 14.89
N PRO A 264 31.82 15.45 16.02
CA PRO A 264 31.38 14.07 16.21
C PRO A 264 29.87 13.94 16.37
N LEU A 265 29.35 12.76 16.01
CA LEU A 265 27.93 12.46 16.19
C LEU A 265 27.82 11.36 17.26
N PHE A 266 26.91 11.61 18.20
CA PHE A 266 26.78 10.85 19.42
C PHE A 266 25.30 10.62 19.74
N THR A 267 24.97 9.35 20.00
CA THR A 267 23.74 8.92 20.65
C THR A 267 24.07 7.87 21.73
N THR A 268 23.11 7.70 22.65
CA THR A 268 23.30 6.86 23.83
C THR A 268 21.92 6.40 24.32
N SER A 269 21.87 5.12 24.70
CA SER A 269 20.71 4.52 25.32
C SER A 269 20.52 5.04 26.74
N ASN A 270 21.50 5.79 27.27
CA ASN A 270 21.46 6.22 28.66
C ASN A 270 22.53 7.26 28.96
N ASP A 271 22.10 8.51 29.14
CA ASP A 271 23.03 9.62 29.25
C ASP A 271 23.54 9.68 30.68
N ALA A 272 22.91 8.92 31.59
CA ALA A 272 23.38 8.91 32.96
C ALA A 272 24.62 8.03 33.09
N LYS A 273 24.63 6.86 32.46
CA LYS A 273 25.79 6.02 32.56
C LYS A 273 26.73 6.28 31.39
N PHE A 274 26.20 6.28 30.16
CA PHE A 274 27.01 6.44 28.96
C PHE A 274 26.74 7.82 28.37
N SER A 275 27.27 8.82 29.05
CA SER A 275 27.38 10.16 28.56
C SER A 275 28.45 10.24 27.47
N GLN A 276 28.48 11.40 26.78
CA GLN A 276 29.39 11.63 25.67
C GLN A 276 30.83 11.58 26.20
N GLN A 277 31.05 12.26 27.34
CA GLN A 277 32.36 12.31 27.97
C GLN A 277 32.80 10.92 28.42
N TYR A 278 31.89 10.17 29.07
CA TYR A 278 32.19 8.81 29.49
C TYR A 278 32.58 8.00 28.25
N THR A 279 31.82 8.15 27.15
CA THR A 279 32.10 7.38 25.97
C THR A 279 33.47 7.74 25.38
N GLU A 280 33.86 9.01 25.46
CA GLU A 280 35.16 9.44 24.92
C GLU A 280 36.31 8.82 25.72
N GLU A 281 36.17 8.79 27.06
CA GLU A 281 37.14 8.15 27.97
C GLU A 281 37.30 6.66 27.65
N ARG A 282 36.23 6.00 27.24
CA ARG A 282 36.28 4.57 26.96
C ARG A 282 36.98 4.31 25.62
N LEU A 283 36.77 5.22 24.66
CA LEU A 283 37.45 5.18 23.37
C LEU A 283 38.96 5.38 23.59
N LYS A 284 39.28 6.30 24.51
CA LYS A 284 40.64 6.50 24.98
C LYS A 284 41.22 5.22 25.58
N ASP A 285 40.45 4.54 26.46
CA ASP A 285 40.95 3.30 27.06
C ASP A 285 41.13 2.21 26.01
N ALA A 286 40.20 2.12 25.06
CA ALA A 286 40.24 1.03 24.11
C ALA A 286 41.35 1.21 23.05
N PHE A 287 41.40 2.42 22.46
CA PHE A 287 42.18 2.67 21.25
C PHE A 287 43.08 3.91 21.39
N ASN A 288 43.04 4.53 22.58
CA ASN A 288 43.89 5.65 22.93
C ASN A 288 43.51 6.83 22.03
N VAL A 289 42.23 6.92 21.67
CA VAL A 289 41.76 8.10 20.96
C VAL A 289 42.00 9.29 21.90
N GLN A 290 42.67 10.33 21.36
CA GLN A 290 43.04 11.50 22.17
C GLN A 290 42.26 12.74 21.72
N LEU A 291 41.93 12.88 20.42
CA LEU A 291 41.23 14.05 19.94
C LEU A 291 39.85 13.67 19.40
N PHE A 292 38.82 14.36 19.90
CA PHE A 292 37.47 13.94 19.61
C PHE A 292 36.84 14.92 18.65
N ASN A 293 36.94 16.20 19.01
CA ASN A 293 36.26 17.26 18.30
C ASN A 293 37.25 18.26 17.70
N THR A 294 38.53 17.85 17.58
CA THR A 294 39.54 18.58 16.80
C THR A 294 40.37 17.61 15.94
N SER A 295 41.02 18.15 14.91
CA SER A 295 41.93 17.36 14.09
C SER A 295 42.91 18.29 13.40
N THR A 296 44.16 17.81 13.28
CA THR A 296 45.20 18.45 12.48
C THR A 296 45.44 17.61 11.23
N SER A 297 44.66 16.54 11.05
CA SER A 297 44.90 15.60 9.97
C SER A 297 44.27 16.11 8.68
N LEU A 298 45.12 16.37 7.68
CA LEU A 298 44.66 16.96 6.43
C LEU A 298 44.17 15.87 5.48
N PHE A 299 43.12 16.22 4.71
CA PHE A 299 42.70 15.39 3.57
C PHE A 299 42.25 16.27 2.41
N LYS A 300 42.52 15.76 1.21
CA LYS A 300 42.01 16.33 -0.03
C LYS A 300 41.96 15.29 -1.14
N PHE A 301 41.13 15.59 -2.15
CA PHE A 301 40.88 14.72 -3.27
C PHE A 301 41.20 15.51 -4.51
N VAL A 302 41.99 14.88 -5.39
CA VAL A 302 42.51 15.49 -6.60
C VAL A 302 42.10 14.58 -7.75
N GLU A 303 41.60 15.19 -8.83
CA GLU A 303 41.13 14.46 -9.97
C GLU A 303 41.52 15.22 -11.24
N GLU A 304 42.27 14.50 -12.09
CA GLU A 304 42.64 14.94 -13.42
C GLU A 304 41.73 14.22 -14.41
N ALA A 305 40.99 15.01 -15.17
CA ALA A 305 40.06 14.48 -16.14
C ALA A 305 40.81 14.21 -17.45
N PRO A 306 40.73 12.99 -18.04
CA PRO A 306 41.41 12.76 -19.31
C PRO A 306 40.91 13.66 -20.44
N SER A 307 41.68 13.70 -21.53
CA SER A 307 41.15 14.13 -22.81
C SER A 307 39.78 13.48 -23.07
N ASN A 308 38.84 14.24 -23.63
CA ASN A 308 37.61 13.63 -24.12
C ASN A 308 36.84 12.89 -23.01
N LYS A 309 36.83 13.45 -21.78
CA LYS A 309 36.02 12.95 -20.67
C LYS A 309 35.81 14.08 -19.65
N ASN A 310 34.56 14.30 -19.27
CA ASN A 310 34.19 15.24 -18.22
C ASN A 310 33.85 14.43 -16.97
N ILE A 311 34.38 14.85 -15.80
CA ILE A 311 34.32 14.09 -14.56
C ILE A 311 33.54 14.85 -13.49
N CYS A 312 32.78 14.11 -12.68
CA CYS A 312 32.12 14.64 -11.49
C CYS A 312 32.78 14.01 -10.26
N ILE A 313 33.29 14.86 -9.36
CA ILE A 313 33.85 14.42 -8.08
C ILE A 313 32.94 14.94 -6.98
N LYS A 314 32.30 14.03 -6.21
CA LYS A 314 31.60 14.43 -4.99
C LYS A 314 32.46 14.05 -3.78
N ALA A 315 32.64 15.00 -2.87
CA ALA A 315 33.46 14.79 -1.69
C ALA A 315 32.55 14.89 -0.47
N TYR A 316 32.77 13.97 0.47
CA TYR A 316 31.96 13.83 1.67
C TYR A 316 32.87 13.81 2.88
N ASN A 317 32.41 14.45 3.96
CA ASN A 317 32.87 14.13 5.30
C ASN A 317 32.46 12.72 5.69
N THR A 318 33.26 12.10 6.52
CA THR A 318 32.99 10.76 6.99
C THR A 318 33.23 10.65 8.50
N TYR A 319 32.77 9.51 9.02
CA TYR A 319 33.00 9.13 10.39
C TYR A 319 33.47 7.68 10.46
N GLU A 320 34.14 7.41 11.57
CA GLU A 320 34.48 6.08 12.01
C GLU A 320 33.56 5.77 13.18
N LYS A 321 32.82 4.65 13.07
CA LYS A 321 31.75 4.30 14.00
C LYS A 321 32.26 3.38 15.10
N TYR A 322 32.11 3.84 16.35
CA TYR A 322 32.44 3.08 17.53
C TYR A 322 31.16 2.83 18.35
N GLU A 323 31.02 1.59 18.86
CA GLU A 323 29.97 1.22 19.80
C GLU A 323 30.58 1.00 21.17
N LEU A 324 29.99 1.63 22.19
CA LEU A 324 30.30 1.33 23.58
C LEU A 324 29.11 0.57 24.16
N ILE A 325 29.35 -0.71 24.55
CA ILE A 325 28.32 -1.59 25.07
C ILE A 325 28.66 -2.05 26.50
N ASP A 326 27.64 -2.03 27.36
CA ASP A 326 27.63 -2.71 28.65
C ASP A 326 27.00 -4.08 28.40
N TYR A 327 27.80 -5.15 28.45
CA TYR A 327 27.37 -6.49 28.10
C TYR A 327 27.24 -7.34 29.35
N GLN A 328 26.04 -7.88 29.60
CA GLN A 328 25.77 -8.65 30.81
C GLN A 328 24.90 -9.85 30.47
N ASN A 329 25.41 -11.04 30.76
CA ASN A 329 24.56 -12.21 30.71
C ASN A 329 23.93 -12.33 29.34
N GLY A 330 24.74 -12.14 28.30
CA GLY A 330 24.36 -12.50 26.94
C GLY A 330 23.60 -11.38 26.21
N SER A 331 23.44 -10.21 26.83
CA SER A 331 22.63 -9.13 26.27
C SER A 331 23.23 -7.74 26.52
N ILE A 332 22.82 -6.79 25.67
CA ILE A 332 23.19 -5.38 25.74
C ILE A 332 22.29 -4.65 26.72
N VAL A 333 22.88 -4.04 27.76
CA VAL A 333 22.17 -3.39 28.84
C VAL A 333 22.20 -1.86 28.68
N ASN A 334 23.27 -1.38 28.04
CA ASN A 334 23.45 0.01 27.70
C ASN A 334 24.35 0.04 26.45
N LYS A 335 24.04 0.96 25.53
CA LYS A 335 24.75 1.10 24.28
C LYS A 335 24.81 2.58 23.89
N ALA A 336 26.00 2.99 23.47
CA ALA A 336 26.24 4.32 22.92
C ALA A 336 26.93 4.14 21.57
N GLU A 337 26.54 4.97 20.61
CA GLU A 337 27.22 5.11 19.33
C GLU A 337 28.01 6.41 19.25
N TYR A 338 29.28 6.29 18.86
CA TYR A 338 30.13 7.46 18.70
C TYR A 338 30.73 7.46 17.29
N TYR A 339 30.33 8.46 16.53
CA TYR A 339 30.80 8.68 15.16
C TYR A 339 31.92 9.72 15.25
N LEU A 340 33.16 9.23 15.17
CA LEU A 340 34.36 10.06 15.26
C LEU A 340 34.62 10.67 13.88
N PRO A 341 34.84 12.00 13.76
CA PRO A 341 35.10 12.60 12.47
C PRO A 341 36.33 11.99 11.77
N SER A 342 36.21 11.71 10.48
CA SER A 342 37.24 10.95 9.80
C SER A 342 37.74 11.75 8.59
N LEU A 343 38.32 11.09 7.58
CA LEU A 343 39.09 11.81 6.58
C LEU A 343 38.53 11.61 5.17
N GLY A 344 37.22 11.41 5.06
CA GLY A 344 36.55 11.72 3.81
C GLY A 344 36.30 10.53 2.89
N TYR A 345 35.42 10.81 1.94
CA TYR A 345 34.96 9.88 0.91
C TYR A 345 34.76 10.70 -0.36
N CYS A 346 35.31 10.15 -1.45
CA CYS A 346 35.32 10.77 -2.75
C CYS A 346 34.68 9.83 -3.78
N GLU A 347 33.55 10.26 -4.34
CA GLU A 347 32.85 9.53 -5.39
C GLU A 347 33.16 10.21 -6.73
N VAL A 348 33.72 9.41 -7.65
CA VAL A 348 34.01 9.85 -9.00
C VAL A 348 33.08 9.21 -10.02
N THR A 349 32.30 10.03 -10.73
CA THR A 349 31.45 9.52 -11.78
C THR A 349 31.81 10.21 -13.09
N ASN A 350 31.44 9.59 -14.22
CA ASN A 350 31.43 10.27 -15.49
C ASN A 350 30.34 11.32 -15.37
N ALA A 351 30.64 12.51 -15.87
CA ALA A 351 29.78 13.66 -15.69
C ALA A 351 28.66 13.54 -16.73
N PRO A 352 27.41 13.24 -16.32
CA PRO A 352 26.35 13.13 -17.30
C PRO A 352 26.09 14.46 -18.02
N SER A 353 25.15 14.45 -18.96
CA SER A 353 24.76 15.71 -19.58
C SER A 353 24.18 16.67 -18.53
N PRO A 354 24.33 18.01 -18.68
CA PRO A 354 23.47 18.96 -17.98
C PRO A 354 21.99 18.90 -18.38
N GLU A 355 21.69 18.26 -19.54
CA GLU A 355 20.38 18.37 -20.15
C GLU A 355 19.51 17.12 -19.95
N SER A 356 20.03 16.00 -19.40
CA SER A 356 19.21 14.80 -19.38
C SER A 356 18.04 15.00 -18.42
N GLU A 357 16.99 14.18 -18.59
CA GLU A 357 15.71 14.48 -17.95
C GLU A 357 15.84 14.18 -16.47
N VAL A 358 15.07 14.88 -15.66
CA VAL A 358 15.24 14.78 -14.21
C VAL A 358 14.17 13.84 -13.69
N VAL A 359 14.57 12.78 -12.95
CA VAL A 359 13.68 11.82 -12.33
C VAL A 359 13.37 12.24 -10.89
N LYS A 360 12.09 12.48 -10.62
CA LYS A 360 11.64 12.76 -9.27
C LYS A 360 11.88 11.49 -8.46
N THR A 361 12.62 11.62 -7.35
CA THR A 361 13.00 10.53 -6.49
C THR A 361 12.69 10.88 -5.04
N GLN A 362 12.29 9.90 -4.23
CA GLN A 362 11.99 10.18 -2.84
C GLN A 362 13.28 10.08 -2.03
N VAL A 363 13.40 10.89 -0.98
CA VAL A 363 14.56 10.91 -0.12
C VAL A 363 14.59 9.56 0.62
N ALA A 364 15.79 9.10 0.98
CA ALA A 364 15.93 7.95 1.84
C ALA A 364 15.50 8.28 3.27
N GLU A 365 15.42 7.25 4.12
CA GLU A 365 15.19 7.46 5.54
C GLU A 365 16.50 7.95 6.14
N ASP A 366 16.39 8.75 7.21
CA ASP A 366 17.53 9.17 7.99
C ASP A 366 18.33 7.91 8.34
N GLY A 367 19.64 8.07 8.52
CA GLY A 367 20.53 6.94 8.76
C GLY A 367 21.89 7.14 8.10
N PHE A 368 22.64 6.03 8.05
CA PHE A 368 24.05 6.00 7.76
C PHE A 368 24.31 5.02 6.64
N ILE A 369 25.30 5.31 5.80
CA ILE A 369 25.74 4.41 4.74
C ILE A 369 27.23 4.23 4.99
N GLN A 370 27.73 3.00 4.95
CA GLN A 370 29.15 2.78 5.13
C GLN A 370 29.76 2.64 3.75
N ASN A 371 30.70 3.53 3.41
CA ASN A 371 31.43 3.49 2.15
C ASN A 371 32.85 2.95 2.31
N GLY A 372 33.29 2.74 3.55
CA GLY A 372 34.56 2.09 3.81
C GLY A 372 34.41 0.57 4.01
N PRO A 373 35.53 -0.16 4.18
CA PRO A 373 35.46 -1.61 4.31
C PRO A 373 34.80 -2.08 5.59
N GLU A 374 34.19 -3.27 5.58
CA GLU A 374 33.60 -3.83 6.78
C GLU A 374 34.68 -4.19 7.80
N GLU A 375 34.31 -4.05 9.06
CA GLU A 375 35.25 -3.98 10.15
C GLU A 375 34.49 -4.18 11.45
N GLU A 376 35.05 -5.01 12.33
CA GLU A 376 34.52 -5.15 13.67
C GLU A 376 35.67 -5.49 14.62
N ILE A 377 36.12 -4.53 15.40
CA ILE A 377 37.18 -4.78 16.36
C ILE A 377 36.57 -4.58 17.74
N VAL A 378 36.61 -5.64 18.55
CA VAL A 378 35.98 -5.72 19.85
C VAL A 378 37.08 -5.70 20.92
N VAL A 379 37.06 -4.67 21.75
CA VAL A 379 38.06 -4.45 22.75
C VAL A 379 37.36 -4.22 24.09
N GLY A 380 37.59 -5.12 25.03
CA GLY A 380 37.15 -4.90 26.41
C GLY A 380 37.92 -3.74 27.04
N VAL A 381 37.30 -3.08 28.01
CA VAL A 381 37.97 -2.01 28.71
C VAL A 381 37.74 -2.13 30.22
N ILE A 382 38.75 -1.72 30.99
CA ILE A 382 38.63 -1.65 32.42
C ILE A 382 37.39 -0.80 32.74
N ASP A 383 36.53 -1.31 33.62
CA ASP A 383 35.40 -0.54 34.11
C ASP A 383 35.97 0.48 35.07
N PRO A 384 35.85 1.79 34.78
CA PRO A 384 36.55 2.79 35.57
C PRO A 384 35.96 2.90 36.98
N SER A 385 34.78 2.33 37.21
CA SER A 385 34.20 2.30 38.55
C SER A 385 34.90 1.24 39.42
N GLU A 386 35.80 0.46 38.82
CA GLU A 386 36.43 -0.64 39.54
C GLU A 386 37.93 -0.37 39.64
N ASN A 387 38.48 -0.29 40.86
CA ASN A 387 39.83 0.20 41.07
C ASN A 387 40.86 -0.88 40.73
N ILE A 388 42.06 -0.46 40.42
CA ILE A 388 43.13 -1.36 40.04
C ILE A 388 44.15 -1.41 41.16
N GLN A 389 44.38 -2.58 41.75
CA GLN A 389 45.48 -2.81 42.65
C GLN A 389 46.58 -3.55 41.87
N GLU A 390 47.82 -3.50 42.36
CA GLU A 390 48.97 -4.05 41.66
C GLU A 390 49.71 -5.01 42.58
N ILE A 391 50.38 -6.01 41.98
CA ILE A 391 51.44 -6.78 42.62
C ILE A 391 52.75 -6.40 41.95
N ASN A 392 53.70 -5.84 42.71
CA ASN A 392 54.88 -5.25 42.09
C ASN A 392 55.94 -6.29 41.79
N THR A 393 55.87 -7.41 42.50
CA THR A 393 56.80 -8.50 42.36
C THR A 393 56.29 -9.38 41.23
N ALA A 394 57.15 -9.74 40.27
CA ALA A 394 56.79 -10.76 39.30
C ALA A 394 56.66 -12.07 40.05
N ILE A 395 55.57 -12.79 39.74
CA ILE A 395 55.23 -14.03 40.42
C ILE A 395 56.23 -15.07 39.96
N SER A 396 56.80 -15.77 40.95
CA SER A 396 57.62 -16.93 40.68
C SER A 396 57.01 -18.34 40.65
N ASP A 397 56.70 -18.92 41.81
CA ASP A 397 56.34 -20.33 41.89
C ASP A 397 55.10 -20.25 42.74
N ASN A 398 55.21 -19.44 43.79
CA ASN A 398 54.13 -19.28 44.75
C ASN A 398 54.02 -17.81 45.10
N TYR A 399 52.79 -17.33 45.25
CA TYR A 399 52.57 -15.98 45.75
C TYR A 399 51.16 -15.93 46.33
N THR A 400 50.99 -15.07 47.33
CA THR A 400 49.77 -14.92 48.10
C THR A 400 49.52 -13.42 48.23
N TYR A 401 48.40 -12.95 47.70
CA TYR A 401 48.07 -11.54 47.76
C TYR A 401 46.91 -11.38 48.75
N ASN A 402 47.03 -10.42 49.67
CA ASN A 402 46.03 -10.26 50.71
C ASN A 402 44.99 -9.21 50.28
N ILE A 403 43.73 -9.45 50.70
CA ILE A 403 42.58 -8.58 50.43
C ILE A 403 41.94 -8.14 51.75
N PRO A 404 42.23 -6.93 52.29
CA PRO A 404 41.50 -6.41 53.44
C PRO A 404 40.11 -7.00 53.61
N ASN A 409 33.02 -5.34 49.90
CA ASN A 409 34.04 -4.51 49.16
C ASN A 409 33.69 -4.60 47.66
N ASN A 410 33.87 -3.48 46.95
CA ASN A 410 33.49 -3.38 45.55
C ASN A 410 34.39 -4.26 44.68
N PRO A 411 33.94 -4.68 43.48
CA PRO A 411 34.84 -5.39 42.58
C PRO A 411 36.09 -4.56 42.32
N PHE A 412 37.24 -5.20 42.07
CA PHE A 412 38.47 -4.50 41.70
C PHE A 412 39.42 -5.42 40.92
N TYR A 413 40.47 -4.84 40.33
CA TYR A 413 41.37 -5.59 39.48
C TYR A 413 42.71 -5.70 40.19
N ILE A 414 43.45 -6.79 39.96
CA ILE A 414 44.85 -6.87 40.36
C ILE A 414 45.73 -6.96 39.10
N LEU A 415 46.64 -5.99 38.91
CA LEU A 415 47.61 -6.05 37.82
C LEU A 415 48.86 -6.82 38.24
N PHE A 416 49.31 -7.76 37.41
CA PHE A 416 50.46 -8.55 37.79
C PHE A 416 51.14 -9.13 36.54
N THR A 417 52.40 -9.56 36.73
CA THR A 417 53.15 -10.29 35.72
C THR A 417 53.82 -11.50 36.40
N VAL A 418 54.29 -12.43 35.58
CA VAL A 418 55.00 -13.59 36.09
C VAL A 418 56.45 -13.51 35.61
N ASN A 419 57.37 -14.15 36.36
CA ASN A 419 58.78 -14.22 35.99
C ASN A 419 59.07 -15.13 34.79
N THR A 420 58.44 -16.30 34.71
CA THR A 420 58.72 -17.22 33.62
C THR A 420 57.36 -17.70 33.12
N THR A 421 57.28 -17.91 31.79
CA THR A 421 56.09 -18.44 31.13
C THR A 421 55.86 -19.79 31.78
N GLY A 422 54.58 -20.10 32.04
CA GLY A 422 54.20 -21.27 32.83
C GLY A 422 52.68 -21.30 33.03
N ILE A 423 52.19 -22.47 33.44
CA ILE A 423 50.74 -22.59 33.74
C ILE A 423 50.56 -22.26 35.23
N TYR A 424 49.52 -21.51 35.54
CA TYR A 424 49.33 -21.06 36.91
C TYR A 424 47.93 -21.41 37.38
N LYS A 425 47.82 -21.76 38.67
CA LYS A 425 46.54 -21.95 39.29
C LYS A 425 46.28 -20.70 40.11
N ILE A 426 45.14 -20.07 39.89
CA ILE A 426 44.87 -18.86 40.61
C ILE A 426 43.53 -19.08 41.30
N ASN A 427 43.47 -18.82 42.62
CA ASN A 427 42.23 -18.99 43.36
C ASN A 427 42.17 -18.09 44.59
N ALA A 428 40.96 -17.79 45.03
CA ALA A 428 40.73 -17.24 46.35
C ALA A 428 40.69 -18.36 47.39
N GLN A 429 40.60 -17.99 48.66
CA GLN A 429 40.63 -18.99 49.71
C GLN A 429 39.30 -19.73 49.72
N ASN A 430 39.40 -21.08 49.78
CA ASN A 430 38.29 -22.00 49.64
C ASN A 430 37.59 -21.79 48.29
N ASN A 431 38.32 -21.19 47.32
CA ASN A 431 37.89 -21.06 45.93
C ASN A 431 36.69 -20.10 45.81
N LEU A 432 36.53 -19.21 46.80
CA LEU A 432 35.45 -18.23 46.80
C LEU A 432 36.03 -16.84 47.02
N PRO A 433 35.58 -15.81 46.27
CA PRO A 433 34.71 -15.98 45.11
C PRO A 433 35.43 -16.51 43.86
N SER A 434 34.63 -16.86 42.84
CA SER A 434 35.14 -17.05 41.49
C SER A 434 35.76 -15.77 40.95
N LEU A 435 36.88 -15.93 40.23
CA LEU A 435 37.64 -14.85 39.64
C LEU A 435 37.54 -14.84 38.12
N LYS A 436 37.92 -13.69 37.53
CA LYS A 436 38.24 -13.64 36.11
C LYS A 436 39.65 -13.12 35.92
N ILE A 437 40.24 -13.45 34.78
CA ILE A 437 41.56 -12.96 34.45
C ILE A 437 41.52 -12.48 33.00
N TYR A 438 42.15 -11.32 32.78
CA TYR A 438 42.33 -10.77 31.45
C TYR A 438 43.81 -10.55 31.13
N GLU A 439 44.11 -10.47 29.82
CA GLU A 439 45.38 -9.94 29.30
C GLU A 439 45.30 -8.42 29.07
N ALA A 440 46.29 -7.63 29.51
CA ALA A 440 46.37 -6.25 29.05
C ALA A 440 46.90 -6.27 27.62
N ILE A 441 46.17 -5.68 26.67
CA ILE A 441 46.45 -5.90 25.25
C ILE A 441 47.67 -5.10 24.84
N GLY A 442 48.64 -5.79 24.20
CA GLY A 442 49.91 -5.21 23.79
C GLY A 442 50.80 -4.78 24.97
N SER A 443 50.58 -5.38 26.15
CA SER A 443 51.43 -5.11 27.30
C SER A 443 52.77 -5.82 27.16
N GLY A 444 53.79 -5.32 27.87
CA GLY A 444 55.02 -6.10 28.00
C GLY A 444 56.04 -5.83 26.88
N ASN A 445 55.75 -4.92 25.99
CA ASN A 445 56.64 -4.63 24.85
C ASN A 445 57.44 -3.37 25.16
N ARG A 446 57.29 -2.77 26.36
CA ARG A 446 57.81 -1.45 26.61
C ARG A 446 58.91 -1.30 27.65
N ASN A 447 58.52 -1.03 28.91
CA ASN A 447 59.49 -0.88 29.97
C ASN A 447 59.52 -2.27 30.58
N PHE A 448 60.71 -2.63 31.08
CA PHE A 448 60.93 -3.91 31.74
C PHE A 448 61.88 -3.72 32.92
N GLN A 449 61.66 -4.53 33.95
CA GLN A 449 62.61 -4.65 35.02
C GLN A 449 62.57 -6.08 35.54
N SER A 450 63.73 -6.74 35.56
CA SER A 450 63.85 -8.12 36.00
C SER A 450 63.21 -8.30 37.38
N GLY A 451 62.23 -9.19 37.47
CA GLY A 451 61.63 -9.57 38.73
C GLY A 451 60.52 -8.63 39.20
N ASN A 452 60.22 -7.55 38.43
CA ASN A 452 59.15 -6.64 38.85
C ASN A 452 58.21 -6.26 37.72
N LEU A 453 57.05 -5.75 38.16
CA LEU A 453 55.98 -5.30 37.29
C LEU A 453 56.36 -3.94 36.75
N CYS A 454 56.23 -3.77 35.45
CA CYS A 454 56.13 -2.42 34.87
C CYS A 454 54.68 -2.21 34.44
N ASP A 455 54.03 -1.19 35.00
CA ASP A 455 52.71 -0.78 34.57
C ASP A 455 52.90 0.13 33.36
N ASP A 456 52.61 -0.38 32.13
CA ASP A 456 52.73 0.37 30.89
C ASP A 456 51.36 1.00 30.54
N ASP A 457 50.44 1.06 31.52
CA ASP A 457 49.22 1.87 31.52
C ASP A 457 48.11 1.50 30.53
N ILE A 458 47.85 0.20 30.42
CA ILE A 458 46.91 -0.28 29.41
C ILE A 458 45.60 -0.76 30.03
N LYS A 459 44.48 -0.21 29.56
CA LYS A 459 43.16 -0.54 30.05
C LYS A 459 42.33 -1.24 28.97
N ALA A 460 42.97 -1.60 27.86
CA ALA A 460 42.36 -2.48 26.89
C ALA A 460 42.67 -3.91 27.32
N ILE A 461 41.64 -4.72 27.47
CA ILE A 461 41.75 -6.00 28.14
C ILE A 461 41.10 -7.08 27.27
N ASN A 462 41.77 -8.23 27.22
CA ASN A 462 41.28 -9.41 26.54
C ASN A 462 40.98 -10.47 27.59
N TYR A 463 39.69 -10.81 27.77
CA TYR A 463 39.22 -11.88 28.64
C TYR A 463 39.85 -13.22 28.25
N ILE A 464 40.46 -13.91 29.21
CA ILE A 464 40.98 -15.26 29.09
C ILE A 464 39.94 -16.27 29.61
N THR A 465 39.67 -16.26 30.92
CA THR A 465 38.77 -17.26 31.47
C THR A 465 38.24 -16.76 32.81
N GLY A 466 37.22 -17.44 33.34
CA GLY A 466 36.63 -17.15 34.63
C GLY A 466 35.16 -16.77 34.48
N PHE A 467 34.38 -17.04 35.54
CA PHE A 467 32.94 -16.88 35.56
C PHE A 467 32.53 -15.62 36.29
N ASP A 468 31.37 -15.11 35.87
CA ASP A 468 30.61 -14.13 36.63
C ASP A 468 29.64 -14.87 37.56
N SER A 469 30.18 -15.72 38.40
CA SER A 469 29.41 -16.44 39.41
C SER A 469 30.20 -16.27 40.69
N PRO A 470 30.12 -15.09 41.33
CA PRO A 470 30.88 -14.80 42.52
C PRO A 470 30.89 -15.96 43.51
N ASN A 471 29.70 -16.53 43.77
CA ASN A 471 29.51 -17.49 44.87
C ASN A 471 29.60 -18.94 44.39
N ALA A 472 30.08 -19.18 43.16
CA ALA A 472 30.40 -20.51 42.74
C ALA A 472 31.86 -20.76 43.12
N LYS A 473 32.18 -21.94 43.64
CA LYS A 473 33.58 -22.28 43.94
C LYS A 473 34.28 -22.54 42.61
N SER A 474 35.45 -21.96 42.37
CA SER A 474 36.21 -22.21 41.15
C SER A 474 37.69 -21.81 41.35
N TYR A 475 38.55 -22.42 40.55
CA TYR A 475 39.90 -21.92 40.46
C TYR A 475 40.24 -21.86 38.99
N LEU A 476 41.15 -20.93 38.67
CA LEU A 476 41.57 -20.77 37.29
C LEU A 476 42.89 -21.51 37.12
N VAL A 477 43.04 -22.11 35.94
CA VAL A 477 44.29 -22.70 35.46
C VAL A 477 44.55 -22.11 34.08
N VAL A 478 45.74 -21.53 33.88
CA VAL A 478 45.98 -20.61 32.76
C VAL A 478 47.47 -20.57 32.43
N LEU A 479 47.77 -20.52 31.12
CA LEU A 479 49.10 -20.28 30.58
C LEU A 479 49.36 -18.78 30.63
N LEU A 480 50.41 -18.40 31.36
CA LEU A 480 50.77 -17.00 31.48
C LEU A 480 52.18 -16.77 30.95
N ASN A 481 52.26 -15.84 29.98
CA ASN A 481 53.49 -15.47 29.31
C ASN A 481 54.20 -14.40 30.12
N LYS A 482 55.52 -14.52 30.29
CA LYS A 482 56.26 -13.64 31.17
C LYS A 482 56.34 -12.24 30.60
N ASP A 483 56.20 -12.15 29.27
CA ASP A 483 56.29 -10.84 28.63
C ASP A 483 54.88 -10.31 28.40
N LYS A 484 54.01 -10.41 29.41
CA LYS A 484 52.72 -9.74 29.34
C LYS A 484 52.35 -9.36 30.76
N ASN A 485 51.39 -8.44 30.86
CA ASN A 485 50.71 -8.09 32.08
C ASN A 485 49.27 -8.61 32.03
N TYR A 486 48.76 -9.04 33.20
CA TYR A 486 47.44 -9.62 33.35
C TYR A 486 46.66 -8.89 34.44
N TYR A 487 45.33 -8.93 34.31
CA TYR A 487 44.45 -8.41 35.34
C TYR A 487 43.63 -9.56 35.92
N ILE A 488 43.70 -9.74 37.24
CA ILE A 488 42.67 -10.50 37.94
C ILE A 488 41.51 -9.55 38.18
N ARG A 489 40.27 -10.00 38.01
CA ARG A 489 39.13 -9.26 38.53
C ARG A 489 38.52 -10.07 39.67
N VAL A 490 38.42 -9.40 40.82
CA VAL A 490 37.76 -9.95 41.98
C VAL A 490 36.39 -9.31 42.09
N PRO A 491 35.29 -10.10 42.14
CA PRO A 491 33.94 -9.53 42.17
C PRO A 491 33.51 -9.02 43.54
N GLN A 492 32.28 -8.47 43.58
CA GLN A 492 31.59 -7.97 44.76
C GLN A 492 31.42 -9.13 45.75
N THR A 493 32.01 -8.96 46.95
CA THR A 493 31.87 -9.93 48.03
C THR A 493 30.99 -9.31 49.12
N SER A 494 30.23 -10.18 49.77
CA SER A 494 29.30 -9.76 50.81
C SER A 494 29.82 -10.29 52.15
N SER A 495 30.83 -9.60 52.71
CA SER A 495 31.71 -10.20 53.70
C SER A 495 32.40 -9.12 54.53
N ASN A 496 32.98 -9.55 55.66
CA ASN A 496 33.78 -8.73 56.55
C ASN A 496 35.18 -9.31 56.66
N ILE A 497 35.40 -10.47 56.04
CA ILE A 497 36.51 -11.33 56.44
C ILE A 497 37.72 -11.01 55.56
N GLU A 498 38.90 -11.44 55.99
CA GLU A 498 40.08 -11.40 55.13
C GLU A 498 39.86 -12.47 54.07
N ASN A 499 40.39 -12.23 52.87
CA ASN A 499 40.42 -13.22 51.79
C ASN A 499 41.77 -13.12 51.13
N GLN A 500 42.18 -14.14 50.37
CA GLN A 500 43.50 -14.08 49.76
C GLN A 500 43.47 -14.61 48.33
N ILE A 501 44.31 -14.07 47.46
CA ILE A 501 44.43 -14.69 46.15
C ILE A 501 45.75 -15.40 46.14
N LYS A 502 45.68 -16.69 45.79
CA LYS A 502 46.87 -17.52 45.69
C LYS A 502 47.17 -17.85 44.24
N PHE A 503 48.48 -17.82 43.96
CA PHE A 503 49.08 -18.03 42.66
C PHE A 503 50.10 -19.15 42.82
N LYS A 504 49.96 -20.21 42.04
CA LYS A 504 50.87 -21.33 42.18
C LYS A 504 51.24 -21.81 40.79
N ARG A 505 52.53 -21.78 40.50
CA ARG A 505 53.03 -22.32 39.24
C ARG A 505 52.80 -23.82 39.26
N GLU A 506 52.01 -24.34 38.31
CA GLU A 506 51.78 -25.77 38.25
C GLU A 506 52.79 -26.49 37.35
N GLU A 507 53.46 -27.51 37.88
CA GLU A 507 54.40 -28.30 37.04
C GLU A 507 53.95 -29.76 37.05
N GLY A 508 52.65 -30.02 37.23
CA GLY A 508 52.14 -31.39 37.32
C GLY A 508 51.07 -31.69 36.30
N ASP A 509 50.08 -32.52 36.66
CA ASP A 509 49.01 -32.92 35.71
C ASP A 509 48.02 -31.77 35.52
N LEU A 510 47.84 -30.95 36.56
CA LEU A 510 46.86 -29.85 36.47
C LEU A 510 47.07 -29.03 35.20
N ARG A 511 48.31 -29.01 34.70
CA ARG A 511 48.64 -28.37 33.43
C ARG A 511 47.72 -28.76 32.30
N ASN A 512 47.11 -29.94 32.38
CA ASN A 512 46.27 -30.47 31.31
C ASN A 512 44.89 -29.84 31.38
N LEU A 513 44.66 -28.95 32.35
CA LEU A 513 43.41 -28.21 32.42
C LEU A 513 43.62 -26.79 31.91
N MET A 514 44.76 -26.58 31.25
CA MET A 514 45.20 -25.29 30.69
C MET A 514 44.07 -24.46 30.05
N ASN A 515 44.03 -23.18 30.37
CA ASN A 515 43.01 -22.21 29.97
C ASN A 515 41.60 -22.71 30.27
N SER A 516 41.36 -22.92 31.56
CA SER A 516 40.09 -23.41 32.07
C SER A 516 39.78 -22.81 33.43
N SER A 517 38.52 -22.42 33.63
CA SER A 517 38.02 -22.28 35.00
C SER A 517 37.56 -23.65 35.44
N VAL A 518 37.77 -23.95 36.73
CA VAL A 518 37.46 -25.26 37.28
C VAL A 518 36.40 -25.08 38.35
N ASN A 519 35.17 -25.54 38.05
CA ASN A 519 34.10 -25.50 39.03
C ASN A 519 34.19 -26.62 40.06
N ILE A 520 34.03 -26.27 41.34
CA ILE A 520 34.04 -27.27 42.40
C ILE A 520 32.61 -27.54 42.78
N ILE A 521 32.14 -28.76 42.49
CA ILE A 521 30.79 -29.18 42.81
C ILE A 521 30.80 -29.71 44.23
N ASP A 522 29.88 -29.23 45.09
CA ASP A 522 29.91 -29.66 46.49
C ASP A 522 28.55 -30.14 46.99
N ASN A 523 27.59 -30.37 46.09
CA ASN A 523 26.24 -30.60 46.55
C ASN A 523 25.73 -31.89 45.93
N LEU A 524 26.64 -32.82 45.62
CA LEU A 524 26.23 -34.05 44.99
C LEU A 524 25.45 -34.82 46.08
N ASN A 525 24.14 -34.97 45.85
CA ASN A 525 23.26 -35.72 46.72
C ASN A 525 23.44 -37.21 46.41
N SER A 526 22.67 -38.07 47.08
CA SER A 526 22.86 -39.52 47.06
C SER A 526 22.68 -40.10 45.66
N THR A 527 21.62 -39.63 45.00
CA THR A 527 21.27 -40.04 43.65
C THR A 527 20.37 -38.93 43.11
N GLY A 528 19.90 -39.09 41.87
CA GLY A 528 19.05 -38.08 41.28
C GLY A 528 19.89 -37.13 40.43
N ALA A 529 19.18 -36.20 39.79
CA ALA A 529 19.72 -35.37 38.73
C ALA A 529 20.21 -34.08 39.35
N HIS A 530 21.30 -33.55 38.77
CA HIS A 530 21.91 -32.31 39.20
C HIS A 530 22.29 -31.56 37.94
N TYR A 531 22.17 -30.22 37.96
CA TYR A 531 22.63 -29.42 36.85
C TYR A 531 23.41 -28.23 37.41
N TYR A 532 24.42 -27.81 36.64
CA TYR A 532 25.24 -26.64 36.95
C TYR A 532 25.30 -25.81 35.67
N THR A 533 24.76 -24.59 35.75
CA THR A 533 24.71 -23.61 34.68
C THR A 533 25.77 -22.55 34.91
N ARG A 534 26.59 -22.35 33.87
CA ARG A 534 27.59 -21.29 33.81
C ARG A 534 27.54 -20.59 32.46
N GLN A 535 28.19 -19.44 32.35
CA GLN A 535 28.41 -18.85 31.03
C GLN A 535 29.24 -19.83 30.21
N SER A 536 28.83 -20.11 28.96
CA SER A 536 29.60 -21.00 28.12
C SER A 536 30.88 -20.31 27.66
N PRO A 537 32.04 -21.01 27.68
CA PRO A 537 33.16 -20.60 26.84
C PRO A 537 32.87 -20.67 25.35
N ASP A 538 33.68 -19.92 24.62
CA ASP A 538 33.56 -19.89 23.18
C ASP A 538 33.99 -21.23 22.61
N VAL A 539 33.74 -21.45 21.31
CA VAL A 539 34.22 -22.63 20.64
C VAL A 539 35.74 -22.69 20.84
N HIS A 540 36.28 -23.86 21.17
CA HIS A 540 37.74 -24.11 21.33
C HIS A 540 38.27 -23.65 22.69
N ASP A 541 37.40 -23.16 23.55
CA ASP A 541 37.73 -22.72 24.88
C ASP A 541 37.06 -23.64 25.89
N TYR A 542 37.72 -23.84 27.04
CA TYR A 542 37.37 -24.91 27.97
C TYR A 542 36.73 -24.47 29.29
N ILE A 543 35.90 -25.36 29.81
CA ILE A 543 35.37 -25.24 31.16
C ILE A 543 35.44 -26.61 31.80
N SER A 544 35.76 -26.61 33.10
CA SER A 544 36.11 -27.81 33.85
C SER A 544 35.31 -27.89 35.16
N TYR A 545 35.03 -29.15 35.55
CA TYR A 545 34.20 -29.42 36.70
C TYR A 545 34.87 -30.47 37.59
N GLU A 546 35.08 -30.17 38.87
CA GLU A 546 35.71 -31.08 39.82
C GLU A 546 34.68 -31.50 40.87
N PHE A 547 34.46 -32.81 41.04
CA PHE A 547 33.34 -33.32 41.83
C PHE A 547 33.73 -34.61 42.59
N THR A 548 33.10 -34.77 43.75
CA THR A 548 33.28 -35.97 44.55
C THR A 548 32.01 -36.82 44.45
N ILE A 549 32.18 -38.09 44.08
CA ILE A 549 31.08 -39.04 44.06
C ILE A 549 30.59 -39.24 45.49
N PRO A 550 29.27 -39.21 45.72
CA PRO A 550 28.72 -39.42 47.05
C PRO A 550 29.05 -40.76 47.69
N GLY A 551 29.12 -40.78 49.04
CA GLY A 551 29.28 -42.00 49.81
C GLY A 551 30.66 -42.06 50.48
N ASN A 552 30.96 -43.13 51.22
CA ASN A 552 32.30 -43.27 51.78
C ASN A 552 33.17 -44.05 50.82
N PHE A 553 34.45 -43.70 50.87
CA PHE A 553 35.43 -44.34 50.00
C PHE A 553 35.84 -45.65 50.66
N ASN A 554 35.60 -46.75 49.94
CA ASN A 554 36.17 -48.04 50.26
C ASN A 554 36.92 -48.56 49.03
N ASN A 555 37.01 -47.73 47.97
CA ASN A 555 37.63 -48.16 46.73
C ASN A 555 36.87 -49.34 46.11
N LYS A 556 35.63 -49.59 46.51
CA LYS A 556 34.97 -50.71 45.87
C LYS A 556 33.56 -50.31 45.41
N ASP A 557 32.82 -49.64 46.30
CA ASP A 557 31.48 -49.15 46.03
C ASP A 557 31.53 -48.09 44.92
N THR A 558 30.57 -48.14 43.99
CA THR A 558 30.60 -47.33 42.78
C THR A 558 29.17 -46.91 42.51
N SER A 559 29.03 -45.71 41.91
CA SER A 559 27.72 -45.26 41.44
C SER A 559 27.78 -45.08 39.92
N ASN A 560 26.66 -45.13 39.22
CA ASN A 560 26.62 -44.84 37.77
C ASN A 560 26.45 -43.32 37.61
N ILE A 561 27.19 -42.69 36.72
CA ILE A 561 27.23 -41.26 36.51
C ILE A 561 26.93 -40.94 35.04
N ARG A 562 25.83 -40.21 34.77
CA ARG A 562 25.55 -39.69 33.43
C ARG A 562 25.92 -38.20 33.35
N LEU A 563 27.01 -37.92 32.61
CA LEU A 563 27.54 -36.59 32.29
C LEU A 563 27.09 -36.14 30.90
N TYR A 564 26.26 -35.10 30.84
CA TYR A 564 25.84 -34.54 29.57
C TYR A 564 25.58 -33.04 29.67
N THR A 565 25.56 -32.37 28.50
CA THR A 565 25.24 -30.96 28.41
C THR A 565 23.83 -30.82 27.89
N SER A 566 23.25 -29.61 28.01
CA SER A 566 21.84 -29.49 27.63
C SER A 566 21.69 -28.84 26.25
N TYR A 567 22.57 -27.89 25.92
CA TYR A 567 22.37 -27.07 24.74
C TYR A 567 23.56 -27.13 23.79
N ASN A 568 24.78 -27.12 24.36
CA ASN A 568 26.00 -26.87 23.61
C ASN A 568 26.73 -28.20 23.46
N GLN A 569 27.36 -28.41 22.31
CA GLN A 569 28.11 -29.64 22.09
C GLN A 569 29.54 -29.39 22.57
N GLY A 570 30.16 -30.48 23.05
CA GLY A 570 31.54 -30.35 23.45
C GLY A 570 32.16 -31.70 23.71
N ILE A 571 33.47 -31.67 23.85
CA ILE A 571 34.31 -32.82 24.05
C ILE A 571 34.75 -32.84 25.52
N GLY A 572 34.50 -33.98 26.16
CA GLY A 572 34.83 -34.17 27.56
C GLY A 572 36.06 -35.04 27.69
N THR A 573 36.87 -34.72 28.69
CA THR A 573 37.98 -35.54 29.07
C THR A 573 37.86 -35.69 30.58
N LEU A 574 37.71 -36.93 31.05
CA LEU A 574 37.49 -37.14 32.47
C LEU A 574 38.74 -37.71 33.14
N PHE A 575 38.97 -37.33 34.40
CA PHE A 575 40.24 -37.61 35.04
C PHE A 575 39.95 -37.94 36.50
N ARG A 576 40.63 -39.01 36.96
CA ARG A 576 40.57 -39.46 38.34
C ARG A 576 41.61 -38.64 39.10
N VAL A 577 41.29 -38.12 40.28
CA VAL A 577 42.27 -37.33 41.00
C VAL A 577 42.92 -38.19 42.11
N THR A 578 44.26 -38.23 42.16
CA THR A 578 44.94 -39.12 43.11
C THR A 578 45.58 -38.34 44.26
N GLU A 579 45.65 -37.00 44.20
CA GLU A 579 45.91 -36.22 45.42
C GLU A 579 47.35 -36.45 45.93
N THR A 580 48.38 -36.23 45.07
CA THR A 580 49.78 -36.58 45.40
C THR A 580 50.32 -35.79 46.61
N GLY A 583 50.40 -31.91 45.30
CA GLY A 583 49.30 -31.39 44.45
C GLY A 583 48.29 -32.47 44.10
N TYR A 584 47.93 -32.52 42.81
CA TYR A 584 46.91 -33.41 42.27
C TYR A 584 47.55 -34.19 41.12
N ASN A 585 47.44 -35.54 41.13
CA ASN A 585 47.73 -36.36 39.95
C ASN A 585 46.41 -36.67 39.25
N LEU A 586 46.43 -36.64 37.91
CA LEU A 586 45.24 -36.83 37.11
C LEU A 586 45.48 -38.09 36.29
N ILE A 587 44.61 -39.10 36.44
CA ILE A 587 44.67 -40.24 35.52
C ILE A 587 43.53 -40.07 34.54
N ASN A 588 43.86 -40.04 33.23
CA ASN A 588 42.85 -40.01 32.18
C ASN A 588 42.10 -41.34 32.16
N ILE A 589 40.75 -41.28 32.25
CA ILE A 589 39.92 -42.47 32.33
C ILE A 589 38.82 -42.49 31.26
N GLN A 590 38.56 -41.39 30.55
CA GLN A 590 37.56 -41.37 29.49
C GLN A 590 37.87 -40.20 28.57
N GLN A 591 38.11 -40.51 27.29
CA GLN A 591 38.53 -39.51 26.31
C GLN A 591 37.35 -39.31 25.37
N ASN A 592 37.40 -38.20 24.62
CA ASN A 592 36.57 -37.99 23.44
C ASN A 592 35.08 -38.11 23.74
N LEU A 593 34.64 -37.99 25.00
CA LEU A 593 33.21 -38.04 25.31
C LEU A 593 32.52 -36.91 24.54
N ASN A 594 31.25 -37.14 24.16
CA ASN A 594 30.51 -36.24 23.30
C ASN A 594 29.20 -35.93 24.02
N LEU A 595 29.02 -34.68 24.47
CA LEU A 595 28.27 -34.46 25.71
C LEU A 595 26.81 -34.08 25.49
N LEU A 596 26.47 -33.46 24.35
CA LEU A 596 25.11 -32.96 24.20
C LEU A 596 24.09 -34.10 24.25
N ASN A 597 23.23 -34.10 25.28
CA ASN A 597 22.14 -35.05 25.35
C ASN A 597 22.67 -36.48 25.46
N SER A 598 23.97 -36.64 25.67
CA SER A 598 24.57 -37.97 25.76
C SER A 598 23.85 -38.83 26.80
N THR A 599 23.60 -40.09 26.41
CA THR A 599 22.93 -41.06 27.27
C THR A 599 23.96 -41.97 27.94
N LYS A 600 25.21 -41.92 27.45
CA LYS A 600 26.23 -42.85 27.92
C LYS A 600 26.37 -42.73 29.44
N SER A 601 26.94 -43.77 30.07
CA SER A 601 26.97 -43.91 31.51
C SER A 601 28.36 -44.36 31.90
N ILE A 602 28.91 -43.85 33.02
CA ILE A 602 30.16 -44.41 33.52
C ILE A 602 30.02 -44.56 35.04
N ARG A 603 30.66 -45.64 35.52
CA ARG A 603 30.62 -46.05 36.91
C ARG A 603 31.86 -45.48 37.58
N LEU A 604 31.67 -44.77 38.71
CA LEU A 604 32.79 -44.12 39.37
C LEU A 604 32.77 -44.42 40.87
N LEU A 605 33.97 -44.47 41.47
CA LEU A 605 34.16 -44.86 42.86
C LEU A 605 33.52 -43.86 43.83
N ASN A 606 32.72 -44.40 44.76
CA ASN A 606 32.10 -43.57 45.79
C ASN A 606 33.18 -42.87 46.62
N GLY A 607 32.92 -41.60 46.96
CA GLY A 607 33.87 -40.76 47.67
C GLY A 607 35.19 -40.55 46.93
N ALA A 608 35.25 -40.84 45.62
CA ALA A 608 36.44 -40.45 44.87
C ALA A 608 36.20 -39.11 44.17
N ILE A 609 37.30 -38.43 43.81
CA ILE A 609 37.29 -37.08 43.24
C ILE A 609 37.67 -37.16 41.76
N TYR A 610 36.88 -36.54 40.87
CA TYR A 610 37.13 -36.51 39.42
C TYR A 610 37.07 -35.07 38.90
N ILE A 611 37.70 -34.82 37.73
CA ILE A 611 37.58 -33.56 37.04
C ILE A 611 37.20 -33.87 35.60
N LEU A 612 36.13 -33.24 35.11
CA LEU A 612 35.78 -33.27 33.70
C LEU A 612 36.15 -31.95 33.04
N LYS A 613 36.99 -32.04 31.99
CA LYS A 613 37.32 -30.93 31.12
C LYS A 613 36.37 -30.93 29.92
N VAL A 614 35.84 -29.75 29.56
CA VAL A 614 34.89 -29.64 28.46
C VAL A 614 35.43 -28.58 27.49
N GLU A 615 35.71 -29.01 26.26
CA GLU A 615 35.96 -28.10 25.15
C GLU A 615 34.62 -27.91 24.47
N VAL A 616 34.13 -26.67 24.43
CA VAL A 616 32.95 -26.35 23.64
C VAL A 616 33.29 -26.57 22.18
N THR A 617 32.38 -27.23 21.42
CA THR A 617 32.53 -27.34 19.98
C THR A 617 31.35 -26.69 19.27
N GLU A 618 30.17 -26.67 19.87
CA GLU A 618 29.05 -25.99 19.26
C GLU A 618 28.46 -25.02 20.28
N LEU A 619 28.51 -23.73 19.93
CA LEU A 619 27.99 -22.64 20.74
C LEU A 619 26.56 -22.33 20.31
N ASN A 620 25.60 -23.05 20.92
CA ASN A 620 24.19 -22.89 20.58
C ASN A 620 23.55 -21.87 21.52
N ASN A 621 24.07 -21.78 22.74
CA ASN A 621 23.41 -21.02 23.79
C ASN A 621 24.50 -20.25 24.51
N TYR A 622 24.14 -19.07 25.04
CA TYR A 622 25.06 -18.28 25.84
C TYR A 622 25.55 -19.10 27.04
N ASN A 623 24.70 -19.99 27.54
CA ASN A 623 25.02 -20.70 28.76
C ASN A 623 25.26 -22.17 28.46
N ILE A 624 26.16 -22.76 29.21
CA ILE A 624 26.36 -24.18 29.22
C ILE A 624 25.85 -24.74 30.54
N LYS A 625 25.06 -25.80 30.39
CA LYS A 625 24.41 -26.46 31.50
C LYS A 625 24.84 -27.91 31.48
N LEU A 626 25.72 -28.26 32.44
CA LEU A 626 26.20 -29.62 32.64
C LEU A 626 25.31 -30.37 33.62
N HIS A 627 24.97 -31.63 33.28
CA HIS A 627 24.20 -32.49 34.16
C HIS A 627 25.07 -33.62 34.71
N ILE A 628 24.96 -33.88 36.01
CA ILE A 628 25.57 -35.03 36.67
C ILE A 628 24.40 -35.75 37.32
N ASP A 629 23.93 -36.83 36.67
CA ASP A 629 22.86 -37.65 37.19
C ASP A 629 23.48 -38.93 37.75
N ILE A 630 23.15 -39.24 39.00
CA ILE A 630 23.80 -40.38 39.69
C ILE A 630 22.78 -41.46 40.05
N THR A 631 23.06 -42.71 39.69
CA THR A 631 22.30 -43.88 40.15
C THR A 631 23.25 -44.94 40.75
N ASN A 632 22.63 -45.82 41.57
CA ASN A 632 23.15 -47.11 42.01
C ASN A 632 24.20 -47.67 41.02
N ASP B 27 -20.57 44.71 -8.08
CA ASP B 27 -20.45 45.35 -6.73
C ASP B 27 -19.01 45.15 -6.23
N THR B 28 -18.69 45.81 -5.08
CA THR B 28 -17.42 45.75 -4.38
C THR B 28 -17.32 44.47 -3.55
N ILE B 29 -16.11 43.92 -3.42
CA ILE B 29 -15.91 42.66 -2.72
C ILE B 29 -14.45 42.57 -2.34
N ASP B 30 -14.18 42.08 -1.15
CA ASP B 30 -12.84 42.08 -0.64
C ASP B 30 -12.27 40.68 -0.86
N LEU B 31 -11.90 40.38 -2.10
CA LEU B 31 -11.38 39.09 -2.46
C LEU B 31 -10.27 39.37 -3.47
N ALA B 32 -9.13 38.70 -3.33
CA ALA B 32 -8.08 38.83 -4.33
C ALA B 32 -8.64 38.45 -5.71
N ASP B 33 -7.95 38.87 -6.79
CA ASP B 33 -8.43 38.71 -8.16
C ASP B 33 -8.40 37.25 -8.57
N GLY B 34 -9.30 36.87 -9.49
CA GLY B 34 -9.48 35.47 -9.87
C GLY B 34 -10.96 35.12 -10.01
N ASN B 35 -11.21 33.84 -10.31
CA ASN B 35 -12.53 33.24 -10.39
C ASN B 35 -12.83 32.45 -9.12
N TYR B 36 -14.08 32.58 -8.60
CA TYR B 36 -14.52 31.84 -7.42
C TYR B 36 -15.87 31.17 -7.61
N VAL B 37 -16.03 29.98 -7.03
CA VAL B 37 -17.34 29.39 -6.88
C VAL B 37 -17.93 29.80 -5.53
N VAL B 38 -19.24 30.13 -5.55
CA VAL B 38 -19.91 30.60 -4.35
C VAL B 38 -21.24 29.86 -4.19
N SER B 39 -21.51 29.44 -2.94
CA SER B 39 -22.84 29.06 -2.50
C SER B 39 -23.45 30.22 -1.75
N ARG B 40 -24.62 30.66 -2.21
CA ARG B 40 -25.35 31.70 -1.55
C ARG B 40 -26.49 31.10 -0.74
N GLY B 41 -26.46 29.77 -0.54
CA GLY B 41 -27.36 29.12 0.40
C GLY B 41 -28.63 28.53 -0.24
N ASP B 42 -29.36 27.81 0.61
CA ASP B 42 -30.65 27.21 0.30
C ASP B 42 -31.74 28.23 0.59
N GLY B 43 -32.96 27.94 0.13
CA GLY B 43 -34.15 28.72 0.45
C GLY B 43 -34.51 29.75 -0.62
N TRP B 44 -33.83 29.71 -1.75
CA TRP B 44 -34.11 30.66 -2.81
C TRP B 44 -35.39 30.24 -3.50
N ILE B 45 -36.22 31.26 -3.77
CA ILE B 45 -37.43 31.13 -4.54
C ILE B 45 -37.33 32.07 -5.74
N LEU B 46 -37.98 31.67 -6.85
CA LEU B 46 -37.74 32.22 -8.17
C LEU B 46 -38.92 33.09 -8.57
N SER B 47 -38.61 34.19 -9.27
CA SER B 47 -39.59 35.19 -9.65
C SER B 47 -40.70 34.64 -10.54
N ARG B 48 -41.95 35.04 -10.22
CA ARG B 48 -43.12 34.80 -11.04
C ARG B 48 -43.67 33.38 -10.89
N GLN B 49 -42.92 32.43 -10.30
CA GLN B 49 -43.23 31.00 -10.38
C GLN B 49 -43.93 30.55 -9.09
N ASN B 50 -44.48 31.50 -8.34
CA ASN B 50 -45.07 31.23 -7.04
C ASN B 50 -46.07 30.09 -7.10
N GLN B 51 -47.09 30.22 -7.96
CA GLN B 51 -48.28 29.34 -7.92
C GLN B 51 -48.37 28.32 -9.05
N ILE B 52 -47.26 27.92 -9.65
CA ILE B 52 -47.31 27.03 -10.80
C ILE B 52 -47.50 25.57 -10.39
N LEU B 53 -47.46 25.29 -9.08
CA LEU B 53 -47.70 23.94 -8.60
C LEU B 53 -49.12 23.81 -8.07
N GLY B 54 -49.82 24.93 -7.89
CA GLY B 54 -51.14 24.89 -7.27
C GLY B 54 -51.09 25.12 -5.76
N GLY B 55 -52.28 25.20 -5.18
CA GLY B 55 -52.46 25.32 -3.75
C GLY B 55 -53.76 24.68 -3.29
N SER B 56 -53.93 24.67 -1.96
CA SER B 56 -55.02 24.03 -1.29
C SER B 56 -55.83 25.11 -0.59
N VAL B 57 -57.14 24.91 -0.57
CA VAL B 57 -58.01 25.69 0.27
C VAL B 57 -58.61 24.75 1.32
N ILE B 58 -58.39 25.06 2.60
CA ILE B 58 -58.95 24.29 3.69
C ILE B 58 -59.86 25.21 4.52
N SER B 59 -60.79 24.58 5.23
CA SER B 59 -61.85 25.34 5.87
C SER B 59 -62.22 24.71 7.21
N ASN B 60 -62.47 25.59 8.18
CA ASN B 60 -63.29 25.36 9.35
C ASN B 60 -62.84 24.16 10.15
N GLY B 61 -61.58 24.18 10.59
CA GLY B 61 -61.05 23.21 11.54
C GLY B 61 -60.25 22.09 10.87
N SER B 62 -60.34 21.96 9.51
CA SER B 62 -59.63 20.92 8.80
C SER B 62 -58.15 21.27 8.65
N THR B 63 -57.32 20.24 8.49
CA THR B 63 -55.88 20.38 8.29
C THR B 63 -55.59 20.00 6.86
N GLY B 64 -54.78 20.82 6.19
CA GLY B 64 -54.27 20.53 4.86
C GLY B 64 -52.78 20.19 4.94
N ILE B 65 -52.37 19.15 4.22
CA ILE B 65 -50.97 18.73 4.17
C ILE B 65 -50.54 18.68 2.71
N VAL B 66 -49.57 19.51 2.36
CA VAL B 66 -49.11 19.60 1.00
C VAL B 66 -47.63 19.26 0.99
N GLY B 67 -47.23 18.50 -0.02
CA GLY B 67 -45.86 18.06 -0.15
C GLY B 67 -45.52 17.66 -1.58
N ASP B 68 -44.35 17.06 -1.73
CA ASP B 68 -43.83 16.73 -3.06
C ASP B 68 -42.64 15.81 -2.86
N LEU B 69 -42.07 15.33 -3.97
CA LEU B 69 -40.94 14.41 -3.95
C LEU B 69 -39.92 14.79 -5.03
N ARG B 70 -38.69 15.17 -4.58
CA ARG B 70 -37.66 15.71 -5.46
C ARG B 70 -36.91 14.64 -6.23
N VAL B 71 -37.32 14.41 -7.51
CA VAL B 71 -36.74 13.36 -8.33
C VAL B 71 -36.87 13.53 -9.84
N ASN B 72 -35.70 13.31 -10.49
CA ASN B 72 -35.56 13.29 -11.96
C ASN B 72 -36.08 14.56 -12.62
N ASP B 73 -37.30 14.53 -13.16
CA ASP B 73 -37.85 15.65 -13.91
C ASP B 73 -38.07 16.99 -13.21
N ASN B 74 -38.34 16.93 -11.89
CA ASN B 74 -38.57 18.16 -11.13
C ASN B 74 -37.26 18.45 -10.39
N ALA B 75 -36.20 17.71 -10.71
CA ALA B 75 -34.87 17.97 -10.14
C ALA B 75 -33.93 18.38 -11.26
N ILE B 76 -34.45 19.22 -12.17
CA ILE B 76 -33.70 19.79 -13.29
C ILE B 76 -33.24 21.18 -12.89
N PRO B 77 -31.91 21.42 -12.80
CA PRO B 77 -31.41 22.75 -12.47
C PRO B 77 -31.51 23.76 -13.61
N TYR B 78 -31.49 25.04 -13.23
CA TYR B 78 -31.52 26.14 -14.19
C TYR B 78 -30.15 26.83 -14.21
N TYR B 79 -29.45 26.74 -15.36
CA TYR B 79 -28.16 27.40 -15.53
C TYR B 79 -28.31 28.79 -16.13
N TYR B 80 -27.43 29.71 -15.74
CA TYR B 80 -27.37 31.06 -16.31
C TYR B 80 -25.90 31.39 -16.58
N PRO B 81 -25.38 30.98 -17.77
CA PRO B 81 -23.96 31.09 -18.09
C PRO B 81 -23.56 32.48 -18.60
N THR B 82 -22.24 32.75 -18.55
CA THR B 82 -21.67 33.99 -19.04
C THR B 82 -20.57 33.56 -20.01
N PRO B 83 -19.84 34.47 -20.72
CA PRO B 83 -18.81 34.02 -21.68
C PRO B 83 -17.65 33.24 -21.05
N SER B 84 -17.09 33.73 -19.91
CA SER B 84 -16.05 33.02 -19.17
C SER B 84 -16.53 31.73 -18.51
N PHE B 85 -17.84 31.57 -18.26
CA PHE B 85 -18.36 30.47 -17.44
C PHE B 85 -19.49 29.71 -18.12
N ASN B 86 -19.19 28.62 -18.81
CA ASN B 86 -20.21 27.82 -19.44
C ASN B 86 -20.78 26.82 -18.43
N GLU B 87 -21.76 26.06 -18.88
CA GLU B 87 -22.54 25.16 -18.06
C GLU B 87 -21.69 24.01 -17.54
N GLU B 88 -20.79 23.46 -18.36
CA GLU B 88 -19.90 22.42 -17.89
C GLU B 88 -19.00 22.99 -16.80
N TYR B 89 -18.48 24.21 -17.01
CA TYR B 89 -17.59 24.80 -16.03
C TYR B 89 -18.34 25.10 -14.71
N ILE B 90 -19.63 25.40 -14.79
CA ILE B 90 -20.39 25.77 -13.60
C ILE B 90 -20.64 24.50 -12.80
N LYS B 91 -21.16 23.49 -13.54
CA LYS B 91 -21.49 22.20 -12.99
C LYS B 91 -20.28 21.62 -12.28
N ASN B 92 -19.15 21.50 -12.97
CA ASN B 92 -17.98 20.83 -12.46
C ASN B 92 -17.46 21.57 -11.24
N ASN B 93 -17.28 22.88 -11.36
CA ASN B 93 -16.76 23.61 -10.23
C ASN B 93 -17.71 23.50 -9.05
N ILE B 94 -19.03 23.58 -9.26
CA ILE B 94 -20.03 23.54 -8.16
C ILE B 94 -19.98 22.16 -7.53
N GLN B 95 -19.85 21.08 -8.29
CA GLN B 95 -20.01 19.71 -7.81
C GLN B 95 -18.72 19.23 -7.13
N THR B 96 -17.58 19.81 -7.50
CA THR B 96 -16.33 19.48 -6.84
C THR B 96 -16.30 19.94 -5.38
N VAL B 97 -16.94 21.07 -5.07
CA VAL B 97 -16.79 21.71 -3.78
C VAL B 97 -18.05 21.48 -2.94
N PHE B 98 -19.23 21.63 -3.54
CA PHE B 98 -20.46 21.47 -2.79
C PHE B 98 -21.12 20.13 -3.12
N ALA B 99 -22.39 19.99 -2.74
CA ALA B 99 -23.10 18.73 -2.83
C ALA B 99 -23.20 18.33 -4.30
N ASN B 100 -23.01 17.05 -4.55
CA ASN B 100 -23.20 16.56 -5.89
C ASN B 100 -24.69 16.42 -6.11
N PHE B 101 -25.26 17.27 -6.98
CA PHE B 101 -26.69 17.28 -7.21
C PHE B 101 -27.06 16.26 -8.29
N THR B 102 -26.09 15.82 -9.12
CA THR B 102 -26.34 14.75 -10.09
C THR B 102 -26.59 13.42 -9.36
N GLU B 103 -25.62 13.02 -8.51
CA GLU B 103 -25.71 11.80 -7.68
C GLU B 103 -27.00 11.76 -6.86
N ALA B 104 -27.30 12.85 -6.12
CA ALA B 104 -28.45 12.90 -5.21
C ALA B 104 -29.82 12.89 -5.90
N ASN B 105 -29.89 13.23 -7.22
CA ASN B 105 -31.13 13.32 -7.98
C ASN B 105 -31.87 11.99 -8.06
N GLN B 106 -31.10 10.89 -8.10
CA GLN B 106 -31.60 9.51 -8.21
C GLN B 106 -32.58 9.11 -7.10
N ILE B 107 -32.27 9.52 -5.86
CA ILE B 107 -32.98 9.01 -4.69
C ILE B 107 -34.07 10.03 -4.30
N PRO B 108 -35.35 9.71 -4.48
CA PRO B 108 -36.40 10.62 -4.05
C PRO B 108 -36.25 11.06 -2.59
N ILE B 109 -36.17 12.37 -2.34
CA ILE B 109 -36.42 12.90 -1.00
C ILE B 109 -37.77 13.60 -0.94
N GLY B 110 -38.53 13.36 0.11
CA GLY B 110 -39.84 13.94 0.29
C GLY B 110 -39.81 15.08 1.30
N PHE B 111 -40.83 15.94 1.19
CA PHE B 111 -41.08 16.98 2.16
C PHE B 111 -42.58 17.25 2.18
N GLU B 112 -43.06 17.71 3.35
CA GLU B 112 -44.43 18.20 3.44
C GLU B 112 -44.58 19.29 4.51
N PHE B 113 -45.70 20.00 4.35
CA PHE B 113 -46.12 21.07 5.23
C PHE B 113 -47.57 20.88 5.60
N SER B 114 -47.84 21.11 6.90
CA SER B 114 -49.16 20.92 7.44
C SER B 114 -49.67 22.22 8.06
N LYS B 115 -50.91 22.57 7.69
CA LYS B 115 -51.59 23.73 8.26
C LYS B 115 -53.06 23.43 8.62
N THR B 116 -53.46 23.85 9.82
CA THR B 116 -54.84 23.76 10.26
C THR B 116 -55.53 25.10 10.04
N ALA B 117 -56.68 25.09 9.37
CA ALA B 117 -57.58 26.22 9.31
C ALA B 117 -58.23 26.45 10.67
N PRO B 118 -58.46 27.71 11.10
CA PRO B 118 -59.16 27.93 12.35
C PRO B 118 -60.65 27.65 12.16
N SER B 119 -61.34 27.35 13.26
CA SER B 119 -62.79 27.22 13.23
C SER B 119 -63.39 28.42 12.50
N ASN B 120 -64.27 28.16 11.51
CA ASN B 120 -65.09 29.17 10.82
C ASN B 120 -64.29 30.18 10.00
N LYS B 121 -63.10 29.81 9.55
CA LYS B 121 -62.41 30.62 8.56
C LYS B 121 -61.87 29.70 7.49
N ASN B 122 -61.47 30.30 6.35
CA ASN B 122 -60.87 29.62 5.24
C ASN B 122 -59.42 30.07 5.14
N LEU B 123 -58.56 29.11 4.79
CA LEU B 123 -57.15 29.35 4.58
C LEU B 123 -56.77 28.84 3.20
N TYR B 124 -55.78 29.52 2.58
CA TYR B 124 -55.25 29.16 1.28
C TYR B 124 -53.76 28.91 1.47
N MET B 125 -53.27 27.75 1.05
CA MET B 125 -51.84 27.41 1.16
C MET B 125 -51.32 26.94 -0.19
N TYR B 126 -50.23 27.57 -0.63
CA TYR B 126 -49.70 27.24 -1.95
C TYR B 126 -48.23 26.87 -1.85
N LEU B 127 -47.81 26.03 -2.80
CA LEU B 127 -46.50 25.40 -2.78
C LEU B 127 -45.62 26.01 -3.84
N GLN B 128 -44.38 26.18 -3.43
CA GLN B 128 -43.32 26.59 -4.32
C GLN B 128 -42.04 25.80 -4.04
N TYR B 129 -41.29 25.44 -5.09
CA TYR B 129 -39.98 24.86 -4.88
C TYR B 129 -38.97 25.90 -4.40
N THR B 130 -38.02 25.46 -3.59
CA THR B 130 -36.87 26.25 -3.20
C THR B 130 -35.65 25.71 -3.93
N TYR B 131 -34.59 26.52 -3.98
CA TYR B 131 -33.36 26.23 -4.69
C TYR B 131 -32.17 26.69 -3.84
N ILE B 132 -31.05 26.04 -4.11
CA ILE B 132 -29.75 26.55 -3.71
C ILE B 132 -29.25 27.37 -4.89
N ARG B 133 -28.79 28.58 -4.58
CA ARG B 133 -28.18 29.45 -5.56
C ARG B 133 -26.67 29.34 -5.46
N TYR B 134 -26.08 28.90 -6.57
CA TYR B 134 -24.66 28.90 -6.75
C TYR B 134 -24.34 29.98 -7.77
N GLU B 135 -23.10 30.47 -7.67
CA GLU B 135 -22.58 31.48 -8.57
C GLU B 135 -21.12 31.16 -8.84
N ILE B 136 -20.72 31.48 -10.08
CA ILE B 136 -19.33 31.67 -10.41
C ILE B 136 -19.11 33.17 -10.58
N ILE B 137 -18.07 33.70 -9.93
CA ILE B 137 -17.76 35.12 -10.09
C ILE B 137 -16.31 35.32 -10.53
N LYS B 138 -16.10 36.33 -11.38
CA LYS B 138 -14.78 36.82 -11.69
C LYS B 138 -14.62 38.14 -10.98
N VAL B 139 -13.55 38.20 -10.19
CA VAL B 139 -13.17 39.37 -9.42
C VAL B 139 -11.92 39.99 -10.02
N LEU B 140 -11.94 41.32 -10.25
CA LEU B 140 -10.77 42.13 -10.58
C LEU B 140 -10.71 43.41 -9.76
N GLN B 141 -9.61 43.69 -9.04
CA GLN B 141 -9.44 44.97 -8.35
C GLN B 141 -10.69 45.22 -7.50
N HIS B 142 -11.15 44.15 -6.82
CA HIS B 142 -12.20 44.22 -5.82
C HIS B 142 -13.56 44.54 -6.45
N GLU B 143 -13.77 44.12 -7.69
CA GLU B 143 -15.03 44.36 -8.40
C GLU B 143 -15.50 43.05 -9.00
N ILE B 144 -16.79 42.69 -8.84
CA ILE B 144 -17.31 41.54 -9.58
C ILE B 144 -17.67 42.02 -10.98
N ILE B 145 -16.87 41.54 -11.96
CA ILE B 145 -17.01 41.99 -13.34
C ILE B 145 -17.80 40.98 -14.13
N GLU B 146 -17.92 39.74 -13.64
CA GLU B 146 -18.74 38.74 -14.31
C GLU B 146 -19.36 37.75 -13.32
N ARG B 147 -20.57 37.26 -13.61
CA ARG B 147 -21.32 36.39 -12.70
C ARG B 147 -22.23 35.41 -13.43
N ALA B 148 -21.95 34.12 -13.33
CA ALA B 148 -22.85 33.08 -13.75
C ALA B 148 -23.64 32.50 -12.56
N VAL B 149 -24.86 32.00 -12.80
CA VAL B 149 -25.71 31.51 -11.73
C VAL B 149 -26.30 30.14 -12.10
N LEU B 150 -26.37 29.30 -11.05
CA LEU B 150 -27.06 28.02 -11.08
C LEU B 150 -28.00 27.89 -9.89
N TYR B 151 -29.25 27.53 -10.16
CA TYR B 151 -30.20 27.18 -9.13
C TYR B 151 -30.41 25.67 -9.15
N VAL B 152 -30.09 25.02 -8.03
CA VAL B 152 -30.27 23.60 -7.88
C VAL B 152 -31.53 23.34 -7.06
N PRO B 153 -32.53 22.57 -7.53
CA PRO B 153 -33.71 22.28 -6.73
C PRO B 153 -33.34 21.65 -5.39
N SER B 154 -33.92 22.17 -4.32
CA SER B 154 -33.71 21.63 -2.96
C SER B 154 -35.03 20.98 -2.55
N LEU B 155 -35.78 21.52 -1.60
CA LEU B 155 -37.09 20.98 -1.19
C LEU B 155 -38.16 21.98 -1.67
N GLY B 156 -38.97 22.52 -0.77
CA GLY B 156 -39.99 23.50 -1.11
C GLY B 156 -40.44 24.33 0.06
N TYR B 157 -41.42 25.19 -0.16
CA TYR B 157 -41.91 26.14 0.82
C TYR B 157 -43.41 26.36 0.59
N VAL B 158 -44.19 26.39 1.67
CA VAL B 158 -45.60 26.69 1.60
C VAL B 158 -45.90 28.00 2.34
N LYS B 159 -46.52 28.95 1.65
CA LYS B 159 -47.07 30.14 2.27
C LYS B 159 -48.57 29.98 2.48
N SER B 160 -49.11 30.48 3.60
CA SER B 160 -50.55 30.46 3.89
C SER B 160 -51.09 31.85 4.21
N ILE B 161 -52.40 31.99 4.04
CA ILE B 161 -53.18 33.19 4.33
C ILE B 161 -54.61 32.78 4.69
N GLU B 162 -55.10 33.33 5.81
CA GLU B 162 -56.51 33.21 6.12
C GLU B 162 -57.25 34.25 5.27
N PHE B 163 -58.51 33.97 4.90
CA PHE B 163 -59.22 34.95 4.09
C PHE B 163 -60.74 34.80 4.24
N ASN B 164 -61.43 35.92 4.00
CA ASN B 164 -62.87 36.01 4.02
C ASN B 164 -63.33 36.24 2.59
N PRO B 165 -64.57 35.85 2.24
CA PRO B 165 -65.03 36.03 0.87
C PRO B 165 -64.95 37.51 0.46
N GLY B 166 -64.36 37.76 -0.72
CA GLY B 166 -64.29 39.07 -1.33
C GLY B 166 -63.10 39.89 -0.83
N GLU B 167 -62.30 39.30 0.07
CA GLU B 167 -61.21 40.02 0.72
C GLU B 167 -60.14 40.28 -0.34
N LYS B 168 -59.56 41.48 -0.27
CA LYS B 168 -58.46 41.86 -1.14
C LYS B 168 -57.19 41.28 -0.55
N ILE B 169 -56.38 40.62 -1.39
CA ILE B 169 -55.12 40.08 -0.93
C ILE B 169 -54.04 40.90 -1.65
N ASN B 170 -52.96 41.19 -0.94
CA ASN B 170 -51.79 41.86 -1.51
C ASN B 170 -51.26 41.06 -2.70
N LYS B 171 -50.99 41.70 -3.85
CA LYS B 171 -50.41 40.94 -4.96
C LYS B 171 -49.11 40.24 -4.58
N ASP B 172 -48.34 40.79 -3.65
CA ASP B 172 -47.04 40.25 -3.32
C ASP B 172 -47.18 38.92 -2.59
N PHE B 173 -48.37 38.68 -2.03
CA PHE B 173 -48.62 37.42 -1.38
C PHE B 173 -48.50 36.34 -2.47
N TYR B 174 -49.08 36.62 -3.64
CA TYR B 174 -49.17 35.62 -4.68
C TYR B 174 -48.00 35.61 -5.64
N PHE B 175 -47.31 36.76 -5.81
CA PHE B 175 -46.48 36.98 -6.99
C PHE B 175 -45.16 37.67 -6.64
N LEU B 176 -44.05 36.96 -6.89
CA LEU B 176 -42.74 37.46 -6.58
C LEU B 176 -42.17 38.06 -7.84
N THR B 177 -41.69 39.30 -7.75
CA THR B 177 -41.17 40.00 -8.92
C THR B 177 -39.67 39.73 -9.08
N ASN B 178 -38.93 39.49 -7.99
CA ASN B 178 -37.49 39.26 -8.07
C ASN B 178 -37.09 38.04 -7.24
N ASP B 179 -36.18 37.19 -7.77
CA ASP B 179 -35.59 36.11 -7.00
C ASP B 179 -35.22 36.61 -5.59
N LYS B 180 -35.54 35.83 -4.56
CA LYS B 180 -34.99 36.13 -3.23
C LYS B 180 -34.80 34.85 -2.44
N CYS B 181 -34.09 34.97 -1.33
CA CYS B 181 -33.91 33.90 -0.36
C CYS B 181 -34.88 34.12 0.77
N ILE B 182 -35.60 33.06 1.18
CA ILE B 182 -36.59 33.12 2.26
C ILE B 182 -35.90 32.89 3.59
N LEU B 183 -34.67 32.39 3.51
CA LEU B 183 -33.78 32.31 4.66
C LEU B 183 -32.75 33.43 4.56
N ASN B 184 -31.81 33.45 5.50
CA ASN B 184 -30.61 34.27 5.39
C ASN B 184 -29.72 33.71 4.29
N GLU B 185 -29.16 34.62 3.50
CA GLU B 185 -28.26 34.23 2.44
C GLU B 185 -26.93 33.85 3.08
N GLN B 186 -26.21 32.98 2.38
CA GLN B 186 -24.80 32.75 2.68
C GLN B 186 -23.97 33.31 1.53
N PHE B 187 -22.65 33.29 1.77
CA PHE B 187 -21.62 33.61 0.81
C PHE B 187 -20.38 32.77 1.19
N LEU B 188 -20.39 31.54 0.73
CA LEU B 188 -19.37 30.57 1.03
C LEU B 188 -18.67 30.24 -0.30
N TYR B 189 -17.37 30.55 -0.36
CA TYR B 189 -16.66 30.68 -1.61
C TYR B 189 -15.40 29.81 -1.59
N LYS B 190 -14.94 29.50 -2.79
CA LYS B 190 -13.63 28.91 -2.97
C LYS B 190 -13.05 29.39 -4.30
N LYS B 191 -11.79 29.84 -4.23
CA LYS B 191 -11.01 30.30 -5.37
C LYS B 191 -10.80 29.13 -6.31
N ILE B 192 -11.23 29.26 -7.57
CA ILE B 192 -11.01 28.21 -8.55
C ILE B 192 -9.59 28.33 -9.07
N LEU B 193 -8.90 27.20 -9.23
CA LEU B 193 -7.53 27.21 -9.75
C LEU B 193 -7.47 27.03 -11.27
N GLU B 194 -6.72 27.92 -11.94
CA GLU B 194 -6.23 27.79 -13.32
C GLU B 194 -7.39 28.02 -14.31
N ARG B 214 -0.89 7.32 19.81
CA ARG B 214 -1.87 6.56 20.62
C ARG B 214 -1.39 5.11 20.77
N VAL B 215 -1.38 4.58 21.99
CA VAL B 215 -0.86 3.24 22.20
C VAL B 215 -2.03 2.28 22.16
N LEU B 216 -2.02 1.39 21.16
CA LEU B 216 -3.02 0.35 21.00
C LEU B 216 -2.41 -0.97 21.47
N PRO B 217 -2.84 -1.52 22.64
CA PRO B 217 -2.29 -2.77 23.15
C PRO B 217 -3.01 -3.97 22.57
N TYR B 218 -3.22 -3.96 21.25
CA TYR B 218 -4.02 -5.00 20.64
C TYR B 218 -3.09 -6.11 20.18
N SER B 219 -3.54 -7.35 20.34
CA SER B 219 -2.89 -8.52 19.79
C SER B 219 -2.81 -8.41 18.27
N ASN B 220 -1.77 -8.96 17.65
CA ASN B 220 -1.73 -9.08 16.22
C ASN B 220 -3.06 -9.63 15.72
N GLY B 221 -3.67 -8.93 14.75
CA GLY B 221 -4.72 -9.47 13.88
C GLY B 221 -5.67 -8.38 13.35
N LEU B 222 -6.90 -8.76 13.01
CA LEU B 222 -7.87 -7.85 12.42
C LEU B 222 -8.81 -7.33 13.50
N TYR B 223 -9.24 -6.08 13.28
CA TYR B 223 -10.18 -5.38 14.12
C TYR B 223 -11.07 -4.51 13.26
N VAL B 224 -12.37 -4.63 13.51
CA VAL B 224 -13.33 -3.66 13.06
C VAL B 224 -13.77 -2.78 14.23
N ILE B 225 -13.86 -1.48 13.99
CA ILE B 225 -14.13 -0.55 15.07
C ILE B 225 -15.28 0.38 14.68
N ASN B 226 -16.31 0.42 15.51
CA ASN B 226 -17.38 1.36 15.30
C ASN B 226 -16.95 2.69 15.95
N LYS B 227 -16.77 3.71 15.12
CA LYS B 227 -16.33 5.02 15.59
C LYS B 227 -17.52 5.97 15.74
N GLY B 228 -18.75 5.46 15.55
CA GLY B 228 -19.96 6.20 15.90
C GLY B 228 -20.83 6.56 14.70
N ASP B 229 -21.94 7.21 15.01
CA ASP B 229 -23.05 7.47 14.11
C ASP B 229 -23.24 8.97 13.90
N GLY B 230 -24.02 9.36 12.87
CA GLY B 230 -24.30 10.75 12.61
C GLY B 230 -23.14 11.54 11.96
N TYR B 231 -22.32 10.86 11.16
CA TYR B 231 -21.22 11.52 10.46
C TYR B 231 -21.77 12.17 9.20
N ILE B 232 -21.28 13.37 8.89
CA ILE B 232 -21.56 14.10 7.66
C ILE B 232 -20.27 14.67 7.09
N ARG B 233 -20.27 14.89 5.78
CA ARG B 233 -19.19 15.57 5.09
C ARG B 233 -19.32 17.07 5.32
N THR B 234 -18.19 17.79 5.21
CA THR B 234 -18.18 19.24 5.31
C THR B 234 -18.88 19.86 4.09
N ASN B 235 -19.13 21.16 4.17
CA ASN B 235 -19.56 22.03 3.08
C ASN B 235 -20.93 21.63 2.51
N ASP B 236 -21.80 21.10 3.39
CA ASP B 236 -23.15 20.71 3.07
C ASP B 236 -23.18 19.66 1.96
N LYS B 237 -22.18 18.78 1.89
CA LYS B 237 -22.18 17.76 0.86
C LYS B 237 -23.28 16.71 1.09
N ASP B 238 -23.78 16.59 2.32
CA ASP B 238 -24.81 15.62 2.64
C ASP B 238 -26.10 16.30 3.08
N LEU B 239 -26.19 17.61 2.86
CA LEU B 239 -27.41 18.34 3.13
C LEU B 239 -28.50 17.75 2.25
N ILE B 240 -29.61 17.34 2.86
CA ILE B 240 -30.81 16.95 2.14
C ILE B 240 -31.62 18.18 1.75
N GLY B 241 -31.90 19.05 2.73
CA GLY B 241 -32.55 20.30 2.42
C GLY B 241 -32.90 21.08 3.68
N THR B 242 -33.53 22.24 3.46
CA THR B 242 -33.96 23.09 4.55
C THR B 242 -35.42 23.44 4.34
N LEU B 243 -36.23 23.43 5.38
CA LEU B 243 -37.54 24.06 5.26
C LEU B 243 -37.59 25.29 6.16
N LEU B 244 -38.18 26.35 5.61
CA LEU B 244 -38.80 27.40 6.40
C LEU B 244 -40.22 26.98 6.80
N ILE B 245 -40.44 26.87 8.11
CA ILE B 245 -41.75 26.54 8.68
C ILE B 245 -42.36 27.77 9.38
N GLU B 246 -43.47 28.26 8.80
CA GLU B 246 -44.24 29.42 9.27
C GLU B 246 -44.81 29.08 10.64
N ALA B 247 -44.82 30.10 11.51
CA ALA B 247 -45.48 30.08 12.81
C ALA B 247 -46.82 29.37 12.68
N GLY B 248 -47.06 28.42 13.58
CA GLY B 248 -48.34 27.77 13.70
C GLY B 248 -48.58 26.73 12.61
N SER B 249 -47.52 26.11 12.12
CA SER B 249 -47.64 25.10 11.09
C SER B 249 -46.53 24.12 11.36
N SER B 250 -46.48 23.02 10.60
CA SER B 250 -45.45 22.03 10.78
C SER B 250 -44.88 21.63 9.42
N GLY B 251 -43.70 21.02 9.45
CA GLY B 251 -42.99 20.68 8.24
C GLY B 251 -42.15 19.42 8.47
N SER B 252 -42.02 18.61 7.41
CA SER B 252 -41.25 17.38 7.47
C SER B 252 -40.39 17.17 6.24
N ILE B 253 -39.22 16.59 6.52
CA ILE B 253 -38.27 16.09 5.55
C ILE B 253 -38.26 14.58 5.71
N ILE B 254 -38.45 13.89 4.57
CA ILE B 254 -38.82 12.49 4.50
C ILE B 254 -37.85 11.75 3.58
N GLN B 255 -37.26 10.67 4.10
CA GLN B 255 -36.56 9.66 3.30
C GLN B 255 -37.48 8.43 3.26
N PRO B 256 -38.35 8.34 2.22
CA PRO B 256 -39.39 7.33 2.15
C PRO B 256 -38.93 6.00 1.55
N ARG B 257 -37.65 5.88 1.15
CA ARG B 257 -37.13 4.68 0.50
C ARG B 257 -37.97 4.27 -0.73
N LEU B 258 -38.30 5.23 -1.62
CA LEU B 258 -38.99 4.87 -2.85
C LEU B 258 -38.03 4.09 -3.75
N ARG B 259 -36.75 4.49 -3.81
CA ARG B 259 -35.69 3.56 -4.19
C ARG B 259 -34.90 3.20 -2.92
N ASN B 260 -34.35 1.97 -2.87
CA ASN B 260 -33.61 1.42 -1.74
C ASN B 260 -32.12 1.79 -1.77
N THR B 261 -31.64 2.35 -2.86
CA THR B 261 -30.21 2.55 -3.04
C THR B 261 -29.67 3.48 -1.95
N THR B 262 -28.62 3.03 -1.28
CA THR B 262 -27.81 3.91 -0.44
C THR B 262 -26.41 3.98 -1.05
N ARG B 263 -25.60 4.98 -0.63
CA ARG B 263 -24.28 5.22 -1.17
C ARG B 263 -23.20 5.21 -0.09
N PRO B 264 -22.61 4.04 0.26
CA PRO B 264 -21.48 4.02 1.20
C PRO B 264 -20.28 4.82 0.70
N LEU B 265 -19.49 5.40 1.61
CA LEU B 265 -18.21 5.97 1.25
C LEU B 265 -17.11 5.04 1.77
N PHE B 266 -16.10 4.80 0.94
CA PHE B 266 -15.05 3.83 1.23
C PHE B 266 -13.68 4.35 0.80
N THR B 267 -12.72 4.25 1.73
CA THR B 267 -11.29 4.44 1.51
C THR B 267 -10.58 3.17 1.98
N THR B 268 -9.41 2.88 1.37
CA THR B 268 -8.53 1.79 1.79
C THR B 268 -7.08 2.14 1.51
N SER B 269 -6.18 1.72 2.43
CA SER B 269 -4.74 1.83 2.24
C SER B 269 -4.25 0.82 1.20
N ASN B 270 -5.06 -0.17 0.89
CA ASN B 270 -4.56 -1.31 0.15
C ASN B 270 -5.76 -2.08 -0.38
N ASP B 271 -6.18 -1.79 -1.63
CA ASP B 271 -7.32 -2.44 -2.25
C ASP B 271 -7.00 -3.89 -2.57
N ALA B 272 -5.70 -4.25 -2.61
CA ALA B 272 -5.33 -5.64 -2.79
C ALA B 272 -5.83 -6.50 -1.61
N LYS B 273 -5.63 -6.03 -0.38
CA LYS B 273 -5.96 -6.83 0.79
C LYS B 273 -7.33 -6.43 1.36
N PHE B 274 -7.49 -5.16 1.69
CA PHE B 274 -8.76 -4.60 2.14
C PHE B 274 -9.54 -4.01 0.97
N SER B 275 -10.11 -4.85 0.09
CA SER B 275 -11.03 -4.34 -0.90
C SER B 275 -12.33 -3.94 -0.22
N GLN B 276 -13.26 -3.36 -0.97
CA GLN B 276 -14.57 -3.04 -0.43
C GLN B 276 -15.25 -4.31 0.04
N GLN B 277 -15.20 -5.38 -0.76
CA GLN B 277 -15.98 -6.58 -0.49
C GLN B 277 -15.45 -7.27 0.77
N TYR B 278 -14.13 -7.40 0.88
CA TYR B 278 -13.47 -7.90 2.07
C TYR B 278 -13.82 -7.03 3.28
N THR B 279 -13.85 -5.71 3.12
CA THR B 279 -14.13 -4.87 4.27
C THR B 279 -15.56 -5.15 4.74
N GLU B 280 -16.50 -5.30 3.77
CA GLU B 280 -17.89 -5.56 4.05
C GLU B 280 -18.12 -6.88 4.80
N GLU B 281 -17.40 -7.95 4.40
CA GLU B 281 -17.43 -9.24 5.04
C GLU B 281 -16.89 -9.16 6.47
N ARG B 282 -15.94 -8.26 6.71
CA ARG B 282 -15.37 -8.03 8.02
C ARG B 282 -16.40 -7.41 8.96
N LEU B 283 -17.09 -6.35 8.49
CA LEU B 283 -18.25 -5.77 9.13
C LEU B 283 -19.30 -6.84 9.43
N LYS B 284 -19.54 -7.75 8.47
CA LYS B 284 -20.47 -8.86 8.70
C LYS B 284 -19.99 -9.77 9.83
N ASP B 285 -18.71 -10.20 9.80
CA ASP B 285 -18.10 -10.95 10.90
C ASP B 285 -18.25 -10.23 12.25
N ALA B 286 -18.00 -8.92 12.30
CA ALA B 286 -17.96 -8.18 13.55
C ALA B 286 -19.35 -7.93 14.15
N PHE B 287 -20.29 -7.40 13.36
CA PHE B 287 -21.58 -6.94 13.87
C PHE B 287 -22.78 -7.53 13.11
N ASN B 288 -22.51 -8.42 12.15
CA ASN B 288 -23.52 -9.05 11.31
C ASN B 288 -24.19 -7.99 10.43
N VAL B 289 -23.44 -6.99 9.98
CA VAL B 289 -23.95 -6.07 8.98
C VAL B 289 -24.32 -6.87 7.71
N GLN B 290 -25.49 -6.56 7.12
CA GLN B 290 -25.99 -7.38 6.01
C GLN B 290 -26.20 -6.54 4.75
N LEU B 291 -26.53 -5.27 4.89
CA LEU B 291 -26.90 -4.41 3.77
C LEU B 291 -25.98 -3.22 3.76
N PHE B 292 -25.26 -3.08 2.64
CA PHE B 292 -24.19 -2.11 2.52
C PHE B 292 -24.62 -0.97 1.61
N ASN B 293 -25.31 -1.26 0.52
CA ASN B 293 -25.65 -0.21 -0.41
C ASN B 293 -27.13 -0.22 -0.70
N THR B 294 -27.95 -0.80 0.20
CA THR B 294 -29.40 -0.74 0.13
C THR B 294 -29.94 -0.58 1.54
N SER B 295 -31.18 -0.12 1.65
CA SER B 295 -31.87 -0.01 2.93
C SER B 295 -33.37 0.05 2.69
N THR B 296 -34.13 -0.63 3.55
CA THR B 296 -35.56 -0.45 3.72
C THR B 296 -35.85 0.38 4.99
N SER B 297 -34.83 0.94 5.63
CA SER B 297 -35.10 1.66 6.86
C SER B 297 -35.50 3.10 6.57
N LEU B 298 -36.74 3.49 6.87
CA LEU B 298 -37.24 4.83 6.62
C LEU B 298 -36.78 5.78 7.73
N PHE B 299 -36.59 7.03 7.36
CA PHE B 299 -36.41 8.09 8.36
C PHE B 299 -37.05 9.36 7.82
N LYS B 300 -37.46 10.17 8.79
CA LYS B 300 -38.26 11.37 8.60
C LYS B 300 -38.07 12.28 9.80
N PHE B 301 -38.04 13.58 9.55
CA PHE B 301 -37.99 14.59 10.60
C PHE B 301 -39.22 15.49 10.47
N VAL B 302 -39.88 15.70 11.62
CA VAL B 302 -41.09 16.51 11.71
C VAL B 302 -40.80 17.63 12.71
N GLU B 303 -41.18 18.85 12.35
CA GLU B 303 -41.01 19.98 13.23
C GLU B 303 -42.28 20.81 13.15
N GLU B 304 -42.76 21.20 14.34
CA GLU B 304 -43.92 22.08 14.51
C GLU B 304 -43.42 23.44 15.02
N ALA B 305 -43.64 24.50 14.22
CA ALA B 305 -43.30 25.85 14.60
C ALA B 305 -44.25 26.33 15.71
N PRO B 306 -43.78 27.00 16.79
CA PRO B 306 -44.68 27.61 17.76
C PRO B 306 -45.53 28.70 17.14
N SER B 307 -46.39 29.32 17.96
CA SER B 307 -47.32 30.37 17.53
C SER B 307 -46.55 31.66 17.22
N ASN B 308 -45.40 31.84 17.88
CA ASN B 308 -44.67 33.10 17.96
C ASN B 308 -43.32 33.10 17.21
N LYS B 309 -42.95 32.04 16.49
CA LYS B 309 -41.73 32.12 15.71
C LYS B 309 -41.82 31.19 14.49
N ASN B 310 -41.13 31.57 13.41
CA ASN B 310 -40.84 30.70 12.28
C ASN B 310 -39.65 29.81 12.63
N ILE B 311 -39.64 28.56 12.14
CA ILE B 311 -38.54 27.67 12.42
C ILE B 311 -37.88 27.24 11.11
N CYS B 312 -36.57 27.01 11.20
CA CYS B 312 -35.77 26.44 10.13
C CYS B 312 -35.43 25.03 10.60
N ILE B 313 -35.67 24.03 9.72
CA ILE B 313 -35.16 22.70 9.95
C ILE B 313 -34.28 22.31 8.76
N LYS B 314 -33.02 21.94 9.04
CA LYS B 314 -32.11 21.38 8.05
C LYS B 314 -31.90 19.91 8.38
N ALA B 315 -31.83 19.10 7.32
CA ALA B 315 -31.71 17.64 7.42
C ALA B 315 -30.53 17.18 6.58
N TYR B 316 -29.79 16.22 7.12
CA TYR B 316 -28.61 15.70 6.46
C TYR B 316 -28.72 14.18 6.40
N ASN B 317 -28.26 13.61 5.29
CA ASN B 317 -27.80 12.25 5.24
C ASN B 317 -26.61 12.09 6.18
N THR B 318 -26.51 10.92 6.81
CA THR B 318 -25.45 10.64 7.76
C THR B 318 -24.81 9.30 7.40
N TYR B 319 -23.65 9.07 8.04
CA TYR B 319 -23.01 7.78 8.01
C TYR B 319 -22.60 7.35 9.41
N GLU B 320 -22.54 6.04 9.58
CA GLU B 320 -21.87 5.35 10.66
C GLU B 320 -20.50 4.91 10.15
N LYS B 321 -19.46 5.29 10.92
CA LYS B 321 -18.07 5.10 10.53
C LYS B 321 -17.49 3.85 11.20
N TYR B 322 -17.09 2.91 10.36
CA TYR B 322 -16.33 1.73 10.74
C TYR B 322 -14.89 1.89 10.28
N GLU B 323 -13.95 1.62 11.17
CA GLU B 323 -12.55 1.41 10.77
C GLU B 323 -12.24 -0.07 10.82
N LEU B 324 -11.56 -0.56 9.78
CA LEU B 324 -11.00 -1.90 9.79
C LEU B 324 -9.49 -1.76 9.78
N ILE B 325 -8.80 -2.41 10.72
CA ILE B 325 -7.35 -2.33 10.79
C ILE B 325 -6.75 -3.73 10.83
N ASP B 326 -5.61 -3.89 10.14
CA ASP B 326 -4.72 -5.04 10.23
C ASP B 326 -3.58 -4.55 11.10
N TYR B 327 -3.50 -5.05 12.33
CA TYR B 327 -2.54 -4.59 13.30
C TYR B 327 -1.53 -5.71 13.56
N GLN B 328 -0.24 -5.37 13.40
CA GLN B 328 0.87 -6.31 13.50
C GLN B 328 2.00 -5.64 14.26
N ASN B 329 2.35 -6.17 15.45
CA ASN B 329 3.50 -5.76 16.25
C ASN B 329 3.48 -4.29 16.55
N GLY B 330 2.31 -3.79 16.92
CA GLY B 330 2.23 -2.43 17.43
C GLY B 330 2.02 -1.37 16.33
N SER B 331 1.83 -1.78 15.08
CA SER B 331 1.47 -0.73 14.12
C SER B 331 0.35 -1.16 13.19
N ILE B 332 -0.42 -0.18 12.72
CA ILE B 332 -1.41 -0.43 11.71
C ILE B 332 -0.70 -0.53 10.36
N VAL B 333 -0.91 -1.66 9.71
CA VAL B 333 -0.24 -2.04 8.47
C VAL B 333 -1.20 -1.98 7.28
N ASN B 334 -2.50 -2.22 7.50
CA ASN B 334 -3.52 -1.89 6.52
C ASN B 334 -4.70 -1.24 7.25
N LYS B 335 -5.45 -0.40 6.55
CA LYS B 335 -6.58 0.31 7.15
C LYS B 335 -7.55 0.78 6.08
N ALA B 336 -8.81 0.38 6.23
CA ALA B 336 -9.90 0.86 5.39
C ALA B 336 -10.92 1.56 6.29
N GLU B 337 -11.55 2.60 5.72
CA GLU B 337 -12.66 3.28 6.38
C GLU B 337 -13.92 2.98 5.60
N TYR B 338 -14.96 2.50 6.29
CA TYR B 338 -16.25 2.31 5.69
C TYR B 338 -17.29 3.22 6.36
N TYR B 339 -17.88 4.10 5.55
CA TYR B 339 -18.95 4.96 6.00
C TYR B 339 -20.29 4.38 5.56
N LEU B 340 -20.97 3.69 6.49
CA LEU B 340 -22.20 3.00 6.23
C LEU B 340 -23.34 4.01 6.29
N PRO B 341 -24.18 4.12 5.23
CA PRO B 341 -25.34 4.99 5.24
C PRO B 341 -26.19 4.79 6.48
N SER B 342 -26.62 5.90 7.08
CA SER B 342 -27.30 5.84 8.36
C SER B 342 -28.62 6.61 8.27
N LEU B 343 -29.21 7.01 9.40
CA LEU B 343 -30.59 7.45 9.37
C LEU B 343 -30.76 8.95 9.69
N GLY B 344 -29.77 9.76 9.33
CA GLY B 344 -29.99 11.19 9.23
C GLY B 344 -29.68 12.00 10.50
N TYR B 345 -29.59 13.31 10.25
CA TYR B 345 -29.38 14.33 11.26
C TYR B 345 -30.24 15.53 10.89
N CYS B 346 -31.00 16.04 11.85
CA CYS B 346 -31.70 17.27 11.63
C CYS B 346 -31.43 18.27 12.75
N GLU B 347 -31.22 19.50 12.28
CA GLU B 347 -30.80 20.64 13.07
C GLU B 347 -31.95 21.65 13.00
N VAL B 348 -32.36 22.13 14.18
CA VAL B 348 -33.49 23.04 14.27
C VAL B 348 -33.04 24.36 14.87
N THR B 349 -33.25 25.44 14.10
CA THR B 349 -32.91 26.80 14.50
C THR B 349 -34.14 27.70 14.41
N ASN B 350 -34.22 28.64 15.36
CA ASN B 350 -35.09 29.80 15.21
C ASN B 350 -34.72 30.34 13.84
N ALA B 351 -35.70 30.67 13.01
CA ALA B 351 -35.41 31.11 11.67
C ALA B 351 -34.67 32.44 11.73
N PRO B 352 -33.41 32.52 11.24
CA PRO B 352 -32.78 33.82 11.03
C PRO B 352 -33.58 34.74 10.08
N SER B 353 -33.26 36.04 10.21
CA SER B 353 -33.93 37.09 9.47
C SER B 353 -33.45 37.07 8.02
N PRO B 354 -34.40 37.03 7.05
CA PRO B 354 -34.04 37.04 5.63
C PRO B 354 -33.35 38.32 5.17
N GLU B 355 -32.94 39.17 6.14
CA GLU B 355 -32.26 40.44 5.89
C GLU B 355 -31.10 40.68 6.86
N SER B 356 -30.62 39.62 7.54
CA SER B 356 -29.44 39.80 8.40
C SER B 356 -28.19 39.87 7.54
N GLU B 357 -27.07 40.19 8.21
CA GLU B 357 -25.83 40.54 7.50
C GLU B 357 -25.21 39.26 6.93
N VAL B 358 -24.82 39.28 5.64
CA VAL B 358 -24.19 38.15 4.98
C VAL B 358 -22.67 38.28 5.10
N VAL B 359 -22.03 37.35 5.82
CA VAL B 359 -20.61 37.37 6.06
C VAL B 359 -19.95 36.43 5.07
N LYS B 360 -18.93 36.90 4.33
CA LYS B 360 -18.27 36.09 3.32
C LYS B 360 -17.31 35.12 4.00
N THR B 361 -17.43 33.81 3.69
CA THR B 361 -16.70 32.79 4.42
C THR B 361 -16.12 31.80 3.43
N GLN B 362 -14.87 31.40 3.68
CA GLN B 362 -14.19 30.46 2.82
C GLN B 362 -14.68 29.08 3.21
N VAL B 363 -14.62 28.19 2.24
CA VAL B 363 -15.12 26.83 2.38
C VAL B 363 -14.17 26.06 3.28
N ALA B 364 -14.72 25.10 4.03
CA ALA B 364 -13.91 24.30 4.95
C ALA B 364 -13.16 23.26 4.13
N GLU B 365 -12.16 22.63 4.73
CA GLU B 365 -11.48 21.54 4.06
C GLU B 365 -12.49 20.41 3.97
N ASP B 366 -12.31 19.53 2.98
CA ASP B 366 -12.99 18.26 2.93
C ASP B 366 -12.68 17.52 4.23
N GLY B 367 -13.65 16.70 4.62
CA GLY B 367 -13.58 16.00 5.89
C GLY B 367 -15.00 15.66 6.30
N PHE B 368 -15.11 15.15 7.52
CA PHE B 368 -16.33 14.68 8.14
C PHE B 368 -16.48 15.42 9.46
N ILE B 369 -17.72 15.69 9.84
CA ILE B 369 -18.08 16.13 11.18
C ILE B 369 -18.96 15.01 11.75
N GLN B 370 -18.76 14.70 13.05
CA GLN B 370 -19.63 13.78 13.76
C GLN B 370 -20.67 14.55 14.57
N ASN B 371 -21.94 14.32 14.28
CA ASN B 371 -23.04 14.93 15.02
C ASN B 371 -23.72 13.91 15.94
N GLY B 372 -23.42 12.61 15.78
CA GLY B 372 -23.86 11.59 16.75
C GLY B 372 -22.91 11.46 17.96
N PRO B 373 -23.27 10.68 19.00
CA PRO B 373 -22.49 10.64 20.24
C PRO B 373 -21.17 9.87 20.11
N GLU B 374 -20.21 10.24 20.96
CA GLU B 374 -18.90 9.61 21.01
C GLU B 374 -19.06 8.09 21.15
N GLU B 375 -18.26 7.34 20.38
CA GLU B 375 -18.42 5.91 20.38
C GLU B 375 -17.16 5.28 19.80
N GLU B 376 -16.73 4.22 20.48
CA GLU B 376 -15.64 3.40 20.00
C GLU B 376 -15.87 1.97 20.48
N ILE B 377 -16.22 1.10 19.54
CA ILE B 377 -16.44 -0.30 19.83
C ILE B 377 -15.42 -1.07 19.00
N VAL B 378 -14.48 -1.72 19.70
CA VAL B 378 -13.44 -2.54 19.13
C VAL B 378 -13.87 -4.01 19.13
N VAL B 379 -13.98 -4.58 17.95
CA VAL B 379 -14.31 -5.97 17.79
C VAL B 379 -13.22 -6.65 16.96
N GLY B 380 -12.53 -7.60 17.60
CA GLY B 380 -11.61 -8.47 16.89
C GLY B 380 -12.40 -9.40 15.98
N VAL B 381 -11.82 -9.80 14.85
CA VAL B 381 -12.47 -10.73 13.94
C VAL B 381 -11.49 -11.83 13.48
N ILE B 382 -12.01 -13.03 13.35
CA ILE B 382 -11.23 -14.16 12.86
C ILE B 382 -10.62 -13.81 11.51
N ASP B 383 -9.32 -14.09 11.40
CA ASP B 383 -8.61 -13.84 10.17
C ASP B 383 -9.08 -14.90 9.19
N PRO B 384 -9.77 -14.53 8.08
CA PRO B 384 -10.32 -15.51 7.14
C PRO B 384 -9.27 -16.37 6.42
N SER B 385 -8.01 -15.95 6.36
CA SER B 385 -6.99 -16.73 5.69
C SER B 385 -6.49 -17.89 6.57
N GLU B 386 -6.99 -17.94 7.83
CA GLU B 386 -6.56 -18.94 8.78
C GLU B 386 -7.68 -19.95 9.06
N ASN B 387 -7.35 -21.24 8.99
CA ASN B 387 -8.34 -22.29 9.17
C ASN B 387 -8.73 -22.44 10.64
N ILE B 388 -9.94 -23.02 10.80
CA ILE B 388 -10.60 -23.31 12.05
C ILE B 388 -10.77 -24.83 12.18
N GLN B 389 -10.26 -25.36 13.30
CA GLN B 389 -10.49 -26.71 13.78
C GLN B 389 -11.31 -26.60 15.05
N GLU B 390 -11.85 -27.74 15.47
CA GLU B 390 -12.86 -27.83 16.52
C GLU B 390 -12.52 -28.99 17.43
N ILE B 391 -12.70 -28.77 18.74
CA ILE B 391 -12.81 -29.89 19.66
C ILE B 391 -14.30 -30.06 20.00
N ASN B 392 -14.87 -31.19 19.57
CA ASN B 392 -16.30 -31.41 19.53
C ASN B 392 -16.85 -31.83 20.90
N THR B 393 -15.98 -32.40 21.76
CA THR B 393 -16.35 -32.75 23.12
C THR B 393 -15.94 -31.62 24.08
N ALA B 394 -16.84 -31.27 25.01
CA ALA B 394 -16.55 -30.27 26.02
C ALA B 394 -15.45 -30.81 26.90
N ILE B 395 -14.54 -29.91 27.30
CA ILE B 395 -13.41 -30.30 28.13
C ILE B 395 -13.82 -30.22 29.58
N SER B 396 -13.47 -31.28 30.32
CA SER B 396 -13.67 -31.37 31.76
C SER B 396 -12.44 -31.11 32.63
N ASP B 397 -11.59 -32.12 32.78
CA ASP B 397 -10.48 -32.04 33.73
C ASP B 397 -9.19 -32.04 32.92
N ASN B 398 -9.17 -32.76 31.82
CA ASN B 398 -7.93 -32.94 31.08
C ASN B 398 -8.32 -33.19 29.63
N TYR B 399 -7.47 -32.71 28.70
CA TYR B 399 -7.61 -33.01 27.29
C TYR B 399 -6.25 -32.80 26.65
N THR B 400 -5.93 -33.66 25.68
CA THR B 400 -4.77 -33.54 24.82
C THR B 400 -5.28 -33.45 23.39
N TYR B 401 -5.06 -32.30 22.76
CA TYR B 401 -5.36 -32.13 21.35
C TYR B 401 -4.11 -32.28 20.49
N ASN B 402 -4.15 -33.29 19.61
CA ASN B 402 -3.16 -33.44 18.57
C ASN B 402 -3.33 -32.41 17.46
N ILE B 403 -2.20 -31.82 17.05
CA ILE B 403 -2.19 -30.84 16.00
C ILE B 403 -2.13 -31.57 14.68
N PRO B 404 -3.18 -31.46 13.81
CA PRO B 404 -3.09 -31.91 12.41
C PRO B 404 -2.10 -31.12 11.56
N ASN B 409 3.63 -25.63 10.47
CA ASN B 409 2.45 -25.41 9.57
C ASN B 409 1.90 -24.02 9.85
N ASN B 410 0.80 -23.68 9.16
CA ASN B 410 0.19 -22.36 9.16
C ASN B 410 -0.44 -22.06 10.51
N PRO B 411 -0.71 -20.77 10.82
CA PRO B 411 -1.58 -20.45 11.94
C PRO B 411 -2.98 -21.01 11.71
N PHE B 412 -3.64 -21.39 12.81
CA PHE B 412 -5.00 -21.91 12.79
C PHE B 412 -5.62 -21.67 14.17
N TYR B 413 -6.95 -21.75 14.23
CA TYR B 413 -7.69 -21.63 15.46
C TYR B 413 -8.25 -22.99 15.87
N ILE B 414 -8.42 -23.19 17.19
CA ILE B 414 -9.15 -24.30 17.76
C ILE B 414 -10.38 -23.81 18.56
N LEU B 415 -11.59 -24.14 18.07
CA LEU B 415 -12.81 -23.75 18.75
C LEU B 415 -13.15 -24.80 19.81
N PHE B 416 -13.47 -24.38 21.03
CA PHE B 416 -13.68 -25.37 22.08
C PHE B 416 -14.57 -24.77 23.16
N THR B 417 -15.14 -25.64 23.99
CA THR B 417 -15.95 -25.25 25.13
C THR B 417 -15.51 -26.07 26.34
N VAL B 418 -15.88 -25.62 27.56
CA VAL B 418 -15.67 -26.42 28.75
C VAL B 418 -17.01 -26.80 29.39
N ASN B 419 -16.99 -27.94 30.12
CA ASN B 419 -18.17 -28.52 30.77
C ASN B 419 -18.65 -27.72 31.97
N THR B 420 -17.70 -27.22 32.77
CA THR B 420 -18.06 -26.45 33.97
C THR B 420 -17.13 -25.26 34.07
N THR B 421 -17.68 -24.06 34.34
CA THR B 421 -16.84 -22.86 34.52
C THR B 421 -15.71 -23.18 35.46
N GLY B 422 -14.46 -23.04 35.00
CA GLY B 422 -13.30 -23.31 35.87
C GLY B 422 -12.04 -22.62 35.35
N ILE B 423 -10.94 -22.75 36.09
CA ILE B 423 -9.64 -22.17 35.63
C ILE B 423 -8.86 -23.25 34.86
N TYR B 424 -8.40 -22.92 33.66
CA TYR B 424 -7.66 -23.86 32.83
C TYR B 424 -6.24 -23.35 32.53
N LYS B 425 -5.29 -24.29 32.62
CA LYS B 425 -3.93 -24.16 32.12
C LYS B 425 -3.84 -24.78 30.71
N ILE B 426 -3.46 -23.97 29.73
CA ILE B 426 -3.42 -24.39 28.34
C ILE B 426 -2.05 -24.09 27.75
N ASN B 427 -1.42 -25.12 27.20
CA ASN B 427 -0.08 -24.98 26.67
C ASN B 427 0.17 -26.05 25.62
N ALA B 428 1.20 -25.79 24.86
CA ALA B 428 1.71 -26.71 23.87
C ALA B 428 2.87 -27.45 24.53
N GLN B 429 3.46 -28.39 23.79
CA GLN B 429 4.49 -29.25 24.34
C GLN B 429 5.74 -28.43 24.64
N ASN B 430 6.27 -28.60 25.85
CA ASN B 430 7.36 -27.77 26.35
C ASN B 430 7.07 -26.27 26.25
N ASN B 431 5.79 -25.89 26.25
CA ASN B 431 5.39 -24.50 26.27
C ASN B 431 5.71 -23.78 24.95
N LEU B 432 5.95 -24.54 23.87
CA LEU B 432 6.29 -23.97 22.56
C LEU B 432 5.38 -24.52 21.47
N PRO B 433 4.82 -23.68 20.58
CA PRO B 433 4.97 -22.23 20.65
C PRO B 433 4.07 -21.59 21.70
N SER B 434 4.24 -20.30 21.96
CA SER B 434 3.26 -19.51 22.69
C SER B 434 1.91 -19.47 21.93
N LEU B 435 0.82 -19.67 22.69
CA LEU B 435 -0.53 -19.67 22.20
C LEU B 435 -1.29 -18.41 22.60
N LYS B 436 -2.37 -18.14 21.87
CA LYS B 436 -3.32 -17.11 22.30
C LYS B 436 -4.73 -17.69 22.47
N ILE B 437 -5.59 -16.96 23.19
CA ILE B 437 -6.95 -17.39 23.44
C ILE B 437 -7.90 -16.19 23.43
N TYR B 438 -9.03 -16.43 22.74
CA TYR B 438 -10.08 -15.46 22.51
C TYR B 438 -11.44 -16.01 22.95
N GLU B 439 -12.33 -15.10 23.29
CA GLU B 439 -13.73 -15.41 23.52
C GLU B 439 -14.54 -15.14 22.24
N ALA B 440 -15.39 -16.09 21.83
CA ALA B 440 -16.38 -15.77 20.80
C ALA B 440 -17.45 -14.91 21.45
N ILE B 441 -17.55 -13.66 21.00
CA ILE B 441 -18.44 -12.68 21.63
C ILE B 441 -19.89 -13.12 21.42
N GLY B 442 -20.62 -13.21 22.53
CA GLY B 442 -22.04 -13.51 22.52
C GLY B 442 -22.33 -15.00 22.32
N SER B 443 -21.30 -15.84 22.49
CA SER B 443 -21.43 -17.26 22.27
C SER B 443 -22.08 -17.89 23.50
N GLY B 444 -22.74 -19.03 23.29
CA GLY B 444 -23.18 -19.89 24.37
C GLY B 444 -24.61 -19.65 24.81
N ASN B 445 -25.31 -18.65 24.30
CA ASN B 445 -26.63 -18.37 24.86
C ASN B 445 -27.72 -19.09 24.05
N ARG B 446 -27.33 -19.89 23.06
CA ARG B 446 -28.21 -20.41 22.02
C ARG B 446 -28.35 -21.92 21.98
N ASN B 447 -27.59 -22.62 21.14
CA ASN B 447 -27.76 -24.07 21.10
C ASN B 447 -26.84 -24.57 22.22
N PHE B 448 -27.28 -25.69 22.83
CA PHE B 448 -26.51 -26.39 23.84
C PHE B 448 -26.78 -27.89 23.76
N GLN B 449 -25.72 -28.69 23.98
CA GLN B 449 -25.81 -30.12 24.20
C GLN B 449 -24.82 -30.48 25.30
N SER B 450 -25.33 -31.16 26.32
CA SER B 450 -24.53 -31.50 27.50
C SER B 450 -23.28 -32.29 27.11
N GLY B 451 -22.10 -31.75 27.45
CA GLY B 451 -20.83 -32.43 27.23
C GLY B 451 -20.27 -32.23 25.83
N ASN B 452 -20.89 -31.39 24.98
CA ASN B 452 -20.36 -31.20 23.63
C ASN B 452 -20.31 -29.72 23.20
N LEU B 453 -19.51 -29.47 22.17
CA LEU B 453 -19.47 -28.16 21.54
C LEU B 453 -20.67 -27.97 20.60
N CYS B 454 -21.32 -26.81 20.73
CA CYS B 454 -22.22 -26.31 19.71
C CYS B 454 -21.58 -25.07 19.09
N ASP B 455 -21.37 -25.14 17.78
CA ASP B 455 -20.80 -24.04 17.02
C ASP B 455 -21.90 -23.04 16.69
N ASP B 456 -21.85 -21.85 17.30
CA ASP B 456 -22.88 -20.87 16.97
C ASP B 456 -22.35 -19.89 15.93
N ASP B 457 -21.30 -20.29 15.19
CA ASP B 457 -20.66 -19.58 14.07
C ASP B 457 -20.46 -18.09 14.32
N ILE B 458 -19.65 -17.77 15.33
CA ILE B 458 -19.32 -16.41 15.64
C ILE B 458 -17.86 -16.18 15.27
N LYS B 459 -17.60 -15.13 14.50
CA LYS B 459 -16.26 -14.81 14.07
C LYS B 459 -15.78 -13.52 14.75
N ALA B 460 -16.64 -12.94 15.61
CA ALA B 460 -16.31 -11.81 16.44
C ALA B 460 -15.65 -12.30 17.74
N ILE B 461 -14.42 -11.82 18.00
CA ILE B 461 -13.59 -12.36 19.06
C ILE B 461 -13.03 -11.25 19.94
N ASN B 462 -13.18 -11.40 21.26
CA ASN B 462 -12.43 -10.60 22.22
C ASN B 462 -11.16 -11.37 22.62
N TYR B 463 -10.00 -10.72 22.46
CA TYR B 463 -8.74 -11.23 22.95
C TYR B 463 -8.77 -11.34 24.47
N ILE B 464 -8.26 -12.44 25.02
CA ILE B 464 -8.11 -12.61 26.47
C ILE B 464 -6.64 -12.53 26.90
N THR B 465 -5.80 -13.46 26.43
CA THR B 465 -4.37 -13.41 26.73
C THR B 465 -3.60 -14.26 25.72
N GLY B 466 -2.27 -14.12 25.81
CA GLY B 466 -1.33 -14.84 24.99
C GLY B 466 -0.43 -13.82 24.27
N PHE B 467 0.69 -14.32 23.75
CA PHE B 467 1.66 -13.50 23.06
C PHE B 467 1.75 -13.97 21.61
N ASP B 468 2.01 -12.99 20.74
CA ASP B 468 2.59 -13.21 19.42
C ASP B 468 4.10 -13.12 19.59
N SER B 469 4.77 -14.24 19.66
CA SER B 469 6.17 -14.14 20.02
C SER B 469 6.83 -15.45 19.68
N PRO B 470 7.41 -15.55 18.46
CA PRO B 470 8.19 -16.73 18.09
C PRO B 470 9.23 -17.07 19.15
N ASN B 471 9.32 -18.35 19.51
CA ASN B 471 10.44 -18.84 20.38
C ASN B 471 10.24 -18.59 21.87
N ALA B 472 9.23 -17.84 22.26
CA ALA B 472 9.07 -17.45 23.66
C ALA B 472 8.18 -18.55 24.20
N LYS B 473 8.66 -19.24 25.24
CA LYS B 473 7.91 -20.28 25.91
C LYS B 473 6.87 -19.66 26.85
N SER B 474 5.64 -20.17 26.80
CA SER B 474 4.61 -19.70 27.72
C SER B 474 3.56 -20.77 27.91
N TYR B 475 2.72 -20.53 28.94
CA TYR B 475 1.47 -21.22 29.14
C TYR B 475 0.41 -20.24 29.63
N LEU B 476 -0.83 -20.53 29.24
CA LEU B 476 -1.97 -19.71 29.56
C LEU B 476 -2.65 -20.25 30.83
N VAL B 477 -3.07 -19.32 31.69
CA VAL B 477 -3.97 -19.65 32.77
C VAL B 477 -5.18 -18.72 32.69
N VAL B 478 -6.37 -19.29 32.42
CA VAL B 478 -7.54 -18.51 32.06
C VAL B 478 -8.79 -19.11 32.69
N LEU B 479 -9.66 -18.19 33.12
CA LEU B 479 -11.00 -18.51 33.61
C LEU B 479 -11.87 -18.79 32.39
N LEU B 480 -12.38 -20.00 32.28
CA LEU B 480 -13.25 -20.31 31.15
C LEU B 480 -14.64 -20.56 31.70
N ASN B 481 -15.63 -19.86 31.14
CA ASN B 481 -17.05 -20.01 31.50
C ASN B 481 -17.73 -21.13 30.70
N LYS B 482 -18.56 -21.94 31.35
CA LYS B 482 -19.15 -23.11 30.71
C LYS B 482 -20.14 -22.73 29.60
N ASP B 483 -20.73 -21.55 29.68
CA ASP B 483 -21.68 -21.12 28.65
C ASP B 483 -21.04 -20.09 27.71
N LYS B 484 -19.77 -20.31 27.30
CA LYS B 484 -19.11 -19.60 26.23
C LYS B 484 -18.32 -20.64 25.41
N ASN B 485 -18.11 -20.35 24.14
CA ASN B 485 -17.03 -20.96 23.36
C ASN B 485 -15.83 -20.03 23.23
N TYR B 486 -14.68 -20.65 22.99
CA TYR B 486 -13.39 -19.99 23.00
C TYR B 486 -12.64 -20.40 21.75
N TYR B 487 -11.72 -19.53 21.32
CA TYR B 487 -10.77 -19.90 20.30
C TYR B 487 -9.33 -19.78 20.81
N ILE B 488 -8.62 -20.90 20.76
CA ILE B 488 -7.16 -20.93 20.78
C ILE B 488 -6.67 -20.52 19.41
N ARG B 489 -5.63 -19.71 19.39
CA ARG B 489 -4.91 -19.52 18.15
C ARG B 489 -3.49 -20.06 18.33
N VAL B 490 -3.16 -20.99 17.42
CA VAL B 490 -1.81 -21.53 17.31
C VAL B 490 -1.09 -20.75 16.23
N PRO B 491 0.10 -20.17 16.47
CA PRO B 491 0.75 -19.38 15.42
C PRO B 491 1.56 -20.21 14.42
N GLN B 492 2.10 -19.50 13.42
CA GLN B 492 2.98 -20.07 12.42
C GLN B 492 4.11 -20.78 13.13
N THR B 493 4.23 -22.09 12.88
CA THR B 493 5.34 -22.85 13.43
C THR B 493 6.30 -23.21 12.28
N SER B 494 7.60 -23.28 12.58
CA SER B 494 8.60 -23.51 11.56
C SER B 494 9.02 -24.99 11.49
N SER B 495 8.58 -25.85 12.42
CA SER B 495 9.05 -27.23 12.53
C SER B 495 8.04 -28.21 11.92
N ASN B 496 8.48 -29.47 11.67
CA ASN B 496 7.59 -30.50 11.13
C ASN B 496 7.50 -31.66 12.12
N ILE B 497 7.81 -31.42 13.40
CA ILE B 497 7.62 -32.40 14.47
C ILE B 497 6.18 -32.31 15.02
N GLU B 498 5.68 -33.43 15.54
CA GLU B 498 4.36 -33.51 16.17
C GLU B 498 4.32 -32.63 17.43
N ASN B 499 3.16 -32.00 17.66
CA ASN B 499 2.94 -31.15 18.82
C ASN B 499 1.51 -31.38 19.30
N GLN B 500 1.30 -31.13 20.61
CA GLN B 500 0.01 -31.32 21.25
C GLN B 500 -0.35 -30.12 22.13
N ILE B 501 -1.63 -29.75 22.12
CA ILE B 501 -2.15 -28.72 22.99
C ILE B 501 -2.76 -29.43 24.20
N LYS B 502 -2.21 -29.11 25.38
CA LYS B 502 -2.64 -29.72 26.61
C LYS B 502 -3.59 -28.75 27.29
N PHE B 503 -4.73 -29.28 27.77
CA PHE B 503 -5.70 -28.53 28.57
C PHE B 503 -5.86 -29.20 29.95
N LYS B 504 -5.80 -28.39 30.99
CA LYS B 504 -5.84 -28.93 32.33
C LYS B 504 -6.63 -28.02 33.27
N ARG B 505 -7.69 -28.58 33.89
CA ARG B 505 -8.46 -27.84 34.88
C ARG B 505 -7.61 -27.68 36.13
N GLU B 506 -7.43 -26.43 36.57
CA GLU B 506 -6.63 -26.19 37.76
C GLU B 506 -7.56 -26.01 38.96
N GLU B 507 -7.31 -26.83 39.99
CA GLU B 507 -8.11 -26.79 41.21
C GLU B 507 -7.38 -26.07 42.33
N GLY B 508 -6.10 -25.77 42.13
CA GLY B 508 -5.28 -25.25 43.23
C GLY B 508 -4.63 -23.90 42.99
N ASP B 509 -3.49 -23.65 43.63
CA ASP B 509 -2.91 -22.31 43.65
C ASP B 509 -2.76 -21.58 42.30
N LEU B 510 -2.67 -22.33 41.21
CA LEU B 510 -2.41 -21.78 39.90
C LEU B 510 -3.58 -20.89 39.53
N ARG B 511 -4.71 -21.08 40.21
CA ARG B 511 -5.85 -20.20 40.02
C ARG B 511 -5.49 -18.72 40.27
N ASN B 512 -4.44 -18.47 41.09
CA ASN B 512 -4.00 -17.11 41.37
C ASN B 512 -3.45 -16.38 40.13
N LEU B 513 -3.08 -17.10 39.08
CA LEU B 513 -2.54 -16.45 37.87
C LEU B 513 -3.64 -16.14 36.86
N MET B 514 -4.92 -16.36 37.19
CA MET B 514 -5.95 -16.28 36.18
C MET B 514 -5.96 -14.91 35.49
N ASN B 515 -6.38 -15.02 34.22
CA ASN B 515 -6.20 -14.21 33.03
C ASN B 515 -4.79 -13.68 32.87
N SER B 516 -3.84 -14.62 32.74
CA SER B 516 -2.51 -14.26 32.28
C SER B 516 -1.86 -15.39 31.50
N SER B 517 -0.91 -14.97 30.67
CA SER B 517 0.04 -15.87 30.07
C SER B 517 1.30 -15.83 30.95
N VAL B 518 1.90 -17.01 31.21
CA VAL B 518 3.10 -17.13 32.01
C VAL B 518 4.30 -17.35 31.08
N ASN B 519 5.20 -16.34 31.02
CA ASN B 519 6.45 -16.49 30.31
C ASN B 519 7.42 -17.39 31.08
N ILE B 520 7.88 -18.45 30.44
CA ILE B 520 8.94 -19.24 31.04
C ILE B 520 10.25 -18.53 30.75
N ILE B 521 10.92 -18.11 31.81
CA ILE B 521 12.26 -17.56 31.73
C ILE B 521 13.23 -18.65 32.13
N ASP B 522 14.27 -18.86 31.30
CA ASP B 522 15.29 -19.88 31.55
C ASP B 522 16.66 -19.27 31.82
N ASN B 523 17.42 -19.91 32.72
CA ASN B 523 18.85 -19.71 32.78
C ASN B 523 19.21 -18.27 33.08
N LEU B 524 18.61 -17.72 34.14
CA LEU B 524 19.23 -16.59 34.82
C LEU B 524 20.67 -16.90 35.21
N ASN B 525 21.59 -15.95 34.98
CA ASN B 525 22.97 -16.01 35.43
C ASN B 525 23.04 -15.51 36.88
N SER B 526 24.12 -15.97 37.50
CA SER B 526 24.34 -15.82 38.93
C SER B 526 24.37 -14.36 39.35
N THR B 527 24.90 -13.46 38.49
CA THR B 527 24.95 -12.04 38.83
C THR B 527 24.67 -11.16 37.64
N GLY B 528 24.08 -9.99 37.95
CA GLY B 528 23.97 -8.89 37.01
C GLY B 528 22.59 -8.84 36.35
N ALA B 529 22.56 -8.20 35.19
CA ALA B 529 21.34 -7.64 34.65
C ALA B 529 20.69 -8.64 33.71
N HIS B 530 19.35 -8.64 33.71
CA HIS B 530 18.55 -9.41 32.77
C HIS B 530 17.26 -8.67 32.51
N TYR B 531 16.73 -8.86 31.28
CA TYR B 531 15.45 -8.28 30.93
C TYR B 531 14.80 -9.03 29.76
N TYR B 532 13.48 -8.86 29.70
CA TYR B 532 12.59 -9.60 28.83
C TYR B 532 11.51 -8.63 28.38
N THR B 533 11.41 -8.45 27.04
CA THR B 533 10.40 -7.61 26.41
C THR B 533 9.28 -8.50 25.89
N ARG B 534 8.05 -8.08 26.14
CA ARG B 534 6.88 -8.79 25.64
C ARG B 534 5.83 -7.75 25.30
N GLN B 535 4.84 -8.13 24.50
CA GLN B 535 3.67 -7.28 24.33
C GLN B 535 3.05 -6.94 25.68
N SER B 536 2.78 -5.65 25.87
CA SER B 536 2.15 -5.20 27.09
C SER B 536 0.69 -5.60 27.07
N PRO B 537 0.17 -6.16 28.18
CA PRO B 537 -1.27 -6.16 28.42
C PRO B 537 -1.79 -4.74 28.51
N ASP B 538 -3.10 -4.63 28.29
CA ASP B 538 -3.84 -3.39 28.50
C ASP B 538 -3.92 -3.14 29.99
N VAL B 539 -4.31 -1.90 30.37
CA VAL B 539 -4.51 -1.53 31.76
C VAL B 539 -5.51 -2.52 32.36
N HIS B 540 -5.22 -2.97 33.58
CA HIS B 540 -6.00 -3.94 34.35
C HIS B 540 -5.86 -5.38 33.85
N ASP B 541 -5.11 -5.65 32.75
CA ASP B 541 -4.79 -7.02 32.37
C ASP B 541 -3.40 -7.40 32.87
N TYR B 542 -3.05 -8.67 32.66
CA TYR B 542 -1.99 -9.30 33.42
C TYR B 542 -1.02 -10.01 32.49
N ILE B 543 0.26 -9.94 32.91
CA ILE B 543 1.31 -10.75 32.37
C ILE B 543 2.10 -11.34 33.54
N SER B 544 2.50 -12.62 33.39
CA SER B 544 3.19 -13.40 34.39
C SER B 544 4.53 -13.91 33.86
N TYR B 545 5.43 -14.21 34.80
CA TYR B 545 6.78 -14.69 34.51
C TYR B 545 7.16 -15.75 35.53
N GLU B 546 7.64 -16.89 35.01
CA GLU B 546 8.13 -17.96 35.85
C GLU B 546 9.63 -18.10 35.67
N PHE B 547 10.37 -17.94 36.77
CA PHE B 547 11.82 -17.90 36.67
C PHE B 547 12.42 -18.69 37.81
N THR B 548 13.60 -19.20 37.58
CA THR B 548 14.29 -20.02 38.56
C THR B 548 15.50 -19.22 39.04
N ILE B 549 15.60 -18.95 40.35
CA ILE B 549 16.76 -18.27 40.88
C ILE B 549 18.01 -19.09 40.55
N PRO B 550 19.10 -18.50 40.06
CA PRO B 550 20.32 -19.25 39.82
C PRO B 550 20.88 -19.87 41.09
N GLY B 551 21.74 -20.87 40.88
CA GLY B 551 22.47 -21.52 41.96
C GLY B 551 21.75 -22.78 42.41
N ASN B 552 22.40 -23.52 43.29
CA ASN B 552 21.91 -24.80 43.77
C ASN B 552 20.89 -24.56 44.90
N PHE B 553 19.80 -25.34 44.91
CA PHE B 553 18.78 -25.25 45.94
C PHE B 553 19.25 -26.02 47.17
N ASN B 554 19.31 -25.34 48.32
CA ASN B 554 19.59 -26.03 49.57
C ASN B 554 18.67 -25.53 50.66
N ASN B 555 17.65 -24.78 50.25
CA ASN B 555 16.66 -24.25 51.17
C ASN B 555 17.24 -23.17 52.08
N LYS B 556 18.41 -22.60 51.74
CA LYS B 556 19.05 -21.64 52.63
C LYS B 556 19.70 -20.49 51.87
N ASP B 557 20.56 -20.81 50.90
CA ASP B 557 21.26 -19.79 50.14
C ASP B 557 20.26 -18.90 49.42
N THR B 558 20.54 -17.58 49.44
CA THR B 558 19.75 -16.62 48.70
C THR B 558 20.63 -15.75 47.80
N SER B 559 19.94 -15.02 46.92
CA SER B 559 20.50 -13.99 46.08
C SER B 559 19.53 -12.82 46.06
N ASN B 560 20.05 -11.61 45.91
CA ASN B 560 19.24 -10.43 46.01
C ASN B 560 18.68 -10.07 44.63
N ILE B 561 17.35 -10.03 44.53
CA ILE B 561 16.67 -9.92 43.25
C ILE B 561 15.96 -8.56 43.16
N ARG B 562 16.33 -7.75 42.17
CA ARG B 562 15.59 -6.53 41.85
C ARG B 562 14.71 -6.73 40.61
N LEU B 563 13.39 -6.58 40.81
CA LEU B 563 12.36 -6.72 39.78
C LEU B 563 11.74 -5.37 39.39
N TYR B 564 11.84 -5.00 38.10
CA TYR B 564 11.20 -3.76 37.69
C TYR B 564 10.88 -3.80 36.19
N THR B 565 9.99 -2.88 35.82
CA THR B 565 9.67 -2.62 34.43
C THR B 565 10.27 -1.28 34.02
N SER B 566 10.31 -1.02 32.71
CA SER B 566 11.01 0.14 32.18
C SER B 566 10.03 1.27 31.87
N TYR B 567 9.00 0.95 31.07
CA TYR B 567 8.15 1.96 30.46
C TYR B 567 6.77 2.05 31.11
N ASN B 568 6.11 0.90 31.28
CA ASN B 568 4.74 0.84 31.76
C ASN B 568 4.78 0.64 33.28
N GLN B 569 3.75 1.17 33.93
CA GLN B 569 3.58 1.00 35.36
C GLN B 569 2.73 -0.23 35.60
N GLY B 570 2.91 -0.87 36.75
CA GLY B 570 2.12 -2.04 37.09
C GLY B 570 2.38 -2.49 38.51
N ILE B 571 1.54 -3.43 38.91
CA ILE B 571 1.57 -3.99 40.24
C ILE B 571 2.02 -5.44 40.08
N GLY B 572 2.96 -5.84 40.95
CA GLY B 572 3.57 -7.16 40.98
C GLY B 572 3.16 -7.96 42.22
N THR B 573 2.58 -9.15 42.00
CA THR B 573 2.44 -10.14 43.04
C THR B 573 3.49 -11.21 42.76
N LEU B 574 4.32 -11.51 43.79
CA LEU B 574 5.38 -12.50 43.69
C LEU B 574 5.01 -13.75 44.48
N PHE B 575 5.15 -14.91 43.83
CA PHE B 575 4.86 -16.17 44.43
C PHE B 575 6.10 -17.05 44.39
N ARG B 576 6.33 -17.80 45.48
CA ARG B 576 7.26 -18.91 45.47
C ARG B 576 6.49 -20.18 45.14
N VAL B 577 7.07 -20.97 44.24
CA VAL B 577 6.55 -22.23 43.80
C VAL B 577 7.18 -23.30 44.66
N THR B 578 6.34 -24.08 45.31
CA THR B 578 6.73 -25.35 45.90
C THR B 578 5.88 -26.39 45.17
N GLU B 579 6.54 -27.45 44.71
CA GLU B 579 5.98 -28.29 43.66
C GLU B 579 5.51 -29.60 44.29
N THR B 580 4.26 -30.00 43.95
CA THR B 580 3.68 -31.31 44.27
C THR B 580 3.48 -32.07 42.96
N ILE B 581 3.06 -33.36 43.02
CA ILE B 581 2.98 -34.18 41.82
C ILE B 581 1.64 -33.98 41.08
N ASP B 582 0.66 -33.30 41.71
CA ASP B 582 -0.54 -32.87 41.01
C ASP B 582 -0.40 -31.42 40.53
N GLY B 583 0.81 -30.82 40.60
CA GLY B 583 1.05 -29.47 40.10
C GLY B 583 1.60 -28.54 41.18
N TYR B 584 1.71 -27.24 40.85
CA TYR B 584 2.39 -26.25 41.67
C TYR B 584 1.56 -25.82 42.88
N ASN B 585 2.25 -25.61 44.01
CA ASN B 585 1.74 -24.77 45.10
C ASN B 585 2.42 -23.41 45.06
N LEU B 586 1.68 -22.33 45.33
CA LEU B 586 2.18 -20.96 45.27
C LEU B 586 2.07 -20.33 46.66
N ILE B 587 3.16 -19.73 47.11
CA ILE B 587 3.25 -18.95 48.33
C ILE B 587 3.41 -17.48 47.94
N ASN B 588 2.41 -16.65 48.27
CA ASN B 588 2.46 -15.24 47.98
C ASN B 588 3.36 -14.60 49.02
N ILE B 589 4.54 -14.16 48.58
CA ILE B 589 5.57 -13.66 49.47
C ILE B 589 5.67 -12.15 49.40
N GLN B 590 4.96 -11.52 48.44
CA GLN B 590 5.04 -10.06 48.29
C GLN B 590 4.00 -9.57 47.28
N GLN B 591 3.19 -8.60 47.74
CA GLN B 591 2.10 -8.02 46.97
C GLN B 591 2.39 -6.54 46.82
N ASN B 592 1.69 -5.93 45.87
CA ASN B 592 1.72 -4.50 45.63
C ASN B 592 3.12 -3.98 45.32
N LEU B 593 4.08 -4.83 44.89
CA LEU B 593 5.34 -4.24 44.46
C LEU B 593 5.01 -3.29 43.31
N ASN B 594 5.44 -2.02 43.38
CA ASN B 594 5.16 -1.07 42.32
C ASN B 594 6.40 -0.96 41.43
N LEU B 595 6.25 -1.26 40.15
CA LEU B 595 7.33 -1.89 39.40
C LEU B 595 8.15 -0.91 38.58
N LEU B 596 7.53 0.19 38.09
CA LEU B 596 8.22 1.09 37.16
C LEU B 596 9.49 1.63 37.80
N ASN B 597 10.66 1.20 37.30
CA ASN B 597 11.96 1.67 37.75
C ASN B 597 12.13 1.49 39.26
N SER B 598 11.34 0.57 39.83
CA SER B 598 11.43 0.28 41.25
C SER B 598 12.88 -0.10 41.58
N THR B 599 13.34 0.31 42.78
CA THR B 599 14.71 0.11 43.28
C THR B 599 14.68 -0.95 44.38
N LYS B 600 13.48 -1.35 44.77
CA LYS B 600 13.33 -2.35 45.81
C LYS B 600 14.00 -3.65 45.35
N SER B 601 14.56 -4.37 46.32
CA SER B 601 15.07 -5.70 46.06
C SER B 601 14.61 -6.61 47.19
N ILE B 602 14.80 -7.90 46.99
CA ILE B 602 14.34 -8.91 47.92
C ILE B 602 15.18 -10.16 47.73
N ARG B 603 15.46 -10.85 48.84
CA ARG B 603 16.29 -12.04 48.84
C ARG B 603 15.44 -13.28 48.55
N LEU B 604 15.81 -14.00 47.51
CA LEU B 604 15.04 -15.14 47.05
C LEU B 604 15.95 -16.34 47.15
N LEU B 605 15.33 -17.53 47.24
CA LEU B 605 16.06 -18.75 47.47
C LEU B 605 16.71 -19.23 46.18
N ASN B 606 18.00 -19.54 46.24
CA ASN B 606 18.73 -20.04 45.08
C ASN B 606 18.08 -21.37 44.65
N GLY B 607 17.99 -21.62 43.33
CA GLY B 607 17.44 -22.87 42.81
C GLY B 607 15.90 -22.98 42.89
N ALA B 608 15.23 -22.00 43.49
CA ALA B 608 13.81 -22.05 43.73
C ALA B 608 13.09 -21.43 42.54
N ILE B 609 11.87 -21.91 42.26
CA ILE B 609 11.04 -21.37 41.21
C ILE B 609 10.11 -20.31 41.83
N TYR B 610 10.04 -19.12 41.21
CA TYR B 610 9.13 -18.04 41.55
C TYR B 610 8.32 -17.68 40.31
N ILE B 611 7.13 -17.11 40.56
CA ILE B 611 6.32 -16.51 39.52
C ILE B 611 5.94 -15.10 39.95
N LEU B 612 6.17 -14.12 39.05
CA LEU B 612 5.69 -12.76 39.17
C LEU B 612 4.48 -12.52 38.25
N LYS B 613 3.38 -12.14 38.85
CA LYS B 613 2.20 -11.75 38.10
C LYS B 613 2.14 -10.22 38.08
N VAL B 614 2.14 -9.62 36.89
CA VAL B 614 2.12 -8.17 36.74
C VAL B 614 0.76 -7.70 36.22
N GLU B 615 0.12 -6.81 37.00
CA GLU B 615 -1.06 -6.07 36.56
C GLU B 615 -0.62 -4.72 36.00
N VAL B 616 -0.85 -4.46 34.70
CA VAL B 616 -0.52 -3.17 34.09
C VAL B 616 -1.47 -2.09 34.61
N THR B 617 -0.92 -0.93 35.01
CA THR B 617 -1.73 0.15 35.57
C THR B 617 -1.57 1.41 34.72
N GLU B 618 -0.47 1.50 33.96
CA GLU B 618 -0.25 2.65 33.11
C GLU B 618 0.37 2.17 31.79
N LEU B 619 -0.38 2.36 30.70
CA LEU B 619 0.03 1.89 29.38
C LEU B 619 0.74 3.02 28.64
N ASN B 620 2.08 3.04 28.71
CA ASN B 620 2.87 4.09 28.10
C ASN B 620 3.50 3.60 26.82
N ASN B 621 3.66 2.28 26.70
CA ASN B 621 4.38 1.67 25.60
C ASN B 621 3.67 0.37 25.19
N TYR B 622 3.67 0.10 23.89
CA TYR B 622 3.12 -1.13 23.35
C TYR B 622 3.78 -2.35 23.99
N ASN B 623 5.05 -2.22 24.38
CA ASN B 623 5.79 -3.32 24.98
C ASN B 623 5.95 -3.08 26.47
N ILE B 624 6.06 -4.20 27.19
CA ILE B 624 6.48 -4.17 28.57
C ILE B 624 7.79 -4.95 28.68
N LYS B 625 8.69 -4.36 29.48
CA LYS B 625 10.04 -4.88 29.66
C LYS B 625 10.24 -5.13 31.16
N LEU B 626 10.37 -6.40 31.49
CA LEU B 626 10.66 -6.80 32.85
C LEU B 626 12.15 -7.02 33.01
N HIS B 627 12.71 -6.40 34.07
CA HIS B 627 14.09 -6.57 34.47
C HIS B 627 14.21 -7.50 35.68
N ILE B 628 15.27 -8.32 35.67
CA ILE B 628 15.62 -9.17 36.80
C ILE B 628 17.12 -9.03 37.04
N ASP B 629 17.46 -8.16 37.99
CA ASP B 629 18.85 -7.79 38.24
C ASP B 629 19.32 -8.37 39.58
N ILE B 630 20.39 -9.17 39.53
CA ILE B 630 20.74 -10.05 40.63
C ILE B 630 22.06 -9.59 41.23
N THR B 631 22.09 -9.44 42.57
CA THR B 631 23.29 -9.13 43.34
C THR B 631 23.44 -10.14 44.49
N ASN B 632 24.51 -10.01 45.30
CA ASN B 632 24.84 -10.78 46.55
C ASN B 632 26.17 -11.51 46.31
N ASP C 27 21.06 20.74 -39.00
CA ASP C 27 21.62 21.29 -37.73
C ASP C 27 22.01 20.08 -36.87
N THR C 28 22.42 20.35 -35.61
CA THR C 28 22.68 19.34 -34.59
C THR C 28 21.37 18.74 -34.13
N ILE C 29 21.39 17.46 -33.72
CA ILE C 29 20.16 16.72 -33.44
C ILE C 29 20.45 15.57 -32.48
N ASP C 30 19.70 15.51 -31.36
CA ASP C 30 20.02 14.60 -30.29
C ASP C 30 19.42 13.24 -30.61
N LEU C 31 19.78 12.69 -31.77
CA LEU C 31 19.28 11.40 -32.17
C LEU C 31 20.49 10.52 -32.42
N ALA C 32 20.30 9.21 -32.21
CA ALA C 32 21.31 8.23 -32.56
C ALA C 32 21.37 8.07 -34.07
N ASP C 33 22.50 7.56 -34.56
CA ASP C 33 22.77 7.40 -35.97
C ASP C 33 21.78 6.46 -36.60
N GLY C 34 21.47 6.70 -37.88
CA GLY C 34 20.57 5.87 -38.66
C GLY C 34 19.63 6.72 -39.52
N ASN C 35 18.72 6.05 -40.23
CA ASN C 35 17.71 6.67 -41.06
C ASN C 35 16.40 6.76 -40.28
N TYR C 36 15.73 7.91 -40.39
CA TYR C 36 14.45 8.20 -39.73
C TYR C 36 13.41 8.70 -40.73
N VAL C 37 12.16 8.30 -40.53
CA VAL C 37 11.03 8.93 -41.16
C VAL C 37 10.58 9.96 -40.15
N VAL C 38 10.08 11.09 -40.64
CA VAL C 38 9.70 12.21 -39.78
C VAL C 38 8.44 12.82 -40.34
N SER C 39 7.47 13.05 -39.48
CA SER C 39 6.33 13.87 -39.81
C SER C 39 6.60 15.25 -39.24
N ARG C 40 6.52 16.28 -40.08
CA ARG C 40 6.68 17.64 -39.59
C ARG C 40 5.32 18.35 -39.52
N GLY C 41 4.23 17.58 -39.66
CA GLY C 41 2.91 18.09 -39.32
C GLY C 41 2.11 18.53 -40.54
N ASP C 42 0.79 18.64 -40.31
CA ASP C 42 -0.13 19.15 -41.30
C ASP C 42 0.04 20.67 -41.34
N GLY C 43 -0.55 21.32 -42.35
CA GLY C 43 -0.69 22.77 -42.39
C GLY C 43 0.44 23.52 -43.09
N TRP C 44 1.32 22.79 -43.80
CA TRP C 44 2.35 23.40 -44.60
C TRP C 44 1.72 24.04 -45.84
N ILE C 45 2.19 25.24 -46.21
CA ILE C 45 1.87 25.89 -47.46
C ILE C 45 3.15 26.17 -48.23
N LEU C 46 3.06 26.18 -49.57
CA LEU C 46 4.25 26.14 -50.39
C LEU C 46 4.65 27.49 -51.00
N SER C 47 5.96 27.68 -51.11
CA SER C 47 6.56 28.87 -51.72
C SER C 47 5.85 29.24 -53.02
N ARG C 48 5.41 30.50 -53.12
CA ARG C 48 4.98 31.13 -54.37
C ARG C 48 3.57 30.78 -54.84
N GLN C 49 2.91 29.73 -54.32
CA GLN C 49 1.73 29.14 -54.95
C GLN C 49 0.43 29.67 -54.32
N ASN C 50 0.54 30.73 -53.53
CA ASN C 50 -0.48 31.05 -52.55
C ASN C 50 -1.81 31.35 -53.25
N GLN C 51 -1.74 32.03 -54.39
CA GLN C 51 -2.88 32.70 -54.99
C GLN C 51 -3.29 32.05 -56.32
N ILE C 52 -2.78 30.86 -56.62
CA ILE C 52 -2.94 30.30 -57.96
C ILE C 52 -4.28 29.60 -58.18
N LEU C 53 -5.15 29.51 -57.16
CA LEU C 53 -6.50 28.98 -57.28
C LEU C 53 -7.56 30.08 -57.33
N GLY C 54 -7.12 31.32 -57.12
CA GLY C 54 -8.01 32.45 -57.11
C GLY C 54 -8.49 32.76 -55.70
N GLY C 55 -9.29 33.81 -55.61
CA GLY C 55 -9.89 34.28 -54.37
C GLY C 55 -11.21 35.00 -54.66
N SER C 56 -11.86 35.40 -53.57
CA SER C 56 -13.20 35.97 -53.57
C SER C 56 -13.20 37.32 -52.88
N VAL C 57 -14.03 38.21 -53.40
CA VAL C 57 -14.26 39.54 -52.85
C VAL C 57 -15.73 39.58 -52.45
N ILE C 58 -15.96 39.73 -51.16
CA ILE C 58 -17.30 39.89 -50.63
C ILE C 58 -17.39 41.25 -49.95
N SER C 59 -18.62 41.70 -49.75
CA SER C 59 -18.87 43.05 -49.33
C SER C 59 -20.15 43.12 -48.52
N ASN C 60 -20.18 44.15 -47.66
CA ASN C 60 -21.38 44.58 -46.94
C ASN C 60 -21.77 43.37 -46.12
N GLY C 61 -23.03 42.99 -46.02
CA GLY C 61 -23.26 41.85 -45.13
C GLY C 61 -22.96 40.43 -45.61
N SER C 62 -22.43 40.24 -46.83
CA SER C 62 -22.56 38.94 -47.48
C SER C 62 -21.55 37.94 -46.91
N THR C 63 -21.89 36.65 -47.05
CA THR C 63 -20.99 35.56 -46.72
C THR C 63 -20.40 34.96 -48.02
N GLY C 64 -19.09 34.78 -48.01
CA GLY C 64 -18.36 34.03 -49.03
C GLY C 64 -17.94 32.67 -48.47
N ILE C 65 -18.24 31.63 -49.24
CA ILE C 65 -17.88 30.24 -48.85
C ILE C 65 -17.02 29.69 -49.99
N VAL C 66 -15.76 29.48 -49.69
CA VAL C 66 -14.81 28.96 -50.71
C VAL C 66 -14.28 27.61 -50.20
N GLY C 67 -14.31 26.62 -51.06
CA GLY C 67 -13.78 25.30 -50.71
C GLY C 67 -13.33 24.53 -51.93
N ASP C 68 -13.10 23.23 -51.76
CA ASP C 68 -12.57 22.39 -52.84
C ASP C 68 -12.78 20.92 -52.48
N LEU C 69 -12.30 20.01 -53.31
CA LEU C 69 -12.44 18.57 -53.18
C LEU C 69 -11.12 17.89 -53.55
N ARG C 70 -10.51 17.23 -52.57
CA ARG C 70 -9.20 16.64 -52.72
C ARG C 70 -9.17 15.29 -53.44
N VAL C 71 -9.00 15.25 -54.77
CA VAL C 71 -9.06 13.95 -55.52
C VAL C 71 -8.11 13.93 -56.73
N ASN C 72 -7.47 12.79 -56.96
CA ASN C 72 -6.55 12.51 -58.11
C ASN C 72 -5.67 13.68 -58.57
N ASP C 73 -6.14 14.53 -59.48
CA ASP C 73 -5.28 15.56 -60.11
C ASP C 73 -4.80 16.58 -59.09
N ASN C 74 -5.62 17.03 -58.13
CA ASN C 74 -5.09 17.94 -57.12
C ASN C 74 -4.72 17.20 -55.84
N ALA C 75 -4.55 15.88 -55.93
CA ALA C 75 -4.16 15.09 -54.78
C ALA C 75 -2.81 14.44 -55.11
N ILE C 76 -2.01 15.08 -55.98
CA ILE C 76 -0.70 14.55 -56.32
C ILE C 76 0.36 15.10 -55.37
N PRO C 77 1.15 14.19 -54.77
CA PRO C 77 2.31 14.56 -53.95
C PRO C 77 3.51 15.13 -54.73
N TYR C 78 4.26 16.00 -54.04
CA TYR C 78 5.51 16.55 -54.54
C TYR C 78 6.69 15.89 -53.83
N TYR C 79 7.50 15.15 -54.60
CA TYR C 79 8.66 14.48 -54.05
C TYR C 79 9.88 15.36 -54.26
N TYR C 80 10.72 15.44 -53.21
CA TYR C 80 12.06 15.99 -53.33
C TYR C 80 13.07 14.95 -52.82
N PRO C 81 13.52 14.03 -53.71
CA PRO C 81 14.33 12.90 -53.28
C PRO C 81 15.84 13.19 -53.18
N THR C 82 16.58 12.20 -52.67
CA THR C 82 18.03 12.30 -52.58
C THR C 82 18.63 10.94 -53.00
N PRO C 83 19.96 10.88 -53.27
CA PRO C 83 20.59 9.62 -53.70
C PRO C 83 20.21 8.40 -52.86
N SER C 84 20.23 8.55 -51.54
CA SER C 84 19.95 7.43 -50.68
C SER C 84 18.45 7.16 -50.52
N PHE C 85 17.57 8.16 -50.81
CA PHE C 85 16.13 8.11 -50.53
C PHE C 85 15.33 8.49 -51.78
N ASN C 86 14.98 7.50 -52.61
CA ASN C 86 14.21 7.75 -53.82
C ASN C 86 12.71 7.78 -53.52
N GLU C 87 11.94 8.05 -54.57
CA GLU C 87 10.52 8.33 -54.46
C GLU C 87 9.83 7.17 -53.75
N GLU C 88 10.11 5.97 -54.27
CA GLU C 88 9.50 4.74 -53.79
C GLU C 88 9.90 4.42 -52.35
N TYR C 89 11.17 4.57 -52.01
CA TYR C 89 11.62 4.43 -50.63
C TYR C 89 10.89 5.45 -49.74
N ILE C 90 10.79 6.72 -50.16
CA ILE C 90 10.11 7.73 -49.35
C ILE C 90 8.65 7.33 -49.17
N LYS C 91 7.97 7.07 -50.29
CA LYS C 91 6.57 6.69 -50.23
C LYS C 91 6.37 5.54 -49.23
N ASN C 92 7.04 4.41 -49.48
CA ASN C 92 6.84 3.20 -48.69
C ASN C 92 7.12 3.43 -47.19
N ASN C 93 8.22 4.11 -46.85
CA ASN C 93 8.59 4.23 -45.44
C ASN C 93 7.65 5.17 -44.69
N ILE C 94 7.10 6.16 -45.41
CA ILE C 94 6.09 7.06 -44.86
C ILE C 94 4.76 6.30 -44.67
N GLN C 95 4.35 5.56 -45.67
CA GLN C 95 3.07 4.90 -45.63
C GLN C 95 3.06 3.78 -44.60
N THR C 96 4.22 3.22 -44.27
CA THR C 96 4.31 2.17 -43.27
C THR C 96 3.91 2.75 -41.91
N VAL C 97 4.41 3.94 -41.57
CA VAL C 97 4.32 4.48 -40.21
C VAL C 97 3.15 5.45 -40.08
N PHE C 98 2.99 6.30 -41.10
CA PHE C 98 2.03 7.39 -41.11
C PHE C 98 0.88 7.05 -42.06
N ALA C 99 -0.02 8.02 -42.30
CA ALA C 99 -1.23 7.81 -43.07
C ALA C 99 -0.89 7.38 -44.48
N ASN C 100 -1.61 6.37 -44.99
CA ASN C 100 -1.45 5.91 -46.35
C ASN C 100 -2.20 6.82 -47.33
N PHE C 101 -1.50 7.80 -47.90
CA PHE C 101 -2.15 8.73 -48.79
C PHE C 101 -2.51 8.13 -50.14
N THR C 102 -1.92 7.00 -50.55
CA THR C 102 -2.21 6.46 -51.87
C THR C 102 -3.59 5.82 -51.83
N GLU C 103 -3.87 5.11 -50.74
CA GLU C 103 -5.17 4.51 -50.61
C GLU C 103 -6.21 5.59 -50.34
N ALA C 104 -5.86 6.61 -49.52
CA ALA C 104 -6.85 7.65 -49.21
C ALA C 104 -7.07 8.62 -50.39
N ASN C 105 -6.37 8.39 -51.51
CA ASN C 105 -6.26 9.39 -52.58
C ASN C 105 -7.47 9.26 -53.48
N GLN C 106 -8.14 8.12 -53.40
CA GLN C 106 -9.22 7.75 -54.30
C GLN C 106 -10.55 8.37 -53.87
N ILE C 107 -10.62 8.68 -52.57
CA ILE C 107 -11.88 9.01 -51.92
C ILE C 107 -11.95 10.52 -51.76
N PRO C 108 -12.78 11.22 -52.55
CA PRO C 108 -12.94 12.66 -52.35
C PRO C 108 -13.22 13.01 -50.90
N ILE C 109 -12.36 13.83 -50.30
CA ILE C 109 -12.67 14.56 -49.08
C ILE C 109 -12.83 16.04 -49.43
N GLY C 110 -13.93 16.65 -48.95
CA GLY C 110 -14.26 18.03 -49.26
C GLY C 110 -13.90 18.91 -48.07
N PHE C 111 -13.64 20.17 -48.34
CA PHE C 111 -13.44 21.15 -47.29
C PHE C 111 -14.02 22.46 -47.79
N GLU C 112 -14.40 23.33 -46.85
CA GLU C 112 -14.88 24.65 -47.18
C GLU C 112 -14.63 25.61 -46.02
N PHE C 113 -14.39 26.87 -46.38
CA PHE C 113 -14.26 27.96 -45.44
C PHE C 113 -15.31 29.00 -45.74
N SER C 114 -15.85 29.56 -44.66
CA SER C 114 -16.89 30.56 -44.78
C SER C 114 -16.54 31.83 -43.99
N LYS C 115 -16.67 32.98 -44.65
CA LYS C 115 -16.37 34.26 -44.05
C LYS C 115 -17.49 35.27 -44.34
N THR C 116 -17.83 36.08 -43.34
CA THR C 116 -18.87 37.08 -43.48
C THR C 116 -18.22 38.46 -43.45
N ALA C 117 -18.35 39.20 -44.53
CA ALA C 117 -17.87 40.57 -44.60
C ALA C 117 -18.71 41.44 -43.69
N PRO C 118 -18.09 42.37 -42.90
CA PRO C 118 -18.86 43.22 -42.02
C PRO C 118 -19.68 44.20 -42.83
N SER C 119 -20.63 44.85 -42.15
CA SER C 119 -21.41 45.93 -42.74
C SER C 119 -20.48 47.05 -43.20
N ASN C 120 -20.75 47.48 -44.43
CA ASN C 120 -20.07 48.53 -45.19
C ASN C 120 -18.58 48.29 -45.29
N LYS C 121 -18.15 47.03 -45.42
CA LYS C 121 -16.76 46.81 -45.73
C LYS C 121 -16.62 45.72 -46.79
N ASN C 122 -15.43 45.68 -47.39
CA ASN C 122 -15.06 44.67 -48.35
C ASN C 122 -14.00 43.79 -47.71
N LEU C 123 -14.01 42.53 -48.13
CA LEU C 123 -13.06 41.51 -47.71
C LEU C 123 -12.61 40.72 -48.94
N TYR C 124 -11.31 40.43 -48.98
CA TYR C 124 -10.70 39.57 -49.99
C TYR C 124 -10.22 38.31 -49.28
N MET C 125 -10.54 37.16 -49.84
CA MET C 125 -10.18 35.86 -49.21
C MET C 125 -9.70 34.89 -50.30
N TYR C 126 -8.52 34.31 -50.20
CA TYR C 126 -7.98 33.49 -51.26
C TYR C 126 -7.61 32.11 -50.73
N LEU C 127 -7.55 31.16 -51.65
CA LEU C 127 -7.50 29.74 -51.30
C LEU C 127 -6.15 29.12 -51.69
N GLN C 128 -5.61 28.40 -50.73
CA GLN C 128 -4.36 27.70 -50.91
C GLN C 128 -4.45 26.29 -50.33
N TYR C 129 -3.82 25.34 -51.02
CA TYR C 129 -3.76 23.96 -50.58
C TYR C 129 -2.74 23.87 -49.45
N THR C 130 -2.98 22.89 -48.59
CA THR C 130 -2.10 22.60 -47.47
C THR C 130 -1.56 21.20 -47.68
N TYR C 131 -0.42 20.95 -47.03
CA TYR C 131 0.32 19.72 -47.19
C TYR C 131 0.78 19.25 -45.81
N ILE C 132 0.87 17.94 -45.68
CA ILE C 132 1.69 17.32 -44.65
C ILE C 132 3.12 17.29 -45.19
N ARG C 133 4.06 17.88 -44.43
CA ARG C 133 5.47 17.73 -44.73
C ARG C 133 6.05 16.52 -44.01
N TYR C 134 6.52 15.56 -44.81
CA TYR C 134 7.22 14.37 -44.36
C TYR C 134 8.69 14.44 -44.79
N GLU C 135 9.57 13.84 -43.99
CA GLU C 135 10.99 13.81 -44.31
C GLU C 135 11.55 12.42 -44.07
N ILE C 136 12.53 12.02 -44.91
CA ILE C 136 13.47 10.97 -44.56
C ILE C 136 14.83 11.59 -44.27
N ILE C 137 15.37 11.35 -43.07
CA ILE C 137 16.62 11.93 -42.64
C ILE C 137 17.65 10.85 -42.34
N LYS C 138 18.91 11.19 -42.68
CA LYS C 138 20.08 10.43 -42.29
C LYS C 138 20.81 11.21 -41.20
N VAL C 139 20.98 10.59 -40.05
CA VAL C 139 21.65 11.27 -38.96
C VAL C 139 23.00 10.62 -38.79
N LEU C 140 24.04 11.43 -38.63
CA LEU C 140 25.33 10.84 -38.30
C LEU C 140 26.05 11.78 -37.37
N GLN C 141 26.54 11.26 -36.24
CA GLN C 141 27.20 12.07 -35.19
C GLN C 141 26.34 13.31 -34.85
N HIS C 142 25.05 13.13 -34.54
CA HIS C 142 24.21 14.25 -34.07
C HIS C 142 24.07 15.37 -35.11
N GLU C 143 24.19 15.01 -36.40
CA GLU C 143 24.03 15.93 -37.51
C GLU C 143 23.12 15.29 -38.57
N ILE C 144 22.14 16.06 -39.06
CA ILE C 144 21.40 15.58 -40.19
C ILE C 144 22.26 15.87 -41.42
N ILE C 145 22.72 14.81 -42.11
CA ILE C 145 23.56 14.96 -43.29
C ILE C 145 22.81 14.72 -44.62
N GLU C 146 21.55 14.28 -44.55
CA GLU C 146 20.81 14.10 -45.77
C GLU C 146 19.32 14.14 -45.42
N ARG C 147 18.54 14.81 -46.28
CA ARG C 147 17.10 14.94 -46.07
C ARG C 147 16.35 14.95 -47.39
N ALA C 148 15.40 14.03 -47.52
CA ALA C 148 14.43 14.08 -48.60
C ALA C 148 13.08 14.52 -48.02
N VAL C 149 12.29 15.16 -48.88
CA VAL C 149 11.05 15.77 -48.46
C VAL C 149 9.91 15.28 -49.34
N LEU C 150 8.75 15.10 -48.69
CA LEU C 150 7.51 14.77 -49.36
C LEU C 150 6.43 15.67 -48.81
N TYR C 151 5.77 16.38 -49.73
CA TYR C 151 4.57 17.12 -49.35
C TYR C 151 3.37 16.32 -49.84
N VAL C 152 2.52 15.94 -48.90
CA VAL C 152 1.32 15.19 -49.23
C VAL C 152 0.15 16.17 -49.18
N PRO C 153 -0.70 16.24 -50.23
CA PRO C 153 -1.88 17.09 -50.19
C PRO C 153 -2.78 16.69 -49.03
N SER C 154 -3.15 17.71 -48.26
CA SER C 154 -4.04 17.55 -47.09
C SER C 154 -5.38 18.23 -47.36
N LEU C 155 -5.57 19.48 -46.99
CA LEU C 155 -6.88 20.07 -47.20
C LEU C 155 -6.80 21.45 -47.87
N GLY C 156 -6.64 22.51 -47.07
CA GLY C 156 -6.62 23.85 -47.62
C GLY C 156 -6.75 24.86 -46.49
N TYR C 157 -6.60 26.14 -46.88
CA TYR C 157 -6.47 27.26 -45.98
C TYR C 157 -6.89 28.49 -46.77
N VAL C 158 -7.69 29.32 -46.12
CA VAL C 158 -8.19 30.54 -46.71
C VAL C 158 -7.86 31.71 -45.80
N LYS C 159 -7.04 32.62 -46.32
CA LYS C 159 -6.67 33.85 -45.63
C LYS C 159 -7.58 34.97 -46.16
N SER C 160 -7.95 35.90 -45.27
CA SER C 160 -8.81 37.00 -45.65
C SER C 160 -8.28 38.29 -45.05
N ILE C 161 -8.55 39.37 -45.78
CA ILE C 161 -8.20 40.71 -45.37
C ILE C 161 -9.28 41.70 -45.76
N GLU C 162 -9.44 42.66 -44.86
CA GLU C 162 -10.28 43.81 -45.07
C GLU C 162 -9.48 44.82 -45.89
N PHE C 163 -10.14 45.42 -46.87
CA PHE C 163 -9.49 46.38 -47.73
C PHE C 163 -10.54 47.32 -48.26
N ASN C 164 -10.06 48.45 -48.72
CA ASN C 164 -10.84 49.50 -49.35
C ASN C 164 -10.56 49.39 -50.84
N PRO C 165 -11.50 49.75 -51.75
CA PRO C 165 -11.18 49.72 -53.17
C PRO C 165 -10.12 50.76 -53.48
N GLY C 166 -9.13 50.40 -54.31
CA GLY C 166 -7.98 51.22 -54.62
C GLY C 166 -6.83 51.15 -53.61
N GLU C 167 -6.98 50.41 -52.51
CA GLU C 167 -5.95 50.38 -51.46
C GLU C 167 -5.00 49.22 -51.67
N LYS C 168 -3.74 49.38 -51.24
CA LYS C 168 -2.76 48.31 -51.40
C LYS C 168 -2.74 47.48 -50.12
N ILE C 169 -2.41 46.18 -50.33
CA ILE C 169 -2.06 45.24 -49.29
C ILE C 169 -0.61 44.83 -49.48
N ASN C 170 0.08 44.59 -48.36
CA ASN C 170 1.48 44.21 -48.32
C ASN C 170 1.69 42.87 -49.04
N LYS C 171 2.84 42.76 -49.74
CA LYS C 171 3.17 41.62 -50.58
C LYS C 171 3.10 40.32 -49.77
N ASP C 172 3.62 40.28 -48.53
CA ASP C 172 3.60 39.08 -47.70
C ASP C 172 2.19 38.51 -47.45
N PHE C 173 1.13 39.32 -47.58
CA PHE C 173 -0.20 38.75 -47.42
C PHE C 173 -0.42 37.81 -48.61
N TYR C 174 0.04 38.24 -49.79
CA TYR C 174 -0.26 37.56 -51.05
C TYR C 174 0.73 36.43 -51.36
N PHE C 175 1.99 36.57 -50.94
CA PHE C 175 3.09 35.84 -51.55
C PHE C 175 4.04 35.28 -50.49
N LEU C 176 4.22 33.97 -50.53
CA LEU C 176 5.08 33.32 -49.56
C LEU C 176 6.43 33.02 -50.22
N THR C 177 7.54 33.42 -49.61
CA THR C 177 8.83 33.25 -50.28
C THR C 177 9.44 31.90 -49.91
N ASN C 178 9.22 31.43 -48.68
CA ASN C 178 9.75 30.16 -48.18
C ASN C 178 8.59 29.29 -47.63
N ASP C 179 8.61 27.97 -47.91
CA ASP C 179 7.65 27.03 -47.34
C ASP C 179 7.51 27.24 -45.82
N LYS C 180 6.33 27.04 -45.27
CA LYS C 180 6.20 27.14 -43.82
C LYS C 180 4.89 26.49 -43.40
N CYS C 181 4.77 26.27 -42.10
CA CYS C 181 3.60 25.65 -41.53
C CYS C 181 2.76 26.75 -40.89
N ILE C 182 1.45 26.74 -41.17
CA ILE C 182 0.55 27.74 -40.67
C ILE C 182 0.09 27.36 -39.27
N LEU C 183 0.25 26.08 -38.92
CA LEU C 183 0.09 25.60 -37.56
C LEU C 183 1.46 25.56 -36.90
N ASN C 184 1.52 25.02 -35.68
CA ASN C 184 2.80 24.68 -35.08
C ASN C 184 3.37 23.47 -35.81
N GLU C 185 4.65 23.52 -36.13
CA GLU C 185 5.34 22.39 -36.72
C GLU C 185 5.43 21.24 -35.72
N GLN C 186 5.70 20.05 -36.21
CA GLN C 186 6.07 18.99 -35.31
C GLN C 186 7.28 18.23 -35.86
N PHE C 187 7.71 17.25 -35.09
CA PHE C 187 8.89 16.47 -35.42
C PHE C 187 8.64 15.13 -34.75
N LEU C 188 7.96 14.26 -35.48
CA LEU C 188 7.59 12.95 -34.97
C LEU C 188 8.31 11.90 -35.80
N TYR C 189 9.20 11.12 -35.16
CA TYR C 189 10.12 10.27 -35.90
C TYR C 189 10.01 8.79 -35.51
N LYS C 190 10.39 7.94 -36.47
CA LYS C 190 10.67 6.55 -36.17
C LYS C 190 11.89 6.12 -36.98
N LYS C 191 12.86 5.52 -36.28
CA LYS C 191 14.05 4.97 -36.91
C LYS C 191 13.59 3.89 -37.88
N ILE C 192 14.12 3.90 -39.10
CA ILE C 192 13.83 2.89 -40.11
C ILE C 192 14.80 1.72 -39.94
N LEU C 193 14.28 0.50 -39.96
CA LEU C 193 15.14 -0.69 -39.98
C LEU C 193 14.80 -1.50 -41.22
N GLU C 194 15.81 -2.04 -41.90
CA GLU C 194 15.55 -2.82 -43.12
C GLU C 194 15.17 -4.26 -42.72
N ARG C 214 -8.81 -10.53 -16.27
CA ARG C 214 -10.26 -10.24 -16.11
C ARG C 214 -11.01 -11.53 -16.42
N VAL C 215 -11.92 -11.89 -15.50
CA VAL C 215 -12.67 -13.13 -15.64
C VAL C 215 -13.86 -12.89 -16.56
N LEU C 216 -14.01 -13.76 -17.58
CA LEU C 216 -15.11 -13.66 -18.51
C LEU C 216 -16.05 -14.84 -18.26
N PRO C 217 -17.23 -14.64 -17.64
CA PRO C 217 -18.06 -15.76 -17.28
C PRO C 217 -18.94 -16.23 -18.43
N TYR C 218 -18.35 -16.51 -19.58
CA TYR C 218 -19.13 -16.80 -20.77
C TYR C 218 -19.14 -18.31 -20.99
N SER C 219 -20.31 -18.81 -21.38
CA SER C 219 -20.47 -20.17 -21.90
C SER C 219 -19.54 -20.45 -23.09
N ASN C 220 -19.06 -21.69 -23.25
CA ASN C 220 -18.30 -22.04 -24.44
C ASN C 220 -19.10 -21.67 -25.68
N GLY C 221 -18.43 -21.09 -26.67
CA GLY C 221 -18.99 -20.89 -28.00
C GLY C 221 -18.43 -19.61 -28.65
N LEU C 222 -19.20 -19.02 -29.58
CA LEU C 222 -18.72 -17.88 -30.33
C LEU C 222 -19.34 -16.61 -29.75
N TYR C 223 -18.59 -15.51 -29.75
CA TYR C 223 -19.11 -14.21 -29.34
C TYR C 223 -18.57 -13.13 -30.27
N VAL C 224 -19.46 -12.25 -30.75
CA VAL C 224 -19.08 -10.97 -31.33
C VAL C 224 -19.33 -9.87 -30.31
N ILE C 225 -18.29 -9.07 -30.04
CA ILE C 225 -18.34 -8.03 -29.03
C ILE C 225 -18.07 -6.67 -29.69
N ASN C 226 -19.06 -5.78 -29.61
CA ASN C 226 -18.85 -4.40 -30.01
C ASN C 226 -18.18 -3.69 -28.86
N LYS C 227 -16.89 -3.42 -29.04
CA LYS C 227 -16.05 -2.73 -28.04
C LYS C 227 -16.18 -1.20 -28.21
N GLY C 228 -17.06 -0.70 -29.07
CA GLY C 228 -17.33 0.73 -29.17
C GLY C 228 -16.85 1.38 -30.48
N ASP C 229 -17.07 2.70 -30.55
CA ASP C 229 -16.94 3.48 -31.76
C ASP C 229 -15.88 4.56 -31.55
N GLY C 230 -15.52 5.25 -32.65
CA GLY C 230 -14.60 6.38 -32.58
C GLY C 230 -13.14 5.92 -32.49
N TYR C 231 -12.84 4.68 -32.89
CA TYR C 231 -11.47 4.22 -32.82
C TYR C 231 -10.71 4.79 -34.00
N ILE C 232 -9.51 5.34 -33.74
CA ILE C 232 -8.54 5.72 -34.78
C ILE C 232 -7.22 4.98 -34.53
N ARG C 233 -6.42 4.79 -35.59
CA ARG C 233 -5.06 4.27 -35.45
C ARG C 233 -4.15 5.36 -34.92
N THR C 234 -3.03 4.92 -34.32
CA THR C 234 -2.01 5.81 -33.77
C THR C 234 -1.26 6.50 -34.91
N ASN C 235 -0.61 7.62 -34.57
CA ASN C 235 0.36 8.30 -35.42
C ASN C 235 -0.35 8.90 -36.63
N ASP C 236 -1.62 9.30 -36.43
CA ASP C 236 -2.39 10.08 -37.38
C ASP C 236 -2.64 9.26 -38.64
N LYS C 237 -2.54 7.94 -38.55
CA LYS C 237 -2.79 7.10 -39.72
C LYS C 237 -4.20 7.30 -40.25
N ASP C 238 -5.15 7.78 -39.43
CA ASP C 238 -6.50 7.98 -39.94
C ASP C 238 -6.86 9.46 -40.00
N LEU C 239 -5.85 10.34 -39.97
CA LEU C 239 -6.11 11.76 -40.11
C LEU C 239 -6.62 12.06 -41.53
N ILE C 240 -7.83 12.66 -41.62
CA ILE C 240 -8.44 13.14 -42.86
C ILE C 240 -7.82 14.47 -43.29
N GLY C 241 -7.62 15.37 -42.32
CA GLY C 241 -6.94 16.62 -42.55
C GLY C 241 -7.17 17.56 -41.38
N THR C 242 -6.55 18.75 -41.48
CA THR C 242 -6.58 19.79 -40.48
C THR C 242 -6.96 21.12 -41.13
N LEU C 243 -7.75 21.93 -40.43
CA LEU C 243 -8.01 23.28 -40.91
C LEU C 243 -7.56 24.23 -39.83
N LEU C 244 -6.81 25.26 -40.21
CA LEU C 244 -6.70 26.48 -39.43
C LEU C 244 -7.89 27.37 -39.78
N ILE C 245 -8.71 27.69 -38.80
CA ILE C 245 -9.87 28.54 -39.04
C ILE C 245 -9.59 29.92 -38.45
N GLU C 246 -9.47 30.96 -39.32
CA GLU C 246 -9.23 32.33 -38.86
C GLU C 246 -10.37 32.81 -37.94
N ALA C 247 -9.98 33.55 -36.88
CA ALA C 247 -10.92 34.20 -35.98
C ALA C 247 -12.11 34.77 -36.76
N GLY C 248 -13.33 34.41 -36.35
CA GLY C 248 -14.55 35.05 -36.83
C GLY C 248 -15.00 34.46 -38.17
N SER C 249 -14.38 33.33 -38.56
CA SER C 249 -14.76 32.64 -39.78
C SER C 249 -15.14 31.20 -39.44
N SER C 250 -15.47 30.44 -40.46
CA SER C 250 -15.90 29.07 -40.26
C SER C 250 -15.15 28.15 -41.22
N GLY C 251 -14.99 26.91 -40.82
CA GLY C 251 -14.31 25.88 -41.61
C GLY C 251 -15.05 24.56 -41.49
N SER C 252 -15.02 23.77 -42.55
CA SER C 252 -15.77 22.52 -42.56
C SER C 252 -14.99 21.45 -43.32
N ILE C 253 -15.00 20.22 -42.79
CA ILE C 253 -14.43 19.04 -43.42
C ILE C 253 -15.55 18.04 -43.70
N ILE C 254 -15.54 17.48 -44.91
CA ILE C 254 -16.71 16.84 -45.51
C ILE C 254 -16.30 15.50 -46.13
N GLN C 255 -17.03 14.46 -45.75
CA GLN C 255 -17.05 13.19 -46.46
C GLN C 255 -18.36 13.17 -47.23
N PRO C 256 -18.38 13.53 -48.53
CA PRO C 256 -19.64 13.57 -49.26
C PRO C 256 -20.02 12.27 -49.95
N ARG C 257 -19.18 11.23 -49.85
CA ARG C 257 -19.43 9.94 -50.51
C ARG C 257 -19.62 10.11 -52.01
N LEU C 258 -18.71 10.85 -52.63
CA LEU C 258 -18.59 10.89 -54.08
C LEU C 258 -18.19 9.50 -54.55
N ARG C 259 -17.39 8.81 -53.74
CA ARG C 259 -17.21 7.37 -53.90
C ARG C 259 -17.68 6.72 -52.60
N ASN C 260 -18.03 5.45 -52.69
CA ASN C 260 -18.76 4.76 -51.63
C ASN C 260 -17.82 3.85 -50.88
N THR C 261 -16.54 3.85 -51.27
CA THR C 261 -15.63 2.83 -50.84
C THR C 261 -15.19 3.15 -49.43
N THR C 262 -15.12 2.13 -48.57
CA THR C 262 -14.51 2.28 -47.26
C THR C 262 -13.49 1.16 -47.11
N ARG C 263 -12.68 1.22 -46.06
CA ARG C 263 -11.60 0.25 -45.93
C ARG C 263 -11.55 -0.31 -44.51
N PRO C 264 -12.21 -1.45 -44.27
CA PRO C 264 -12.18 -2.07 -42.95
C PRO C 264 -10.79 -2.61 -42.59
N LEU C 265 -10.52 -2.71 -41.30
CA LEU C 265 -9.26 -3.28 -40.87
C LEU C 265 -9.56 -4.61 -40.20
N PHE C 266 -8.79 -5.65 -40.56
CA PHE C 266 -9.05 -7.00 -40.09
C PHE C 266 -7.75 -7.66 -39.67
N THR C 267 -7.81 -8.40 -38.57
CA THR C 267 -6.68 -9.16 -38.06
C THR C 267 -7.29 -10.38 -37.35
N THR C 268 -6.67 -11.53 -37.58
CA THR C 268 -7.14 -12.80 -37.08
C THR C 268 -5.95 -13.56 -36.51
N SER C 269 -6.23 -14.38 -35.50
CA SER C 269 -5.24 -15.26 -34.90
C SER C 269 -5.16 -16.59 -35.67
N ASN C 270 -6.19 -16.90 -36.45
CA ASN C 270 -6.18 -18.08 -37.29
C ASN C 270 -7.13 -17.84 -38.47
N ASP C 271 -6.54 -17.74 -39.68
CA ASP C 271 -7.23 -17.44 -40.92
C ASP C 271 -8.01 -18.65 -41.45
N ALA C 272 -7.69 -19.86 -40.94
CA ALA C 272 -8.43 -21.05 -41.33
C ALA C 272 -9.78 -21.12 -40.61
N LYS C 273 -9.81 -20.71 -39.34
CA LYS C 273 -11.08 -20.73 -38.63
C LYS C 273 -11.79 -19.40 -38.84
N PHE C 274 -11.08 -18.31 -38.57
CA PHE C 274 -11.66 -16.96 -38.62
C PHE C 274 -11.03 -16.15 -39.76
N SER C 275 -11.44 -16.43 -41.00
CA SER C 275 -11.18 -15.57 -42.15
C SER C 275 -12.02 -14.30 -42.08
N GLN C 276 -11.75 -13.40 -43.01
CA GLN C 276 -12.43 -12.13 -43.07
C GLN C 276 -13.91 -12.36 -43.39
N GLN C 277 -14.15 -13.20 -44.41
CA GLN C 277 -15.49 -13.54 -44.83
C GLN C 277 -16.28 -14.18 -43.69
N TYR C 278 -15.68 -15.16 -42.99
CA TYR C 278 -16.29 -15.74 -41.80
C TYR C 278 -16.58 -14.65 -40.75
N THR C 279 -15.64 -13.75 -40.48
CA THR C 279 -15.85 -12.76 -39.44
C THR C 279 -17.03 -11.85 -39.82
N GLU C 280 -17.15 -11.51 -41.11
CA GLU C 280 -18.20 -10.63 -41.58
C GLU C 280 -19.55 -11.32 -41.41
N GLU C 281 -19.58 -12.61 -41.71
CA GLU C 281 -20.79 -13.41 -41.59
C GLU C 281 -21.20 -13.49 -40.11
N ARG C 282 -20.24 -13.48 -39.20
CA ARG C 282 -20.51 -13.42 -37.76
C ARG C 282 -21.05 -12.05 -37.34
N LEU C 283 -20.49 -10.98 -37.92
CA LEU C 283 -21.06 -9.66 -37.70
C LEU C 283 -22.48 -9.58 -38.22
N LYS C 284 -22.75 -10.25 -39.34
CA LYS C 284 -24.11 -10.32 -39.87
C LYS C 284 -25.02 -11.07 -38.87
N ASP C 285 -24.53 -12.19 -38.33
CA ASP C 285 -25.33 -12.97 -37.37
C ASP C 285 -25.67 -12.15 -36.12
N ALA C 286 -24.67 -11.40 -35.62
CA ALA C 286 -24.74 -10.66 -34.37
C ALA C 286 -25.60 -9.39 -34.49
N PHE C 287 -25.27 -8.49 -35.42
CA PHE C 287 -25.91 -7.19 -35.47
C PHE C 287 -26.60 -6.93 -36.81
N ASN C 288 -26.66 -7.94 -37.69
CA ASN C 288 -27.21 -7.79 -39.04
C ASN C 288 -26.45 -6.73 -39.85
N VAL C 289 -25.12 -6.65 -39.69
CA VAL C 289 -24.29 -5.79 -40.51
C VAL C 289 -24.32 -6.31 -41.95
N GLN C 290 -24.52 -5.42 -42.93
CA GLN C 290 -24.63 -5.76 -44.35
C GLN C 290 -23.45 -5.24 -45.17
N LEU C 291 -23.14 -3.95 -44.99
CA LEU C 291 -22.11 -3.29 -45.80
C LEU C 291 -20.82 -3.13 -45.03
N PHE C 292 -19.76 -3.81 -45.51
CA PHE C 292 -18.46 -3.84 -44.85
C PHE C 292 -17.42 -2.93 -45.49
N ASN C 293 -17.52 -2.75 -46.81
CA ASN C 293 -16.50 -2.01 -47.52
C ASN C 293 -17.14 -0.95 -48.42
N THR C 294 -18.43 -0.63 -48.23
CA THR C 294 -19.00 0.56 -48.80
C THR C 294 -19.83 1.28 -47.75
N SER C 295 -20.19 2.54 -48.03
CA SER C 295 -21.12 3.31 -47.23
C SER C 295 -21.77 4.38 -48.10
N THR C 296 -23.05 4.67 -47.83
CA THR C 296 -23.68 5.87 -48.37
C THR C 296 -23.91 6.86 -47.24
N SER C 297 -23.39 6.56 -46.04
CA SER C 297 -23.59 7.42 -44.90
C SER C 297 -22.61 8.60 -44.94
N LEU C 298 -23.18 9.80 -44.95
CA LEU C 298 -22.46 11.06 -45.04
C LEU C 298 -22.08 11.57 -43.66
N PHE C 299 -20.91 12.19 -43.55
CA PHE C 299 -20.59 12.93 -42.35
C PHE C 299 -19.78 14.16 -42.75
N LYS C 300 -19.93 15.19 -41.94
CA LYS C 300 -19.20 16.44 -42.07
C LYS C 300 -19.12 17.13 -40.70
N PHE C 301 -18.00 17.83 -40.44
CA PHE C 301 -17.82 18.66 -39.27
C PHE C 301 -17.70 20.14 -39.66
N VAL C 302 -18.42 20.98 -38.90
CA VAL C 302 -18.42 22.43 -39.04
C VAL C 302 -17.94 23.04 -37.72
N GLU C 303 -16.98 23.98 -37.80
CA GLU C 303 -16.45 24.65 -36.64
C GLU C 303 -16.36 26.14 -36.91
N GLU C 304 -16.97 26.91 -35.99
CA GLU C 304 -17.00 28.36 -36.16
C GLU C 304 -16.06 28.90 -35.10
N ALA C 305 -15.05 29.67 -35.52
CA ALA C 305 -14.08 30.26 -34.64
C ALA C 305 -14.64 31.53 -34.00
N PRO C 306 -14.36 31.74 -32.70
CA PRO C 306 -14.80 32.97 -32.05
C PRO C 306 -14.13 34.22 -32.63
N SER C 307 -14.69 35.39 -32.32
CA SER C 307 -14.13 36.66 -32.77
C SER C 307 -12.67 36.86 -32.34
N ASN C 308 -12.24 36.05 -31.37
CA ASN C 308 -11.08 36.37 -30.57
C ASN C 308 -9.86 35.46 -30.81
N LYS C 309 -10.08 34.19 -31.20
CA LYS C 309 -9.00 33.22 -31.31
C LYS C 309 -9.14 32.42 -32.62
N ASN C 310 -8.00 31.99 -33.16
CA ASN C 310 -7.97 31.06 -34.29
C ASN C 310 -8.15 29.64 -33.78
N ILE C 311 -8.88 28.78 -34.51
CA ILE C 311 -9.12 27.40 -34.10
C ILE C 311 -8.58 26.41 -35.11
N CYS C 312 -8.20 25.24 -34.60
CA CYS C 312 -7.67 24.13 -35.36
C CYS C 312 -8.62 22.95 -35.19
N ILE C 313 -9.10 22.39 -36.31
CA ILE C 313 -9.94 21.21 -36.28
C ILE C 313 -9.19 20.12 -37.03
N LYS C 314 -9.15 18.96 -36.38
CA LYS C 314 -8.57 17.76 -36.95
C LYS C 314 -9.72 16.77 -37.10
N ALA C 315 -9.99 16.33 -38.33
CA ALA C 315 -10.95 15.28 -38.59
C ALA C 315 -10.24 13.96 -38.88
N TYR C 316 -10.81 12.86 -38.36
CA TYR C 316 -10.28 11.51 -38.56
C TYR C 316 -11.38 10.59 -39.08
N ASN C 317 -11.01 9.68 -39.96
CA ASN C 317 -11.81 8.49 -40.09
C ASN C 317 -11.74 7.69 -38.80
N THR C 318 -12.80 6.93 -38.53
CA THR C 318 -12.93 6.15 -37.32
C THR C 318 -13.45 4.78 -37.69
N TYR C 319 -13.37 3.88 -36.70
CA TYR C 319 -13.93 2.55 -36.82
C TYR C 319 -14.70 2.19 -35.56
N GLU C 320 -15.60 1.24 -35.76
CA GLU C 320 -16.24 0.51 -34.71
C GLU C 320 -15.48 -0.79 -34.55
N LYS C 321 -14.99 -1.02 -33.32
CA LYS C 321 -14.20 -2.19 -33.01
C LYS C 321 -15.10 -3.37 -32.66
N TYR C 322 -15.02 -4.43 -33.48
CA TYR C 322 -15.68 -5.70 -33.22
C TYR C 322 -14.63 -6.76 -32.89
N GLU C 323 -14.84 -7.51 -31.82
CA GLU C 323 -14.01 -8.66 -31.51
C GLU C 323 -14.86 -9.90 -31.74
N LEU C 324 -14.33 -10.85 -32.52
CA LEU C 324 -14.89 -12.18 -32.64
C LEU C 324 -14.02 -13.16 -31.86
N ILE C 325 -14.59 -13.85 -30.87
CA ILE C 325 -13.83 -14.79 -30.07
C ILE C 325 -14.54 -16.15 -30.06
N ASP C 326 -13.69 -17.18 -30.10
CA ASP C 326 -14.05 -18.54 -29.73
C ASP C 326 -13.57 -18.78 -28.29
N TYR C 327 -14.55 -18.97 -27.42
CA TYR C 327 -14.32 -19.05 -26.00
C TYR C 327 -14.61 -20.47 -25.55
N GLN C 328 -13.62 -21.09 -24.92
CA GLN C 328 -13.69 -22.50 -24.54
C GLN C 328 -13.05 -22.65 -23.17
N ASN C 329 -13.84 -23.19 -22.25
CA ASN C 329 -13.35 -23.56 -20.90
C ASN C 329 -12.52 -22.40 -20.37
N GLY C 330 -13.06 -21.20 -20.41
CA GLY C 330 -12.40 -20.10 -19.72
C GLY C 330 -11.27 -19.35 -20.41
N SER C 331 -11.00 -19.69 -21.68
CA SER C 331 -9.88 -19.15 -22.44
C SER C 331 -10.39 -18.74 -23.80
N ILE C 332 -9.81 -17.66 -24.31
CA ILE C 332 -9.99 -17.28 -25.70
C ILE C 332 -9.03 -18.12 -26.54
N VAL C 333 -9.58 -19.00 -27.37
CA VAL C 333 -8.79 -19.94 -28.16
C VAL C 333 -8.59 -19.47 -29.60
N ASN C 334 -9.52 -18.66 -30.13
CA ASN C 334 -9.39 -17.99 -31.41
C ASN C 334 -10.04 -16.60 -31.30
N LYS C 335 -9.40 -15.60 -31.90
CA LYS C 335 -9.85 -14.22 -31.87
C LYS C 335 -9.59 -13.54 -33.21
N ALA C 336 -10.59 -12.81 -33.73
CA ALA C 336 -10.35 -11.80 -34.75
C ALA C 336 -10.80 -10.43 -34.24
N GLU C 337 -10.11 -9.38 -34.73
CA GLU C 337 -10.53 -8.01 -34.60
C GLU C 337 -10.96 -7.49 -35.98
N TYR C 338 -12.14 -6.84 -36.02
CA TYR C 338 -12.71 -6.28 -37.24
C TYR C 338 -13.08 -4.80 -36.98
N TYR C 339 -12.33 -3.91 -37.60
CA TYR C 339 -12.58 -2.48 -37.46
C TYR C 339 -13.49 -2.05 -38.61
N LEU C 340 -14.75 -1.78 -38.29
CA LEU C 340 -15.76 -1.47 -39.29
C LEU C 340 -15.76 0.05 -39.49
N PRO C 341 -15.61 0.53 -40.74
CA PRO C 341 -15.51 1.97 -40.99
C PRO C 341 -16.73 2.71 -40.48
N SER C 342 -16.49 3.87 -39.87
CA SER C 342 -17.48 4.57 -39.08
C SER C 342 -17.53 6.02 -39.54
N LEU C 343 -18.12 6.93 -38.74
CA LEU C 343 -18.50 8.23 -39.25
C LEU C 343 -17.75 9.37 -38.58
N GLY C 344 -16.53 9.05 -38.15
CA GLY C 344 -15.51 10.05 -37.96
C GLY C 344 -15.46 10.66 -36.56
N TYR C 345 -14.42 11.48 -36.41
CA TYR C 345 -14.01 12.07 -35.14
C TYR C 345 -13.48 13.47 -35.44
N CYS C 346 -14.00 14.46 -34.75
CA CYS C 346 -13.56 15.82 -34.92
C CYS C 346 -12.98 16.33 -33.59
N GLU C 347 -11.70 16.68 -33.59
CA GLU C 347 -11.01 17.24 -32.42
C GLU C 347 -10.79 18.73 -32.64
N VAL C 348 -11.35 19.54 -31.77
CA VAL C 348 -11.23 20.98 -31.84
C VAL C 348 -10.21 21.43 -30.80
N THR C 349 -9.18 22.20 -31.23
CA THR C 349 -8.22 22.79 -30.31
C THR C 349 -7.97 24.24 -30.69
N ASN C 350 -7.54 25.03 -29.69
CA ASN C 350 -7.02 26.37 -29.93
C ASN C 350 -5.85 26.24 -30.91
N ALA C 351 -5.79 27.13 -31.91
CA ALA C 351 -4.68 27.12 -32.85
C ALA C 351 -3.40 27.42 -32.07
N PRO C 352 -2.48 26.45 -31.92
CA PRO C 352 -1.20 26.75 -31.30
C PRO C 352 -0.44 27.73 -32.20
N SER C 353 0.39 28.57 -31.57
CA SER C 353 1.27 29.47 -32.29
C SER C 353 2.08 28.64 -33.31
N PRO C 354 2.24 29.12 -34.57
CA PRO C 354 3.23 28.53 -35.50
C PRO C 354 4.71 28.68 -35.07
N GLU C 355 5.01 29.66 -34.20
CA GLU C 355 6.37 29.92 -33.71
C GLU C 355 6.68 29.08 -32.46
N SER C 356 5.86 28.06 -32.19
CA SER C 356 5.95 27.28 -30.96
C SER C 356 7.18 26.35 -31.00
N GLU C 357 7.80 26.16 -29.82
CA GLU C 357 8.93 25.25 -29.62
C GLU C 357 8.63 23.87 -30.18
N VAL C 358 9.42 23.42 -31.17
CA VAL C 358 9.24 22.11 -31.75
C VAL C 358 9.98 21.10 -30.88
N VAL C 359 9.28 20.07 -30.39
CA VAL C 359 9.88 19.09 -29.50
C VAL C 359 9.92 17.76 -30.25
N LYS C 360 11.11 17.16 -30.37
CA LYS C 360 11.28 15.95 -31.16
C LYS C 360 10.74 14.78 -30.36
N THR C 361 9.81 13.99 -30.95
CA THR C 361 9.05 12.99 -30.21
C THR C 361 9.03 11.70 -31.00
N GLN C 362 9.34 10.56 -30.36
CA GLN C 362 9.13 9.28 -31.00
C GLN C 362 7.63 9.05 -31.21
N VAL C 363 7.30 8.44 -32.35
CA VAL C 363 5.95 7.99 -32.68
C VAL C 363 5.53 6.93 -31.66
N ALA C 364 4.21 6.80 -31.46
CA ALA C 364 3.61 5.70 -30.70
C ALA C 364 3.82 4.36 -31.42
N GLU C 365 3.62 3.26 -30.70
CA GLU C 365 3.59 1.95 -31.33
C GLU C 365 2.32 1.91 -32.16
N ASP C 366 2.28 1.08 -33.21
CA ASP C 366 1.04 0.88 -33.94
C ASP C 366 -0.01 0.33 -32.98
N GLY C 367 -1.26 0.68 -33.25
CA GLY C 367 -2.39 0.30 -32.41
C GLY C 367 -3.49 1.32 -32.58
N PHE C 368 -4.38 1.40 -31.60
CA PHE C 368 -5.60 2.17 -31.72
C PHE C 368 -5.81 2.97 -30.44
N ILE C 369 -6.58 4.06 -30.60
CA ILE C 369 -7.01 4.96 -29.56
C ILE C 369 -8.53 5.10 -29.71
N GLN C 370 -9.30 4.92 -28.62
CA GLN C 370 -10.74 5.12 -28.66
C GLN C 370 -11.08 6.55 -28.24
N ASN C 371 -11.80 7.25 -29.12
CA ASN C 371 -12.31 8.59 -28.84
C ASN C 371 -13.81 8.58 -28.57
N GLY C 372 -14.49 7.51 -28.98
CA GLY C 372 -15.91 7.35 -28.69
C GLY C 372 -16.14 6.86 -27.26
N PRO C 373 -17.41 6.79 -26.82
CA PRO C 373 -17.71 6.47 -25.44
C PRO C 373 -17.49 5.00 -25.12
N GLU C 374 -17.27 4.69 -23.84
CA GLU C 374 -17.07 3.33 -23.41
C GLU C 374 -18.27 2.43 -23.75
N GLU C 375 -17.98 1.25 -24.28
CA GLU C 375 -19.02 0.39 -24.80
C GLU C 375 -18.52 -1.05 -24.86
N GLU C 376 -19.36 -1.97 -24.39
CA GLU C 376 -19.12 -3.39 -24.54
C GLU C 376 -20.45 -4.11 -24.70
N ILE C 377 -20.77 -4.51 -25.93
CA ILE C 377 -21.99 -5.26 -26.19
C ILE C 377 -21.62 -6.65 -26.67
N VAL C 378 -21.89 -7.66 -25.80
CA VAL C 378 -21.48 -9.03 -25.99
C VAL C 378 -22.65 -9.82 -26.55
N VAL C 379 -22.52 -10.30 -27.79
CA VAL C 379 -23.55 -11.02 -28.50
C VAL C 379 -23.02 -12.40 -28.89
N GLY C 380 -23.64 -13.43 -28.31
CA GLY C 380 -23.42 -14.82 -28.71
C GLY C 380 -23.96 -15.05 -30.12
N VAL C 381 -23.30 -15.94 -30.85
CA VAL C 381 -23.75 -16.23 -32.20
C VAL C 381 -23.81 -17.73 -32.37
N ILE C 382 -24.80 -18.18 -33.14
CA ILE C 382 -24.94 -19.59 -33.43
C ILE C 382 -23.73 -20.07 -34.21
N ASP C 383 -23.17 -21.18 -33.77
CA ASP C 383 -21.99 -21.69 -34.45
C ASP C 383 -22.47 -22.34 -35.74
N PRO C 384 -22.05 -21.86 -36.94
CA PRO C 384 -22.58 -22.36 -38.20
C PRO C 384 -22.15 -23.80 -38.48
N SER C 385 -21.17 -24.32 -37.72
CA SER C 385 -20.74 -25.71 -37.88
C SER C 385 -21.72 -26.68 -37.21
N GLU C 386 -22.68 -26.12 -36.46
CA GLU C 386 -23.64 -26.93 -35.74
C GLU C 386 -25.04 -26.72 -36.33
N ASN C 387 -25.70 -27.85 -36.59
CA ASN C 387 -26.98 -27.96 -37.27
C ASN C 387 -28.11 -27.50 -36.35
N ILE C 388 -29.17 -26.98 -36.96
CA ILE C 388 -30.32 -26.44 -36.25
C ILE C 388 -31.53 -27.27 -36.63
N GLN C 389 -32.10 -27.98 -35.66
CA GLN C 389 -33.38 -28.63 -35.80
C GLN C 389 -34.45 -27.75 -35.18
N GLU C 390 -35.68 -27.93 -35.63
CA GLU C 390 -36.81 -27.09 -35.25
C GLU C 390 -37.93 -27.98 -34.74
N ILE C 391 -38.59 -27.52 -33.67
CA ILE C 391 -39.88 -27.96 -33.19
C ILE C 391 -40.87 -26.91 -33.72
N ASN C 392 -41.76 -27.38 -34.61
CA ASN C 392 -42.59 -26.53 -35.47
C ASN C 392 -43.86 -26.16 -34.72
N THR C 393 -44.22 -26.94 -33.72
CA THR C 393 -45.42 -26.73 -32.93
C THR C 393 -44.98 -25.99 -31.67
N ALA C 394 -45.71 -24.94 -31.30
CA ALA C 394 -45.45 -24.34 -30.01
C ALA C 394 -45.67 -25.41 -28.97
N ILE C 395 -44.77 -25.48 -27.99
CA ILE C 395 -44.82 -26.34 -26.81
C ILE C 395 -45.79 -25.80 -25.76
N SER C 396 -46.60 -26.73 -25.19
CA SER C 396 -47.72 -26.43 -24.31
C SER C 396 -47.49 -26.65 -22.81
N ASP C 397 -47.61 -27.89 -22.31
CA ASP C 397 -47.38 -28.08 -20.89
C ASP C 397 -46.39 -29.22 -20.91
N ASN C 398 -46.41 -30.04 -21.96
CA ASN C 398 -45.47 -31.15 -22.06
C ASN C 398 -45.12 -31.39 -23.52
N TYR C 399 -43.86 -31.72 -23.75
CA TYR C 399 -43.44 -32.22 -25.03
C TYR C 399 -42.22 -33.09 -24.80
N THR C 400 -42.08 -34.12 -25.65
CA THR C 400 -40.87 -34.93 -25.76
C THR C 400 -40.36 -34.90 -27.20
N TYR C 401 -39.05 -34.81 -27.34
CA TYR C 401 -38.38 -34.65 -28.61
C TYR C 401 -37.28 -35.70 -28.67
N ASN C 402 -37.42 -36.68 -29.58
CA ASN C 402 -36.59 -37.85 -29.54
C ASN C 402 -35.33 -37.49 -30.30
N ILE C 403 -34.20 -37.98 -29.78
CA ILE C 403 -32.86 -37.64 -30.19
C ILE C 403 -32.18 -38.97 -30.49
N PRO C 404 -31.70 -39.20 -31.73
CA PRO C 404 -30.98 -40.43 -32.04
C PRO C 404 -29.51 -40.38 -31.60
N GLY C 405 -28.89 -41.56 -31.46
CA GLY C 405 -27.49 -41.70 -31.06
C GLY C 405 -26.69 -42.41 -32.15
N ILE C 406 -25.46 -41.92 -32.40
CA ILE C 406 -24.44 -42.70 -33.08
C ILE C 406 -23.21 -42.73 -32.18
N VAL C 407 -22.12 -43.37 -32.62
CA VAL C 407 -20.98 -43.60 -31.74
C VAL C 407 -20.44 -42.27 -31.24
N ASN C 408 -20.54 -41.24 -32.11
CA ASN C 408 -20.02 -39.91 -31.85
C ASN C 408 -20.98 -38.85 -32.40
N ASN C 409 -21.89 -38.38 -31.54
CA ASN C 409 -22.88 -37.37 -31.91
C ASN C 409 -22.23 -36.00 -31.94
N ASN C 410 -22.43 -35.25 -33.04
CA ASN C 410 -22.04 -33.86 -33.17
C ASN C 410 -22.97 -32.98 -32.32
N PRO C 411 -22.49 -31.83 -31.78
CA PRO C 411 -23.38 -30.89 -31.11
C PRO C 411 -24.40 -30.32 -32.09
N PHE C 412 -25.56 -29.92 -31.56
CA PHE C 412 -26.62 -29.36 -32.38
C PHE C 412 -27.58 -28.55 -31.50
N TYR C 413 -28.41 -27.76 -32.17
CA TYR C 413 -29.34 -26.86 -31.56
C TYR C 413 -30.75 -27.29 -31.92
N ILE C 414 -31.69 -26.88 -31.08
CA ILE C 414 -33.10 -27.11 -31.31
C ILE C 414 -33.81 -25.78 -31.05
N LEU C 415 -34.41 -25.22 -32.11
CA LEU C 415 -35.18 -23.98 -32.05
C LEU C 415 -36.62 -24.32 -31.71
N PHE C 416 -37.20 -23.60 -30.77
CA PHE C 416 -38.57 -23.85 -30.33
C PHE C 416 -39.18 -22.60 -29.70
N THR C 417 -40.49 -22.64 -29.40
CA THR C 417 -41.24 -21.59 -28.74
C THR C 417 -42.32 -22.26 -27.90
N VAL C 418 -42.86 -21.52 -26.92
CA VAL C 418 -43.87 -22.06 -26.05
C VAL C 418 -45.16 -21.28 -26.24
N ASN C 419 -46.30 -21.90 -25.92
CA ASN C 419 -47.61 -21.30 -26.09
C ASN C 419 -47.96 -20.41 -24.91
N THR C 420 -47.44 -20.71 -23.73
CA THR C 420 -47.81 -19.95 -22.56
C THR C 420 -46.54 -19.56 -21.84
N THR C 421 -46.44 -18.27 -21.48
CA THR C 421 -45.40 -17.79 -20.58
C THR C 421 -45.45 -18.58 -19.27
N GLY C 422 -44.28 -19.12 -18.85
CA GLY C 422 -44.20 -19.79 -17.56
C GLY C 422 -42.80 -20.35 -17.27
N ILE C 423 -42.69 -21.11 -16.19
CA ILE C 423 -41.40 -21.71 -15.86
C ILE C 423 -41.38 -23.13 -16.41
N TYR C 424 -40.29 -23.51 -17.09
CA TYR C 424 -40.21 -24.81 -17.73
C TYR C 424 -39.01 -25.58 -17.13
N LYS C 425 -39.24 -26.87 -16.88
CA LYS C 425 -38.17 -27.82 -16.60
C LYS C 425 -37.81 -28.49 -17.90
N ILE C 426 -36.51 -28.56 -18.18
CA ILE C 426 -36.02 -29.08 -19.44
C ILE C 426 -34.79 -29.96 -19.15
N ASN C 427 -34.83 -31.19 -19.63
CA ASN C 427 -33.71 -32.11 -19.46
C ASN C 427 -33.73 -33.24 -20.48
N ALA C 428 -32.58 -33.91 -20.58
CA ALA C 428 -32.43 -35.16 -21.32
C ALA C 428 -32.80 -36.33 -20.42
N GLN C 429 -32.83 -37.54 -20.99
CA GLN C 429 -33.27 -38.74 -20.27
C GLN C 429 -32.21 -39.02 -19.23
N ASN C 430 -32.63 -39.30 -17.98
CA ASN C 430 -31.70 -39.38 -16.85
C ASN C 430 -30.82 -38.13 -16.69
N ASN C 431 -31.27 -36.97 -17.18
CA ASN C 431 -30.53 -35.70 -17.01
C ASN C 431 -29.15 -35.68 -17.65
N LEU C 432 -28.92 -36.55 -18.67
CA LEU C 432 -27.66 -36.64 -19.39
C LEU C 432 -27.95 -36.71 -20.89
N PRO C 433 -27.28 -35.90 -21.75
CA PRO C 433 -26.24 -34.99 -21.31
C PRO C 433 -26.78 -33.70 -20.67
N SER C 434 -25.86 -32.88 -20.14
CA SER C 434 -26.19 -31.51 -19.76
C SER C 434 -26.51 -30.68 -21.01
N LEU C 435 -27.59 -29.90 -20.91
CA LEU C 435 -28.07 -29.02 -21.97
C LEU C 435 -27.78 -27.56 -21.66
N LYS C 436 -27.78 -26.75 -22.72
CA LYS C 436 -27.78 -25.31 -22.58
C LYS C 436 -28.99 -24.74 -23.30
N ILE C 437 -29.47 -23.59 -22.80
CA ILE C 437 -30.57 -22.87 -23.43
C ILE C 437 -30.23 -21.39 -23.61
N TYR C 438 -30.56 -20.90 -24.81
CA TYR C 438 -30.36 -19.52 -25.24
C TYR C 438 -31.68 -18.91 -25.71
N GLU C 439 -31.76 -17.57 -25.64
CA GLU C 439 -32.84 -16.80 -26.25
C GLU C 439 -32.35 -16.24 -27.57
N ALA C 440 -33.16 -16.32 -28.63
CA ALA C 440 -32.91 -15.62 -29.88
C ALA C 440 -33.19 -14.12 -29.70
N ILE C 441 -32.17 -13.28 -29.79
CA ILE C 441 -32.35 -11.88 -29.44
C ILE C 441 -33.28 -11.22 -30.47
N GLY C 442 -34.35 -10.61 -29.99
CA GLY C 442 -35.30 -9.89 -30.82
C GLY C 442 -36.35 -10.78 -31.47
N SER C 443 -36.30 -12.10 -31.23
CA SER C 443 -37.28 -13.00 -31.79
C SER C 443 -38.71 -12.68 -31.30
N GLY C 444 -39.70 -13.07 -32.10
CA GLY C 444 -41.08 -12.94 -31.67
C GLY C 444 -41.73 -11.58 -31.94
N ASN C 445 -41.05 -10.62 -32.58
CA ASN C 445 -41.62 -9.28 -32.72
C ASN C 445 -42.31 -9.03 -34.06
N ARG C 446 -42.24 -10.01 -34.97
CA ARG C 446 -42.54 -9.84 -36.38
C ARG C 446 -43.65 -10.75 -36.91
N ASN C 447 -43.27 -11.87 -37.51
CA ASN C 447 -44.28 -12.71 -38.12
C ASN C 447 -44.74 -13.63 -37.00
N PHE C 448 -46.01 -14.08 -37.11
CA PHE C 448 -46.63 -14.90 -36.09
C PHE C 448 -47.72 -15.79 -36.68
N GLN C 449 -47.84 -16.99 -36.12
CA GLN C 449 -48.88 -17.91 -36.50
C GLN C 449 -49.27 -18.68 -35.26
N SER C 450 -50.50 -18.44 -34.77
CA SER C 450 -51.00 -19.01 -33.54
C SER C 450 -50.65 -20.51 -33.44
N GLY C 451 -49.85 -20.87 -32.43
CA GLY C 451 -49.62 -22.27 -32.13
C GLY C 451 -48.38 -22.83 -32.78
N ASN C 452 -47.80 -22.10 -33.74
CA ASN C 452 -46.64 -22.58 -34.49
C ASN C 452 -45.44 -21.71 -34.16
N LEU C 453 -44.26 -22.28 -34.44
CA LEU C 453 -43.01 -21.57 -34.44
C LEU C 453 -43.00 -20.68 -35.66
N CYS C 454 -42.51 -19.44 -35.49
CA CYS C 454 -42.09 -18.66 -36.62
C CYS C 454 -40.58 -18.50 -36.58
N ASP C 455 -39.90 -19.07 -37.57
CA ASP C 455 -38.47 -18.88 -37.66
C ASP C 455 -38.20 -17.52 -38.31
N ASP C 456 -37.95 -16.51 -37.46
CA ASP C 456 -37.63 -15.15 -37.89
C ASP C 456 -36.12 -15.04 -38.21
N ASP C 457 -35.41 -16.18 -38.17
CA ASP C 457 -34.03 -16.32 -38.67
C ASP C 457 -33.09 -15.42 -37.90
N ILE C 458 -32.88 -15.74 -36.62
CA ILE C 458 -32.03 -14.95 -35.73
C ILE C 458 -30.99 -15.89 -35.14
N LYS C 459 -29.72 -15.57 -35.44
CA LYS C 459 -28.54 -16.29 -35.01
C LYS C 459 -27.82 -15.58 -33.86
N ALA C 460 -28.37 -14.44 -33.42
CA ALA C 460 -27.90 -13.73 -32.24
C ALA C 460 -28.56 -14.31 -30.99
N ILE C 461 -27.76 -14.69 -30.01
CA ILE C 461 -28.27 -15.47 -28.89
C ILE C 461 -27.68 -15.02 -27.55
N ASN C 462 -28.60 -14.87 -26.59
CA ASN C 462 -28.29 -14.61 -25.19
C ASN C 462 -28.35 -15.95 -24.45
N TYR C 463 -27.17 -16.40 -23.98
CA TYR C 463 -27.07 -17.52 -23.07
C TYR C 463 -27.94 -17.27 -21.85
N ILE C 464 -28.79 -18.23 -21.47
CA ILE C 464 -29.57 -18.15 -20.25
C ILE C 464 -28.93 -19.00 -19.16
N THR C 465 -28.86 -20.33 -19.38
CA THR C 465 -28.26 -21.20 -18.40
C THR C 465 -27.88 -22.55 -19.01
N GLY C 466 -27.01 -23.28 -18.30
CA GLY C 466 -26.61 -24.64 -18.61
C GLY C 466 -25.09 -24.77 -18.71
N PHE C 467 -24.61 -25.98 -18.47
CA PHE C 467 -23.18 -26.28 -18.40
C PHE C 467 -22.68 -26.91 -19.71
N ASP C 468 -21.45 -26.52 -20.07
CA ASP C 468 -20.51 -27.34 -20.83
C ASP C 468 -19.68 -28.19 -19.85
N SER C 469 -20.14 -29.41 -19.58
CA SER C 469 -19.51 -30.34 -18.65
C SER C 469 -19.88 -31.73 -19.13
N PRO C 470 -19.06 -32.37 -20.01
CA PRO C 470 -19.39 -33.69 -20.56
C PRO C 470 -19.96 -34.67 -19.53
N ASN C 471 -19.38 -34.68 -18.32
CA ASN C 471 -19.67 -35.67 -17.28
C ASN C 471 -20.77 -35.23 -16.29
N ALA C 472 -21.37 -34.05 -16.45
CA ALA C 472 -22.30 -33.56 -15.43
C ALA C 472 -23.72 -33.91 -15.83
N LYS C 473 -24.48 -34.51 -14.91
CA LYS C 473 -25.92 -34.63 -15.01
C LYS C 473 -26.58 -33.36 -14.47
N SER C 474 -27.61 -32.87 -15.18
CA SER C 474 -28.36 -31.68 -14.80
C SER C 474 -29.70 -31.59 -15.53
N TYR C 475 -30.60 -30.78 -14.96
CA TYR C 475 -31.74 -30.24 -15.66
C TYR C 475 -31.77 -28.72 -15.53
N LEU C 476 -32.56 -28.11 -16.42
CA LEU C 476 -32.70 -26.68 -16.53
C LEU C 476 -34.07 -26.27 -16.02
N VAL C 477 -34.09 -25.09 -15.37
CA VAL C 477 -35.33 -24.48 -14.90
C VAL C 477 -35.38 -23.01 -15.28
N VAL C 478 -36.28 -22.65 -16.19
CA VAL C 478 -36.15 -21.41 -16.94
C VAL C 478 -37.52 -20.80 -17.19
N LEU C 479 -37.61 -19.48 -17.03
CA LEU C 479 -38.76 -18.67 -17.44
C LEU C 479 -38.70 -18.48 -18.95
N LEU C 480 -39.69 -19.03 -19.64
CA LEU C 480 -39.81 -18.86 -21.06
C LEU C 480 -41.00 -17.97 -21.38
N ASN C 481 -40.80 -17.08 -22.34
CA ASN C 481 -41.83 -16.15 -22.79
C ASN C 481 -42.44 -16.67 -24.08
N LYS C 482 -43.78 -16.57 -24.16
CA LYS C 482 -44.50 -17.08 -25.31
C LYS C 482 -44.10 -16.34 -26.58
N ASP C 483 -43.74 -15.06 -26.44
CA ASP C 483 -43.39 -14.23 -27.59
C ASP C 483 -41.87 -14.25 -27.81
N LYS C 484 -41.25 -15.44 -27.86
CA LYS C 484 -39.82 -15.53 -28.09
C LYS C 484 -39.49 -16.93 -28.56
N ASN C 485 -38.41 -17.05 -29.33
CA ASN C 485 -37.84 -18.32 -29.70
C ASN C 485 -36.60 -18.61 -28.85
N TYR C 486 -36.44 -19.87 -28.47
CA TYR C 486 -35.27 -20.29 -27.73
C TYR C 486 -34.49 -21.33 -28.50
N TYR C 487 -33.22 -21.44 -28.20
CA TYR C 487 -32.47 -22.55 -28.74
C TYR C 487 -31.93 -23.39 -27.61
N ILE C 488 -32.20 -24.71 -27.65
CA ILE C 488 -31.50 -25.70 -26.86
C ILE C 488 -30.23 -26.07 -27.62
N ARG C 489 -29.12 -26.25 -26.90
CA ARG C 489 -27.90 -26.82 -27.43
C ARG C 489 -27.69 -28.13 -26.69
N VAL C 490 -27.65 -29.20 -27.46
CA VAL C 490 -27.26 -30.51 -26.96
C VAL C 490 -25.78 -30.65 -27.28
N PRO C 491 -24.88 -31.01 -26.34
CA PRO C 491 -23.47 -31.10 -26.67
C PRO C 491 -23.13 -32.41 -27.41
N GLN C 492 -21.94 -32.47 -28.00
CA GLN C 492 -21.32 -33.72 -28.40
C GLN C 492 -21.40 -34.72 -27.25
N THR C 493 -21.92 -35.93 -27.58
CA THR C 493 -21.93 -37.06 -26.66
C THR C 493 -21.37 -38.29 -27.39
N SER C 494 -20.30 -38.82 -26.80
CA SER C 494 -19.77 -40.14 -27.13
C SER C 494 -20.77 -41.26 -26.85
N SER C 495 -21.94 -40.97 -26.27
CA SER C 495 -23.02 -41.94 -26.32
C SER C 495 -23.53 -42.16 -27.73
N ASN C 496 -23.82 -43.45 -27.97
CA ASN C 496 -24.80 -43.92 -28.92
C ASN C 496 -25.84 -44.71 -28.14
N ILE C 497 -26.72 -43.99 -27.44
CA ILE C 497 -28.00 -44.54 -27.03
C ILE C 497 -29.05 -43.62 -27.63
N GLU C 498 -30.31 -44.10 -27.69
CA GLU C 498 -31.47 -43.27 -27.97
C GLU C 498 -31.64 -42.36 -26.76
N ASN C 499 -31.99 -41.09 -27.01
CA ASN C 499 -32.22 -40.11 -25.95
C ASN C 499 -33.47 -39.32 -26.29
N GLN C 500 -33.95 -38.53 -25.33
CA GLN C 500 -35.07 -37.64 -25.57
C GLN C 500 -34.87 -36.38 -24.73
N ILE C 501 -35.35 -35.25 -25.27
CA ILE C 501 -35.40 -33.99 -24.54
C ILE C 501 -36.82 -33.78 -24.06
N LYS C 502 -36.98 -33.72 -22.75
CA LYS C 502 -38.28 -33.51 -22.13
C LYS C 502 -38.39 -32.05 -21.71
N PHE C 503 -39.54 -31.47 -22.03
CA PHE C 503 -39.92 -30.12 -21.69
C PHE C 503 -41.17 -30.21 -20.83
N LYS C 504 -41.18 -29.57 -19.64
CA LYS C 504 -42.32 -29.66 -18.75
C LYS C 504 -42.63 -28.32 -18.08
N ARG C 505 -43.89 -27.86 -18.18
CA ARG C 505 -44.31 -26.61 -17.57
C ARG C 505 -44.45 -26.88 -16.07
N GLU C 506 -43.84 -26.03 -15.21
CA GLU C 506 -43.80 -26.29 -13.77
C GLU C 506 -44.59 -25.22 -13.02
N GLU C 507 -45.50 -25.62 -12.14
CA GLU C 507 -46.27 -24.63 -11.40
C GLU C 507 -46.03 -24.76 -9.90
N GLY C 508 -45.17 -25.70 -9.48
CA GLY C 508 -44.88 -25.89 -8.07
C GLY C 508 -43.54 -25.27 -7.68
N ASP C 509 -42.99 -25.77 -6.57
CA ASP C 509 -41.90 -25.11 -5.85
C ASP C 509 -40.60 -24.96 -6.64
N LEU C 510 -40.51 -25.70 -7.77
CA LEU C 510 -39.32 -25.74 -8.59
C LEU C 510 -39.04 -24.37 -9.18
N ARG C 511 -40.07 -23.49 -9.13
CA ARG C 511 -40.00 -22.11 -9.59
C ARG C 511 -39.03 -21.27 -8.76
N ASN C 512 -38.80 -21.64 -7.51
CA ASN C 512 -37.79 -20.99 -6.71
C ASN C 512 -36.41 -21.10 -7.37
N LEU C 513 -36.24 -22.00 -8.37
CA LEU C 513 -34.93 -22.22 -8.97
C LEU C 513 -34.82 -21.53 -10.32
N MET C 514 -35.85 -20.74 -10.66
CA MET C 514 -35.94 -20.03 -11.91
C MET C 514 -34.62 -19.34 -12.25
N ASN C 515 -34.28 -19.51 -13.54
CA ASN C 515 -33.01 -19.43 -14.23
C ASN C 515 -31.82 -20.03 -13.47
N SER C 516 -31.88 -21.33 -13.22
CA SER C 516 -30.66 -22.09 -12.99
C SER C 516 -30.67 -23.44 -13.69
N SER C 517 -29.46 -23.94 -13.85
CA SER C 517 -29.20 -25.35 -14.02
C SER C 517 -29.08 -26.00 -12.65
N VAL C 518 -29.64 -27.20 -12.53
CA VAL C 518 -29.53 -27.98 -11.32
C VAL C 518 -28.63 -29.19 -11.60
N ASN C 519 -27.41 -29.18 -11.05
CA ASN C 519 -26.51 -30.31 -11.09
C ASN C 519 -27.08 -31.46 -10.25
N ILE C 520 -27.23 -32.64 -10.89
CA ILE C 520 -27.54 -33.84 -10.14
C ILE C 520 -26.23 -34.41 -9.60
N ILE C 521 -25.98 -34.25 -8.31
CA ILE C 521 -24.87 -34.95 -7.68
C ILE C 521 -25.34 -36.38 -7.44
N ASP C 522 -24.57 -37.40 -7.87
CA ASP C 522 -24.95 -38.77 -7.61
C ASP C 522 -23.77 -39.65 -7.15
N ASN C 523 -22.79 -39.09 -6.42
CA ASN C 523 -21.66 -39.90 -5.95
C ASN C 523 -21.38 -39.64 -4.48
N LEU C 524 -22.42 -39.24 -3.75
CA LEU C 524 -22.36 -39.10 -2.31
C LEU C 524 -22.64 -40.47 -1.69
N ASN C 525 -21.69 -41.35 -1.89
CA ASN C 525 -21.86 -42.75 -1.57
C ASN C 525 -21.36 -43.02 -0.16
N SER C 526 -20.82 -42.00 0.51
CA SER C 526 -20.21 -42.22 1.80
C SER C 526 -19.83 -40.92 2.49
N THR C 527 -19.49 -41.07 3.77
CA THR C 527 -18.71 -40.10 4.49
C THR C 527 -17.43 -39.78 3.70
N GLY C 528 -16.88 -38.57 3.87
CA GLY C 528 -15.67 -38.12 3.17
C GLY C 528 -15.82 -36.75 2.48
N ALA C 529 -14.68 -36.21 2.01
CA ALA C 529 -14.60 -34.94 1.30
C ALA C 529 -15.02 -35.12 -0.15
N HIS C 530 -15.82 -34.18 -0.66
CA HIS C 530 -16.22 -34.17 -2.06
C HIS C 530 -16.22 -32.74 -2.57
N TYR C 531 -15.85 -32.53 -3.84
CA TYR C 531 -16.04 -31.24 -4.48
C TYR C 531 -16.40 -31.42 -5.95
N TYR C 532 -16.96 -30.34 -6.53
CA TYR C 532 -17.58 -30.34 -7.85
C TYR C 532 -17.28 -28.99 -8.53
N THR C 533 -16.50 -29.05 -9.62
CA THR C 533 -16.07 -27.85 -10.29
C THR C 533 -16.98 -27.63 -11.49
N ARG C 534 -17.64 -26.46 -11.53
CA ARG C 534 -18.45 -26.06 -12.67
C ARG C 534 -18.14 -24.63 -13.10
N GLN C 535 -18.56 -24.28 -14.31
CA GLN C 535 -18.48 -22.91 -14.80
C GLN C 535 -19.29 -21.98 -13.90
N SER C 536 -18.68 -20.88 -13.44
CA SER C 536 -19.39 -20.00 -12.54
C SER C 536 -20.42 -19.20 -13.32
N PRO C 537 -21.67 -19.13 -12.84
CA PRO C 537 -22.57 -18.04 -13.23
C PRO C 537 -21.93 -16.67 -13.03
N ASP C 538 -22.43 -15.66 -13.74
CA ASP C 538 -22.02 -14.28 -13.56
C ASP C 538 -22.67 -13.78 -12.27
N VAL C 539 -22.20 -12.62 -11.78
CA VAL C 539 -22.70 -12.04 -10.55
C VAL C 539 -24.22 -11.92 -10.65
N HIS C 540 -24.91 -12.40 -9.61
CA HIS C 540 -26.35 -12.30 -9.51
C HIS C 540 -27.06 -13.36 -10.34
N ASP C 541 -26.34 -14.30 -10.98
CA ASP C 541 -26.97 -15.45 -11.64
C ASP C 541 -26.83 -16.70 -10.76
N TYR C 542 -27.56 -17.77 -11.12
CA TYR C 542 -27.73 -18.89 -10.20
C TYR C 542 -27.16 -20.20 -10.77
N ILE C 543 -26.63 -21.03 -9.87
CA ILE C 543 -26.28 -22.42 -10.15
C ILE C 543 -26.87 -23.25 -9.01
N SER C 544 -27.44 -24.41 -9.32
CA SER C 544 -28.07 -25.23 -8.29
C SER C 544 -27.48 -26.63 -8.26
N TYR C 545 -27.80 -27.36 -7.19
CA TYR C 545 -27.22 -28.64 -6.86
C TYR C 545 -28.23 -29.48 -6.11
N GLU C 546 -28.68 -30.57 -6.74
CA GLU C 546 -29.59 -31.53 -6.12
C GLU C 546 -28.73 -32.72 -5.69
N PHE C 547 -28.88 -33.13 -4.44
CA PHE C 547 -27.97 -34.11 -3.89
C PHE C 547 -28.76 -34.93 -2.87
N THR C 548 -28.39 -36.21 -2.78
CA THR C 548 -28.96 -37.17 -1.87
C THR C 548 -27.92 -37.53 -0.83
N ILE C 549 -28.30 -37.40 0.44
CA ILE C 549 -27.46 -37.78 1.58
C ILE C 549 -27.27 -39.30 1.60
N PRO C 550 -26.07 -39.84 1.88
CA PRO C 550 -25.87 -41.28 1.88
C PRO C 550 -26.49 -41.97 3.09
N GLY C 551 -26.91 -43.23 2.90
CA GLY C 551 -27.45 -44.07 3.96
C GLY C 551 -28.91 -44.37 3.67
N ASN C 552 -29.53 -45.21 4.51
CA ASN C 552 -30.96 -45.52 4.36
C ASN C 552 -31.83 -44.44 5.00
N PHE C 553 -33.00 -44.17 4.37
CA PHE C 553 -33.94 -43.18 4.85
C PHE C 553 -34.90 -43.77 5.86
N ASN C 554 -35.08 -43.06 6.99
CA ASN C 554 -36.00 -43.45 8.04
C ASN C 554 -36.47 -42.20 8.78
N ASN C 555 -36.24 -41.02 8.19
CA ASN C 555 -36.75 -39.77 8.74
C ASN C 555 -36.14 -39.46 10.12
N LYS C 556 -35.06 -40.14 10.50
CA LYS C 556 -34.48 -39.94 11.81
C LYS C 556 -32.98 -39.74 11.64
N ASP C 557 -32.35 -40.71 10.98
CA ASP C 557 -30.91 -40.70 10.81
C ASP C 557 -30.45 -39.47 10.02
N THR C 558 -29.26 -38.99 10.40
CA THR C 558 -28.65 -37.79 9.85
C THR C 558 -27.17 -38.06 9.71
N SER C 559 -26.54 -37.29 8.82
CA SER C 559 -25.11 -37.20 8.79
C SER C 559 -24.74 -35.71 8.74
N ASN C 560 -23.48 -35.38 9.04
CA ASN C 560 -23.12 -33.97 9.13
C ASN C 560 -22.56 -33.50 7.78
N ILE C 561 -23.11 -32.37 7.29
CA ILE C 561 -22.88 -31.89 5.94
C ILE C 561 -22.23 -30.50 5.95
N ARG C 562 -21.03 -30.36 5.34
CA ARG C 562 -20.35 -29.08 5.24
C ARG C 562 -20.36 -28.58 3.78
N LEU C 563 -21.11 -27.48 3.55
CA LEU C 563 -21.29 -26.86 2.24
C LEU C 563 -20.50 -25.57 2.18
N TYR C 564 -19.58 -25.46 1.20
CA TYR C 564 -18.83 -24.22 1.03
C TYR C 564 -18.32 -24.14 -0.41
N THR C 565 -18.00 -22.92 -0.87
CA THR C 565 -17.24 -22.70 -2.10
C THR C 565 -15.76 -22.37 -1.83
N SER C 566 -14.96 -22.30 -2.91
CA SER C 566 -13.51 -22.11 -2.81
C SER C 566 -13.01 -20.72 -3.21
N TYR C 567 -13.52 -20.24 -4.35
CA TYR C 567 -12.99 -19.08 -5.05
C TYR C 567 -13.98 -17.92 -5.11
N ASN C 568 -15.23 -18.22 -5.47
CA ASN C 568 -16.27 -17.19 -5.61
C ASN C 568 -17.21 -17.20 -4.40
N GLN C 569 -17.52 -16.01 -3.92
CA GLN C 569 -18.57 -15.85 -2.94
C GLN C 569 -19.91 -16.08 -3.64
N GLY C 570 -20.85 -16.63 -2.88
CA GLY C 570 -22.24 -16.64 -3.28
C GLY C 570 -23.17 -16.78 -2.06
N ILE C 571 -24.45 -16.51 -2.28
CA ILE C 571 -25.50 -16.74 -1.29
C ILE C 571 -26.25 -18.05 -1.61
N GLY C 572 -26.32 -18.93 -0.62
CA GLY C 572 -27.00 -20.20 -0.74
C GLY C 572 -28.37 -20.13 -0.07
N THR C 573 -29.34 -20.79 -0.71
CA THR C 573 -30.63 -21.14 -0.17
C THR C 573 -30.73 -22.67 -0.23
N LEU C 574 -31.09 -23.32 0.88
CA LEU C 574 -31.09 -24.76 0.97
C LEU C 574 -32.52 -25.18 1.18
N PHE C 575 -32.96 -26.13 0.37
CA PHE C 575 -34.28 -26.69 0.49
C PHE C 575 -34.21 -28.21 0.71
N ARG C 576 -35.11 -28.73 1.56
CA ARG C 576 -35.46 -30.15 1.55
C ARG C 576 -36.50 -30.38 0.46
N VAL C 577 -36.29 -31.45 -0.31
CA VAL C 577 -37.21 -31.86 -1.34
C VAL C 577 -38.08 -32.91 -0.68
N THR C 578 -39.38 -32.65 -0.59
CA THR C 578 -40.33 -33.63 -0.04
C THR C 578 -41.21 -34.09 -1.18
N GLU C 579 -41.44 -35.40 -1.29
CA GLU C 579 -42.27 -35.96 -2.39
C GLU C 579 -43.47 -36.69 -1.76
N THR C 580 -44.61 -36.00 -1.62
CA THR C 580 -45.78 -36.56 -0.91
C THR C 580 -46.90 -36.90 -1.88
N ILE C 581 -48.09 -37.17 -1.33
CA ILE C 581 -49.26 -37.58 -2.15
C ILE C 581 -49.69 -36.40 -3.01
N ASP C 582 -49.68 -35.21 -2.41
CA ASP C 582 -50.11 -33.99 -3.15
C ASP C 582 -49.08 -33.69 -4.23
N GLY C 583 -47.86 -34.21 -4.06
CA GLY C 583 -46.81 -33.99 -5.04
C GLY C 583 -45.46 -33.63 -4.44
N TYR C 584 -44.81 -32.62 -4.98
CA TYR C 584 -43.44 -32.25 -4.58
C TYR C 584 -43.42 -30.95 -3.84
N ASN C 585 -42.47 -30.80 -2.92
CA ASN C 585 -42.31 -29.49 -2.24
C ASN C 585 -40.85 -29.20 -1.90
N LEU C 586 -40.42 -27.95 -2.11
CA LEU C 586 -39.14 -27.46 -1.64
C LEU C 586 -39.36 -26.76 -0.31
N ILE C 587 -38.81 -27.34 0.74
CA ILE C 587 -38.90 -26.79 2.06
C ILE C 587 -37.62 -26.03 2.37
N ASN C 588 -37.77 -24.72 2.56
CA ASN C 588 -36.67 -23.85 2.82
C ASN C 588 -36.14 -24.16 4.22
N ILE C 589 -34.84 -24.43 4.36
CA ILE C 589 -34.28 -24.82 5.64
C ILE C 589 -33.05 -23.97 5.98
N GLN C 590 -32.49 -23.26 5.00
CA GLN C 590 -31.40 -22.37 5.30
C GLN C 590 -31.46 -21.29 4.26
N GLN C 591 -31.32 -20.01 4.69
CA GLN C 591 -31.30 -18.85 3.82
C GLN C 591 -30.09 -17.97 4.15
N ASN C 592 -29.55 -17.28 3.15
CA ASN C 592 -28.49 -16.29 3.28
C ASN C 592 -27.20 -16.94 3.79
N LEU C 593 -26.99 -18.21 3.46
CA LEU C 593 -25.75 -18.87 3.80
C LEU C 593 -24.66 -18.25 2.92
N ASN C 594 -23.55 -17.88 3.59
CA ASN C 594 -22.42 -17.24 2.96
C ASN C 594 -21.36 -18.33 2.76
N LEU C 595 -21.10 -18.68 1.49
CA LEU C 595 -20.60 -20.00 1.17
C LEU C 595 -19.07 -20.02 1.10
N LEU C 596 -18.42 -18.91 0.74
CA LEU C 596 -16.98 -18.92 0.52
C LEU C 596 -16.26 -19.30 1.80
N ASN C 597 -15.57 -20.46 1.79
CA ASN C 597 -14.84 -21.05 2.91
C ASN C 597 -15.68 -21.13 4.21
N SER C 598 -17.01 -21.14 4.08
CA SER C 598 -17.91 -21.37 5.17
C SER C 598 -17.52 -22.59 6.01
N THR C 599 -17.52 -22.39 7.32
CA THR C 599 -17.23 -23.45 8.27
C THR C 599 -18.55 -23.94 8.85
N LYS C 600 -19.70 -23.38 8.45
CA LYS C 600 -20.98 -23.90 8.92
C LYS C 600 -21.17 -25.32 8.41
N SER C 601 -21.82 -26.13 9.26
CA SER C 601 -22.14 -27.52 9.00
C SER C 601 -23.58 -27.73 9.43
N ILE C 602 -24.25 -28.70 8.79
CA ILE C 602 -25.65 -28.95 9.10
C ILE C 602 -25.86 -30.45 8.98
N ARG C 603 -26.78 -30.95 9.83
CA ARG C 603 -27.23 -32.33 9.87
C ARG C 603 -28.43 -32.50 8.96
N LEU C 604 -28.28 -33.36 7.94
CA LEU C 604 -29.32 -33.58 6.96
C LEU C 604 -29.69 -35.06 6.97
N LEU C 605 -30.95 -35.36 6.61
CA LEU C 605 -31.45 -36.70 6.80
C LEU C 605 -30.82 -37.64 5.77
N ASN C 606 -30.33 -38.79 6.25
CA ASN C 606 -29.79 -39.82 5.39
C ASN C 606 -30.83 -40.24 4.35
N GLY C 607 -30.37 -40.45 3.11
CA GLY C 607 -31.18 -40.93 2.01
C GLY C 607 -32.33 -39.98 1.63
N ALA C 608 -32.26 -38.70 2.07
CA ALA C 608 -33.21 -37.68 1.63
C ALA C 608 -32.54 -36.80 0.59
N ILE C 609 -33.37 -36.05 -0.13
CA ILE C 609 -32.94 -35.22 -1.24
C ILE C 609 -33.06 -33.75 -0.83
N TYR C 610 -31.97 -32.98 -1.02
CA TYR C 610 -31.91 -31.53 -0.84
C TYR C 610 -31.47 -30.83 -2.14
N ILE C 611 -31.76 -29.53 -2.28
CA ILE C 611 -31.30 -28.71 -3.39
C ILE C 611 -30.69 -27.43 -2.82
N LEU C 612 -29.45 -27.11 -3.25
CA LEU C 612 -28.78 -25.88 -2.88
C LEU C 612 -28.76 -24.97 -4.11
N LYS C 613 -29.43 -23.82 -3.98
CA LYS C 613 -29.41 -22.75 -4.95
C LYS C 613 -28.37 -21.71 -4.53
N VAL C 614 -27.52 -21.36 -5.48
CA VAL C 614 -26.42 -20.48 -5.19
C VAL C 614 -26.54 -19.24 -6.05
N GLU C 615 -26.57 -18.06 -5.41
CA GLU C 615 -26.44 -16.83 -6.16
C GLU C 615 -25.00 -16.35 -6.05
N VAL C 616 -24.29 -16.27 -7.17
CA VAL C 616 -22.90 -15.82 -7.17
C VAL C 616 -22.91 -14.33 -6.82
N THR C 617 -22.05 -13.90 -5.88
CA THR C 617 -21.95 -12.48 -5.56
C THR C 617 -20.56 -11.94 -5.85
N GLU C 618 -19.52 -12.79 -5.81
CA GLU C 618 -18.18 -12.30 -6.16
C GLU C 618 -17.57 -13.25 -7.19
N LEU C 619 -17.33 -12.74 -8.40
CA LEU C 619 -16.80 -13.52 -9.50
C LEU C 619 -15.28 -13.41 -9.51
N ASN C 620 -14.62 -14.20 -8.68
CA ASN C 620 -13.18 -14.11 -8.56
C ASN C 620 -12.50 -15.02 -9.58
N ASN C 621 -13.27 -16.00 -10.07
CA ASN C 621 -12.71 -17.14 -10.77
C ASN C 621 -13.77 -17.61 -11.76
N TYR C 622 -13.28 -18.10 -12.90
CA TYR C 622 -14.08 -18.58 -14.01
C TYR C 622 -14.92 -19.75 -13.54
N ASN C 623 -14.38 -20.52 -12.60
CA ASN C 623 -15.12 -21.65 -12.06
C ASN C 623 -15.66 -21.34 -10.67
N ILE C 624 -16.74 -22.06 -10.33
CA ILE C 624 -17.23 -22.13 -8.96
C ILE C 624 -17.09 -23.60 -8.52
N LYS C 625 -16.44 -23.74 -7.36
CA LYS C 625 -16.10 -25.01 -6.77
C LYS C 625 -16.90 -25.16 -5.49
N LEU C 626 -17.83 -26.12 -5.52
CA LEU C 626 -18.69 -26.46 -4.40
C LEU C 626 -18.14 -27.70 -3.72
N HIS C 627 -18.10 -27.64 -2.40
CA HIS C 627 -17.68 -28.76 -1.58
C HIS C 627 -18.86 -29.29 -0.77
N ILE C 628 -18.90 -30.63 -0.63
CA ILE C 628 -19.89 -31.32 0.17
C ILE C 628 -19.10 -32.33 1.00
N ASP C 629 -18.76 -31.93 2.24
CA ASP C 629 -17.95 -32.72 3.14
C ASP C 629 -18.86 -33.31 4.22
N ILE C 630 -18.87 -34.66 4.26
CA ILE C 630 -19.84 -35.42 5.02
C ILE C 630 -19.12 -36.20 6.11
N THR C 631 -19.59 -36.03 7.35
CA THR C 631 -19.04 -36.73 8.51
C THR C 631 -20.24 -37.32 9.24
N ASN C 632 -20.02 -38.04 10.36
CA ASN C 632 -21.09 -38.85 10.97
C ASN C 632 -21.89 -38.03 11.99
#